data_8A8C
#
_entry.id   8A8C
#
_cell.length_a   1.00
_cell.length_b   1.00
_cell.length_c   1.00
_cell.angle_alpha   90.00
_cell.angle_beta   90.00
_cell.angle_gamma   90.00
#
_symmetry.space_group_name_H-M   'P 1'
#
loop_
_entity.id
_entity.type
_entity.pdbx_description
1 polymer 'Ferrichrome outer membrane transporter/phage receptor'
2 polymer 'Receptor-binding protein pb5'
3 non-polymer '[(2R,3S,4R,5R,6R)-2-[[(2R,4R,5R,6R)-6-[(1R)-1,2-bis(oxidanyl)ethyl]-4-[(2R,4R,5R,6R)-6-[(1R)-1,2-bis(oxidanyl)ethyl]-2-carboxy-4,5-bis(oxidanyl)oxan-2-yl]oxy-2-carboxy-5-oxidanyl-oxan-2-yl]oxymethyl]-5-[[(3R)-3-dodecanoyloxytetradecanoyl]amino]-4-(3-nonanoyloxypropanoyloxy)-6-[[(2R,3S,4R,5R,6R)-3-oxidanyl-4-[(3S)-3-oxidanyltetradecanoyl]oxy-5-[[(3R)-3-oxidanyltridecanoyl]amino]-6-phosphonatooxy-oxan-2-yl]methoxy]oxan-3-yl] phosphate'
#
loop_
_entity_poly.entity_id
_entity_poly.type
_entity_poly.pdbx_seq_one_letter_code
_entity_poly.pdbx_strand_id
1 'polypeptide(L)'
;AVEPKEDTITVTAAPAPQESAWGPAATIAARQSATGTKTDTPIQKVPQSISVVTAEEMALHQPKSVKEALSYTPGVSVGT
RGASNTYDHLIIRGFAAEGQSQNNYLNGLKLQGNFYNDAVIDPYMLERAEIMRGPVSVLYGKSSPGGLLNMVSKRPTTEP
LKEVQFKAGTDSLFQTGFDFSDSLDDDGVYSYRLTGLARSANAQQKGSEEQRYAIAPAFTWRPDDKTNFTFLSYFQNEPE
TGYYGWLPKEGTVEPLPNGKRLPTDFNEGAKNNTYSRNEKMVGYSFDHEFNDTFTVRQNLRFAENKTSQNSVYGYGVCSD
PANAYSKQCAALAPADKGHYLARKYVVDDEKLQNFSVDTQLQSKFATGDIDHTLLTGVDFMRMRNDINAWFGYDDSVPLL
NLYNPVNTDFDFNAKDPANSGPYRILNKQKQTGVYVQDQAQWDKVLVTLGGRYDWADQESLNRVAGTTDKRDDKQFTWRG
GVNYLFDNGVTPYFSYSESFEPSSQVGKDGNIFAPSKGKQYEVGVKYVPEDRPIVVTGAVYNLTKTNNLMADPEGSFFSV
EGGEIRARGVEIEAKAALSASVNVVGSYTYTDAEYTTDTTYKGNTPAQVPKHMASLWADYTFFDGPLSGLTLGTGGRYTG
SSYGDPANSFKVGSYTVVDALVRYDLARVGMAGSNVALHVNNLFDREYVASCFNTYGCFWGAERQVVATATFRF
;
A
2 'polypeptide(L)'
;MSFFAGKLNNKSILSLRRGSGGDTNQHINPDSQTIFHSDMSHVIITETHSTGLRLDQGAGDYYWSEMPSRVTQLHNNDPN
RVVLTEIEFSDGSRHMLSGMSMGVGAKAYGIINPQIMSQGGLKTQITASADLSLDVGYFNTGTSGTIPQKLRDGTGCQHM
FGAFSGRRGFASSAMYLGGAALYKSAWSGSGYVVADAGTLTIPSDYVRHPGARNFGFNAIYVRGRSCNRVLYGMEGPNYT
TGGAVQGASSSGALNFTYNPSNPESPKYSVGFARADPTNYAYWESMGDPNDSANGPIGIYSEHLGIYPSKITWYVTNLVY
NGSGYNIDGGLFNGNDIKLSPREFIIKGVNVNNTSWKFINFIEKNFNVGNRADFRDVGCNLSKDSPSTGISGIATFGLPT
TESNNAPSIKGGNVGGLHANVVSIYNFLPSASWYVSSNPPKIGNNYGDVWSENLLPLRLLGGSGSTILSGNIVFQGNGSV
HVGTVGLDLNSSRNGAIVCTMEFIDDTWLSAGGIGCFNPTEMLSQGAEYGDSRFRIGGNTINKKLHQILSLPAGEYVPFF
TIKGTVVNACKLQAAAYNPTPYWVSGLPGSVGQTGYYTLTYYMRNDGNNNISIWLDSSMSNIIGMKACLPNIKLIIQRLT
HHHHHH
;
B
#
loop_
_chem_comp.id
_chem_comp.type
_chem_comp.name
_chem_comp.formula
LU9 non-polymer '[(2R,3S,4R,5R,6R)-2-[[(2R,4R,5R,6R)-6-[(1R)-1,2-bis(oxidanyl)ethyl]-4-[(2R,4R,5R,6R)-6-[(1R)-1,2-bis(oxidanyl)ethyl]-2-carboxy-4,5-bis(oxidanyl)oxan-2-yl]oxy-2-carboxy-5-oxidanyl-oxan-2-yl]oxymethyl]-5-[[(3R)-3-dodecanoyloxytetradecanoyl]amino]-4-(3-nonanoyloxypropanoyloxy)-6-[[(2R,3S,4R,5R,6R)-3-oxidanyl-4-[(3S)-3-oxidanyltetradecanoyl]oxy-5-[[(3R)-3-oxidanyltridecanoyl]amino]-6-phosphonatooxy-oxan-2-yl]methoxy]oxan-3-yl] phosphate' 'C93 H164 N2 O39 P2 -4'
#
# COMPACT_ATOMS: atom_id res chain seq x y z
N SER A 20 -31.44 -10.60 41.84
CA SER A 20 -30.42 -9.58 42.06
C SER A 20 -29.04 -10.21 42.18
N ALA A 21 -28.74 -11.15 41.27
CA ALA A 21 -27.43 -11.79 41.28
C ALA A 21 -26.33 -10.79 40.99
N TRP A 22 -26.57 -9.86 40.06
CA TRP A 22 -25.60 -8.84 39.73
C TRP A 22 -25.44 -7.79 40.82
N GLY A 23 -26.34 -7.78 41.81
CA GLY A 23 -26.26 -6.85 42.91
C GLY A 23 -24.93 -6.90 43.64
N PRO A 24 -24.64 -8.02 44.31
CA PRO A 24 -23.34 -8.16 44.97
C PRO A 24 -22.26 -8.70 44.04
N ALA A 25 -22.53 -8.67 42.73
CA ALA A 25 -21.58 -9.10 41.73
C ALA A 25 -20.91 -7.96 40.98
N ALA A 26 -21.63 -6.85 40.79
CA ALA A 26 -21.03 -5.68 40.14
C ALA A 26 -20.36 -4.74 41.14
N THR A 27 -20.63 -4.92 42.43
CA THR A 27 -20.08 -4.04 43.46
C THR A 27 -19.26 -4.76 44.52
N ILE A 28 -19.42 -6.07 44.69
CA ILE A 28 -18.68 -6.80 45.71
C ILE A 28 -17.78 -7.83 45.04
N ALA A 29 -18.37 -8.72 44.24
CA ALA A 29 -17.58 -9.71 43.52
C ALA A 29 -16.77 -9.08 42.39
N ALA A 30 -17.10 -7.86 41.99
CA ALA A 30 -16.34 -7.12 41.00
C ALA A 30 -15.20 -6.32 41.61
N ARG A 31 -15.06 -6.33 42.94
CA ARG A 31 -13.97 -5.61 43.56
C ARG A 31 -12.64 -6.34 43.40
N GLN A 32 -12.67 -7.67 43.40
CA GLN A 32 -11.45 -8.44 43.24
C GLN A 32 -11.11 -8.57 41.75
N SER A 33 -9.85 -8.31 41.42
CA SER A 33 -9.40 -8.35 40.04
C SER A 33 -7.95 -8.81 40.00
N ALA A 34 -7.59 -9.52 38.93
CA ALA A 34 -6.24 -10.04 38.76
C ALA A 34 -5.61 -9.59 37.44
N THR A 35 -6.10 -8.49 36.86
CA THR A 35 -5.53 -7.98 35.63
C THR A 35 -4.54 -6.86 35.88
N GLY A 36 -4.87 -5.95 36.79
CA GLY A 36 -4.01 -4.80 37.02
C GLY A 36 -2.65 -5.17 37.56
N THR A 37 -2.61 -6.13 38.48
CA THR A 37 -1.37 -6.50 39.15
C THR A 37 -1.03 -7.98 38.99
N LYS A 38 -1.79 -8.71 38.19
CA LYS A 38 -1.62 -10.15 37.94
C LYS A 38 -1.73 -10.97 39.22
N THR A 39 -2.12 -10.36 40.33
CA THR A 39 -2.35 -11.05 41.59
C THR A 39 -3.74 -10.69 42.09
N ASP A 40 -4.33 -11.61 42.85
CA ASP A 40 -5.70 -11.40 43.30
C ASP A 40 -5.75 -10.31 44.36
N THR A 41 -5.96 -9.07 43.93
CA THR A 41 -6.05 -7.91 44.80
C THR A 41 -7.28 -7.10 44.45
N PRO A 42 -7.88 -6.43 45.43
CA PRO A 42 -9.03 -5.58 45.12
C PRO A 42 -8.63 -4.43 44.21
N ILE A 43 -9.60 -3.93 43.45
CA ILE A 43 -9.33 -2.85 42.52
C ILE A 43 -8.84 -1.60 43.23
N GLN A 44 -9.17 -1.43 44.51
CA GLN A 44 -8.64 -0.31 45.27
C GLN A 44 -7.14 -0.41 45.44
N LYS A 45 -6.59 -1.63 45.39
CA LYS A 45 -5.16 -1.85 45.51
C LYS A 45 -4.45 -1.92 44.16
N VAL A 46 -5.17 -1.71 43.06
CA VAL A 46 -4.58 -1.62 41.73
C VAL A 46 -4.40 -0.14 41.41
N PRO A 47 -3.18 0.33 41.17
CA PRO A 47 -2.97 1.77 40.99
C PRO A 47 -3.21 2.22 39.56
N GLN A 48 -4.26 1.71 38.92
CA GLN A 48 -4.60 2.11 37.57
C GLN A 48 -6.10 1.93 37.37
N SER A 49 -6.62 2.58 36.33
CA SER A 49 -8.03 2.45 36.01
C SER A 49 -8.30 1.05 35.49
N ILE A 50 -9.00 0.24 36.28
CA ILE A 50 -9.40 -1.10 35.88
C ILE A 50 -10.88 -1.27 36.18
N SER A 51 -11.64 -1.70 35.17
CA SER A 51 -13.06 -1.99 35.31
C SER A 51 -13.28 -3.45 34.96
N VAL A 52 -14.08 -4.14 35.77
CA VAL A 52 -14.38 -5.54 35.52
C VAL A 52 -15.90 -5.68 35.46
N VAL A 53 -16.35 -6.66 34.67
CA VAL A 53 -17.76 -7.02 34.59
C VAL A 53 -17.87 -8.51 34.86
N THR A 54 -18.55 -8.86 35.95
CA THR A 54 -18.69 -10.26 36.33
C THR A 54 -19.69 -10.94 35.40
N ALA A 55 -19.69 -12.28 35.43
CA ALA A 55 -20.60 -13.04 34.57
C ALA A 55 -22.06 -12.70 34.84
N GLU A 56 -22.38 -12.22 36.05
CA GLU A 56 -23.75 -11.82 36.35
C GLU A 56 -24.16 -10.61 35.51
N GLU A 57 -23.28 -9.61 35.39
CA GLU A 57 -23.58 -8.48 34.52
C GLU A 57 -23.66 -8.91 33.06
N MET A 58 -22.80 -9.85 32.65
CA MET A 58 -22.87 -10.38 31.29
C MET A 58 -24.21 -11.04 31.03
N ALA A 59 -24.72 -11.81 32.00
CA ALA A 59 -26.03 -12.45 31.84
C ALA A 59 -27.15 -11.43 31.88
N LEU A 60 -27.02 -10.38 32.68
CA LEU A 60 -28.05 -9.36 32.77
C LEU A 60 -28.18 -8.58 31.47
N HIS A 61 -27.05 -8.09 30.94
CA HIS A 61 -27.10 -7.27 29.74
C HIS A 61 -27.17 -8.09 28.47
N GLN A 62 -26.73 -9.34 28.50
CA GLN A 62 -26.69 -10.20 27.32
C GLN A 62 -26.05 -9.52 26.12
N PRO A 63 -24.79 -9.08 26.23
CA PRO A 63 -24.16 -8.40 25.10
C PRO A 63 -23.89 -9.36 23.95
N LYS A 64 -23.85 -8.81 22.74
CA LYS A 64 -23.51 -9.62 21.58
C LYS A 64 -22.01 -9.92 21.54
N SER A 65 -21.19 -9.01 22.03
CA SER A 65 -19.75 -9.19 22.12
C SER A 65 -19.27 -8.61 23.45
N VAL A 66 -17.98 -8.75 23.72
CA VAL A 66 -17.42 -8.19 24.95
C VAL A 66 -17.47 -6.67 24.90
N LYS A 67 -17.47 -6.09 23.69
CA LYS A 67 -17.54 -4.64 23.57
C LYS A 67 -18.81 -4.10 24.20
N GLU A 68 -19.96 -4.67 23.85
CA GLU A 68 -21.20 -4.22 24.46
C GLU A 68 -21.25 -4.53 25.96
N ALA A 69 -20.50 -5.52 26.41
CA ALA A 69 -20.38 -5.75 27.85
C ALA A 69 -19.65 -4.61 28.53
N LEU A 70 -18.63 -4.07 27.86
CA LEU A 70 -17.87 -2.93 28.38
C LEU A 70 -18.51 -1.59 28.03
N SER A 71 -19.82 -1.57 27.74
CA SER A 71 -20.47 -0.32 27.37
C SER A 71 -20.48 0.67 28.52
N TYR A 72 -20.72 0.19 29.75
CA TYR A 72 -20.83 1.07 30.91
C TYR A 72 -19.54 1.12 31.73
N THR A 73 -18.39 1.05 31.07
CA THR A 73 -17.11 1.26 31.70
C THR A 73 -16.43 2.45 31.04
N PRO A 74 -15.85 3.37 31.80
CA PRO A 74 -15.25 4.56 31.20
C PRO A 74 -13.96 4.23 30.45
N GLY A 75 -13.56 5.16 29.60
CA GLY A 75 -12.27 5.08 28.93
C GLY A 75 -12.22 4.22 27.69
N VAL A 76 -13.31 3.56 27.32
CA VAL A 76 -13.33 2.66 26.18
C VAL A 76 -14.46 3.05 25.24
N SER A 77 -14.16 3.09 23.94
CA SER A 77 -15.15 3.34 22.91
C SER A 77 -15.46 1.99 22.26
N VAL A 78 -16.57 1.38 22.66
CA VAL A 78 -16.89 0.02 22.21
C VAL A 78 -17.73 -0.01 20.95
N GLY A 79 -18.39 1.10 20.59
CA GLY A 79 -19.23 1.12 19.42
C GLY A 79 -18.62 1.87 18.26
N THR A 80 -17.33 1.68 18.03
CA THR A 80 -16.66 2.37 16.94
C THR A 80 -17.00 1.77 15.58
N ARG A 81 -17.20 0.46 15.50
CA ARG A 81 -17.50 -0.19 14.24
C ARG A 81 -19.00 -0.33 13.98
N GLY A 82 -19.84 0.13 14.89
CA GLY A 82 -21.27 0.10 14.65
C GLY A 82 -21.82 -1.31 14.69
N ALA A 83 -22.67 -1.62 13.71
CA ALA A 83 -23.35 -2.92 13.66
C ALA A 83 -22.40 -4.08 13.43
N SER A 84 -21.17 -3.82 13.00
CA SER A 84 -20.21 -4.88 12.78
C SER A 84 -19.84 -5.55 14.09
N ASN A 85 -19.83 -6.88 14.10
CA ASN A 85 -19.43 -7.68 15.26
C ASN A 85 -18.28 -8.60 14.91
N THR A 86 -17.49 -8.22 13.90
CA THR A 86 -16.41 -9.08 13.42
C THR A 86 -15.30 -9.21 14.46
N TYR A 87 -14.85 -8.09 15.00
CA TYR A 87 -13.73 -8.07 15.94
C TYR A 87 -14.11 -7.29 17.18
N ASP A 88 -13.41 -7.59 18.28
CA ASP A 88 -13.56 -6.83 19.53
C ASP A 88 -12.55 -5.69 19.57
N HIS A 89 -12.67 -4.79 18.60
CA HIS A 89 -11.77 -3.65 18.48
C HIS A 89 -12.23 -2.54 19.42
N LEU A 90 -11.42 -2.23 20.42
CA LEU A 90 -11.73 -1.20 21.41
C LEU A 90 -10.71 -0.07 21.31
N ILE A 91 -11.21 1.15 21.24
CA ILE A 91 -10.35 2.34 21.29
C ILE A 91 -10.35 2.79 22.74
N ILE A 92 -9.43 2.24 23.52
CA ILE A 92 -9.34 2.53 24.95
C ILE A 92 -8.50 3.78 25.13
N ARG A 93 -9.08 4.78 25.80
CA ARG A 93 -8.40 6.06 26.07
C ARG A 93 -7.90 6.72 24.78
N GLY A 94 -8.61 6.51 23.67
CA GLY A 94 -8.22 7.09 22.42
C GLY A 94 -7.12 6.36 21.68
N PHE A 95 -6.69 5.20 22.16
CA PHE A 95 -5.59 4.46 21.55
C PHE A 95 -6.03 3.05 21.22
N ALA A 96 -5.63 2.57 20.05
CA ALA A 96 -5.82 1.19 19.63
C ALA A 96 -4.46 0.56 19.37
N ALA A 97 -4.48 -0.69 18.91
CA ALA A 97 -3.25 -1.42 18.62
C ALA A 97 -2.70 -0.98 17.27
N GLU A 98 -1.66 -1.67 16.79
CA GLU A 98 -1.03 -1.32 15.52
C GLU A 98 -1.96 -1.68 14.37
N GLY A 99 -2.39 -0.68 13.62
CA GLY A 99 -3.20 -0.90 12.44
C GLY A 99 -4.56 -1.52 12.70
N GLN A 100 -5.30 -0.96 13.65
CA GLN A 100 -6.65 -1.42 13.98
C GLN A 100 -6.65 -2.90 14.36
N SER A 101 -5.73 -3.27 15.25
CA SER A 101 -5.61 -4.64 15.71
C SER A 101 -6.19 -4.77 17.12
N GLN A 102 -6.34 -6.02 17.56
CA GLN A 102 -6.90 -6.31 18.87
C GLN A 102 -5.80 -6.38 19.92
N ASN A 103 -6.14 -5.95 21.13
CA ASN A 103 -5.27 -6.00 22.30
C ASN A 103 -5.98 -6.69 23.45
N ASN A 104 -6.59 -7.83 23.16
CA ASN A 104 -7.37 -8.57 24.13
C ASN A 104 -6.58 -9.74 24.69
N TYR A 105 -6.67 -9.94 26.00
CA TYR A 105 -6.06 -11.07 26.69
C TYR A 105 -7.16 -11.96 27.22
N LEU A 106 -6.98 -13.27 27.14
CA LEU A 106 -8.08 -14.13 27.59
C LEU A 106 -7.91 -14.57 29.03
N ASN A 107 -6.95 -15.46 29.30
CA ASN A 107 -6.63 -15.80 30.68
C ASN A 107 -5.33 -15.16 31.11
N GLY A 108 -5.27 -13.83 31.10
CA GLY A 108 -3.99 -13.17 31.25
C GLY A 108 -3.02 -13.40 30.12
N LEU A 109 -3.40 -14.17 29.11
CA LEU A 109 -2.57 -14.43 27.94
C LEU A 109 -3.20 -13.77 26.73
N LYS A 110 -2.37 -13.09 25.93
CA LYS A 110 -2.90 -12.30 24.84
C LYS A 110 -3.49 -13.16 23.74
N LEU A 111 -4.66 -12.76 23.25
CA LEU A 111 -5.22 -13.32 22.03
C LEU A 111 -4.45 -12.69 20.87
N GLN A 112 -3.21 -13.14 20.69
CA GLN A 112 -2.29 -12.52 19.76
C GLN A 112 -2.77 -12.77 18.34
N GLY A 113 -3.45 -11.79 17.76
CA GLY A 113 -3.89 -11.86 16.40
C GLY A 113 -3.11 -10.89 15.52
N ASN A 114 -3.02 -11.23 14.24
CA ASN A 114 -2.28 -10.41 13.29
C ASN A 114 -3.12 -10.20 12.05
N PHE A 115 -3.10 -8.99 11.52
CA PHE A 115 -3.76 -8.63 10.27
C PHE A 115 -5.26 -8.87 10.45
N TYR A 116 -5.94 -9.53 9.53
CA TYR A 116 -7.36 -9.82 9.71
C TYR A 116 -7.62 -11.02 10.59
N ASN A 117 -6.58 -11.75 11.00
CA ASN A 117 -6.74 -12.93 11.85
C ASN A 117 -6.68 -12.48 13.30
N ASP A 118 -7.85 -12.15 13.85
CA ASP A 118 -7.96 -11.67 15.23
C ASP A 118 -8.94 -12.55 15.98
N ALA A 119 -8.54 -12.99 17.16
CA ALA A 119 -9.35 -13.88 17.97
C ALA A 119 -10.49 -13.11 18.64
N VAL A 120 -11.67 -13.71 18.67
CA VAL A 120 -12.85 -13.13 19.29
C VAL A 120 -13.51 -14.19 20.17
N ILE A 121 -13.80 -13.84 21.42
CA ILE A 121 -14.40 -14.75 22.38
C ILE A 121 -15.80 -14.25 22.72
N ASP A 122 -16.77 -15.15 22.67
CA ASP A 122 -18.15 -14.77 22.93
C ASP A 122 -18.33 -14.39 24.39
N PRO A 123 -19.06 -13.30 24.68
CA PRO A 123 -19.27 -12.92 26.09
C PRO A 123 -20.02 -13.95 26.90
N TYR A 124 -20.88 -14.75 26.25
CA TYR A 124 -21.56 -15.84 26.95
C TYR A 124 -20.57 -16.88 27.47
N MET A 125 -19.38 -16.93 26.90
CA MET A 125 -18.43 -17.99 27.20
C MET A 125 -17.35 -17.54 28.16
N LEU A 126 -17.56 -16.40 28.83
CA LEU A 126 -16.63 -15.80 29.77
C LEU A 126 -17.30 -15.62 31.12
N GLU A 127 -16.52 -15.75 32.19
CA GLU A 127 -17.02 -15.49 33.53
C GLU A 127 -16.70 -14.09 34.03
N ARG A 128 -15.74 -13.40 33.41
CA ARG A 128 -15.36 -12.06 33.84
C ARG A 128 -14.50 -11.38 32.78
N ALA A 129 -14.85 -10.16 32.41
CA ALA A 129 -14.09 -9.38 31.45
C ALA A 129 -13.53 -8.15 32.16
N GLU A 130 -12.24 -8.20 32.48
CA GLU A 130 -11.57 -7.12 33.20
C GLU A 130 -10.82 -6.27 32.19
N ILE A 131 -11.36 -5.10 31.86
CA ILE A 131 -10.69 -4.17 30.97
C ILE A 131 -9.71 -3.34 31.79
N MET A 132 -8.45 -3.35 31.37
CA MET A 132 -7.38 -2.67 32.06
C MET A 132 -6.98 -1.45 31.24
N ARG A 133 -7.06 -0.27 31.84
CA ARG A 133 -6.88 0.98 31.12
C ARG A 133 -5.50 1.55 31.39
N GLY A 134 -4.82 1.98 30.33
CA GLY A 134 -3.51 2.57 30.44
C GLY A 134 -2.40 1.58 30.18
N PRO A 135 -1.18 2.08 30.06
CA PRO A 135 -0.02 1.19 29.87
C PRO A 135 0.11 0.16 30.98
N VAL A 136 -0.05 -1.10 30.63
CA VAL A 136 0.10 -2.20 31.59
C VAL A 136 1.07 -3.22 31.00
N SER A 137 2.00 -2.73 30.18
CA SER A 137 3.03 -3.58 29.61
C SER A 137 4.00 -4.12 30.65
N VAL A 138 3.94 -3.61 31.88
CA VAL A 138 4.78 -4.09 32.96
C VAL A 138 4.49 -5.53 33.32
N LEU A 139 3.34 -6.06 32.90
CA LEU A 139 3.00 -7.45 33.14
C LEU A 139 2.63 -8.23 31.89
N TYR A 140 2.23 -7.57 30.80
CA TYR A 140 1.64 -8.25 29.67
C TYR A 140 2.44 -8.07 28.37
N GLY A 141 3.73 -7.74 28.49
CA GLY A 141 4.53 -7.59 27.29
C GLY A 141 4.08 -6.41 26.46
N LYS A 142 4.30 -6.52 25.15
CA LYS A 142 3.88 -5.46 24.24
C LYS A 142 2.36 -5.28 24.30
N SER A 143 1.93 -4.02 24.34
CA SER A 143 0.52 -3.71 24.47
C SER A 143 0.27 -2.30 23.97
N SER A 144 -0.98 -2.03 23.61
CA SER A 144 -1.36 -0.69 23.20
C SER A 144 -1.29 0.26 24.40
N PRO A 145 -0.91 1.51 24.19
CA PRO A 145 -0.85 2.47 25.31
C PRO A 145 -2.21 2.70 25.97
N GLY A 146 -3.30 2.49 25.25
CA GLY A 146 -4.61 2.70 25.85
C GLY A 146 -4.91 1.71 26.96
N GLY A 147 -4.49 0.47 26.80
CA GLY A 147 -4.70 -0.57 27.78
C GLY A 147 -5.00 -1.88 27.11
N LEU A 148 -5.54 -2.82 27.88
CA LEU A 148 -5.91 -4.12 27.35
C LEU A 148 -7.23 -4.55 27.97
N LEU A 149 -7.77 -5.65 27.42
CA LEU A 149 -8.99 -6.27 27.93
C LEU A 149 -8.67 -7.71 28.30
N ASN A 150 -9.03 -8.11 29.52
CA ASN A 150 -8.78 -9.45 30.02
C ASN A 150 -10.13 -10.13 30.23
N MET A 151 -10.41 -11.16 29.44
CA MET A 151 -11.70 -11.85 29.46
C MET A 151 -11.49 -13.24 30.06
N VAL A 152 -11.60 -13.33 31.39
CA VAL A 152 -11.41 -14.61 32.07
C VAL A 152 -12.46 -15.61 31.62
N SER A 153 -12.02 -16.84 31.33
CA SER A 153 -12.93 -17.88 30.89
C SER A 153 -13.85 -18.32 32.02
N LYS A 154 -14.89 -19.06 31.65
CA LYS A 154 -15.81 -19.63 32.63
C LYS A 154 -15.18 -20.90 33.19
N ARG A 155 -14.47 -20.76 34.30
CA ARG A 155 -13.87 -21.90 34.95
C ARG A 155 -14.96 -22.80 35.54
N PRO A 156 -14.72 -24.11 35.59
CA PRO A 156 -15.73 -25.03 36.15
C PRO A 156 -16.06 -24.69 37.59
N THR A 157 -17.33 -24.88 37.94
CA THR A 157 -17.84 -24.64 39.28
C THR A 157 -18.13 -25.97 39.96
N THR A 158 -17.85 -26.03 41.26
CA THR A 158 -18.08 -27.27 42.00
C THR A 158 -19.56 -27.54 42.26
N GLU A 159 -20.41 -26.51 42.14
CA GLU A 159 -21.85 -26.69 42.29
C GLU A 159 -22.47 -27.08 40.97
N PRO A 160 -23.19 -28.20 40.88
CA PRO A 160 -23.74 -28.64 39.58
C PRO A 160 -24.65 -27.60 38.95
N LEU A 161 -24.22 -27.04 37.82
CA LEU A 161 -24.99 -26.05 37.07
C LEU A 161 -25.24 -26.58 35.68
N LYS A 162 -26.52 -26.65 35.29
CA LYS A 162 -26.94 -27.14 33.98
C LYS A 162 -27.84 -26.07 33.37
N GLU A 163 -27.23 -25.12 32.67
CA GLU A 163 -27.93 -23.98 32.12
C GLU A 163 -28.09 -24.14 30.62
N VAL A 164 -29.30 -23.91 30.13
CA VAL A 164 -29.59 -23.89 28.70
C VAL A 164 -30.29 -22.57 28.38
N GLN A 165 -29.76 -21.85 27.39
CA GLN A 165 -30.22 -20.51 27.05
C GLN A 165 -30.63 -20.45 25.59
N PHE A 166 -31.76 -19.80 25.33
CA PHE A 166 -32.24 -19.57 23.98
C PHE A 166 -32.43 -18.08 23.76
N LYS A 167 -31.80 -17.55 22.72
CA LYS A 167 -31.92 -16.14 22.36
C LYS A 167 -32.59 -16.05 21.00
N ALA A 168 -33.86 -15.68 20.99
CA ALA A 168 -34.60 -15.45 19.75
C ALA A 168 -34.95 -13.98 19.66
N GLY A 169 -34.54 -13.33 18.58
CA GLY A 169 -34.77 -11.90 18.45
C GLY A 169 -34.95 -11.41 17.03
N THR A 170 -34.80 -10.10 16.84
CA THR A 170 -34.93 -9.51 15.51
C THR A 170 -33.71 -9.85 14.66
N ASP A 171 -33.82 -9.51 13.37
CA ASP A 171 -32.80 -9.83 12.37
C ASP A 171 -32.54 -11.33 12.30
N SER A 172 -33.60 -12.12 12.55
CA SER A 172 -33.54 -13.58 12.47
C SER A 172 -32.42 -14.14 13.36
N LEU A 173 -32.30 -13.59 14.56
CA LEU A 173 -31.32 -14.05 15.53
C LEU A 173 -31.92 -15.21 16.31
N PHE A 174 -31.37 -16.42 16.10
CA PHE A 174 -31.79 -17.62 16.79
C PHE A 174 -30.55 -18.23 17.42
N GLN A 175 -30.21 -17.79 18.63
CA GLN A 175 -29.03 -18.28 19.33
C GLN A 175 -29.45 -19.32 20.36
N THR A 176 -28.88 -20.52 20.24
CA THR A 176 -29.07 -21.58 21.21
C THR A 176 -27.77 -21.83 21.95
N GLY A 177 -27.81 -21.76 23.27
CA GLY A 177 -26.62 -21.95 24.06
C GLY A 177 -26.89 -22.85 25.25
N PHE A 178 -25.81 -23.39 25.80
CA PHE A 178 -25.90 -24.22 27.00
C PHE A 178 -24.63 -24.05 27.80
N ASP A 179 -24.72 -24.40 29.09
CA ASP A 179 -23.59 -24.23 30.00
C ASP A 179 -23.76 -25.28 31.11
N PHE A 180 -23.00 -26.36 31.01
CA PHE A 180 -23.09 -27.46 31.95
C PHE A 180 -21.80 -27.56 32.75
N SER A 181 -21.92 -27.61 34.07
CA SER A 181 -20.76 -27.77 34.95
C SER A 181 -21.17 -28.62 36.14
N ASP A 182 -20.29 -29.52 36.56
CA ASP A 182 -20.61 -30.47 37.61
C ASP A 182 -19.29 -31.04 38.12
N SER A 183 -19.31 -31.53 39.36
CA SER A 183 -18.15 -32.13 39.98
C SER A 183 -18.19 -33.64 39.77
N LEU A 184 -17.18 -34.18 39.08
CA LEU A 184 -17.21 -35.58 38.71
C LEU A 184 -17.24 -36.50 39.93
N ASP A 185 -16.46 -36.17 40.94
CA ASP A 185 -16.40 -36.96 42.17
C ASP A 185 -17.10 -36.21 43.31
N ASP A 186 -17.35 -36.95 44.39
CA ASP A 186 -18.11 -36.40 45.52
C ASP A 186 -17.37 -35.25 46.18
N ASP A 187 -16.06 -35.37 46.36
CA ASP A 187 -15.29 -34.33 47.02
C ASP A 187 -15.02 -33.12 46.13
N GLY A 188 -15.37 -33.19 44.85
CA GLY A 188 -15.15 -32.07 43.96
C GLY A 188 -13.73 -31.91 43.46
N VAL A 189 -12.90 -32.94 43.58
CA VAL A 189 -11.54 -32.86 43.07
C VAL A 189 -11.55 -32.68 41.56
N TYR A 190 -12.38 -33.44 40.86
CA TYR A 190 -12.51 -33.36 39.41
C TYR A 190 -13.81 -32.66 39.07
N SER A 191 -13.72 -31.43 38.58
CA SER A 191 -14.89 -30.68 38.15
C SER A 191 -14.69 -30.23 36.71
N TYR A 192 -15.78 -30.18 35.97
CA TYR A 192 -15.74 -29.85 34.55
C TYR A 192 -16.77 -28.77 34.25
N ARG A 193 -16.67 -28.21 33.04
CA ARG A 193 -17.63 -27.23 32.56
C ARG A 193 -17.60 -27.24 31.04
N LEU A 194 -18.65 -27.77 30.43
CA LEU A 194 -18.75 -27.85 28.97
C LEU A 194 -19.81 -26.82 28.55
N THR A 195 -19.34 -25.63 28.20
CA THR A 195 -20.22 -24.53 27.80
C THR A 195 -20.11 -24.30 26.30
N GLY A 196 -21.25 -24.14 25.64
CA GLY A 196 -21.27 -23.97 24.20
C GLY A 196 -22.45 -23.12 23.78
N LEU A 197 -22.42 -22.72 22.51
CA LEU A 197 -23.51 -21.94 21.95
C LEU A 197 -23.52 -22.13 20.45
N ALA A 198 -24.65 -21.79 19.84
CA ALA A 198 -24.81 -21.88 18.38
C ALA A 198 -25.76 -20.77 17.96
N ARG A 199 -25.19 -19.63 17.57
CA ARG A 199 -25.97 -18.48 17.17
C ARG A 199 -26.03 -18.39 15.64
N SER A 200 -27.15 -17.88 15.14
CA SER A 200 -27.37 -17.78 13.70
C SER A 200 -28.26 -16.57 13.46
N ALA A 201 -27.65 -15.44 13.12
CA ALA A 201 -28.37 -14.19 12.95
C ALA A 201 -28.00 -13.55 11.62
N ASN A 202 -28.95 -12.85 11.03
CA ASN A 202 -28.70 -12.02 9.87
C ASN A 202 -28.19 -10.66 10.35
N ALA A 203 -27.11 -10.19 9.74
CA ALA A 203 -26.57 -8.89 10.13
C ALA A 203 -27.57 -7.78 9.77
N GLN A 204 -27.35 -6.61 10.37
CA GLN A 204 -28.22 -5.47 10.07
C GLN A 204 -28.14 -5.11 8.60
N GLN A 205 -26.94 -5.10 8.03
CA GLN A 205 -26.77 -4.86 6.61
C GLN A 205 -27.46 -5.94 5.80
N LYS A 206 -28.28 -5.53 4.84
CA LYS A 206 -29.08 -6.48 4.08
C LYS A 206 -28.18 -7.39 3.25
N GLY A 207 -28.26 -8.70 3.49
CA GLY A 207 -27.49 -9.69 2.78
C GLY A 207 -26.46 -10.40 3.64
N SER A 208 -25.88 -9.69 4.62
CA SER A 208 -24.86 -10.27 5.46
C SER A 208 -25.48 -11.09 6.58
N GLU A 209 -24.92 -12.27 6.83
CA GLU A 209 -25.37 -13.15 7.90
C GLU A 209 -24.22 -13.42 8.86
N GLU A 210 -24.56 -13.57 10.14
CA GLU A 210 -23.58 -13.81 11.20
C GLU A 210 -23.90 -15.13 11.87
N GLN A 211 -23.02 -16.11 11.73
CA GLN A 211 -23.14 -17.41 12.37
C GLN A 211 -21.95 -17.65 13.27
N ARG A 212 -22.18 -18.31 14.39
CA ARG A 212 -21.11 -18.60 15.34
C ARG A 212 -21.46 -19.86 16.11
N TYR A 213 -20.52 -20.80 16.16
CA TYR A 213 -20.69 -22.06 16.88
C TYR A 213 -19.46 -22.23 17.77
N ALA A 214 -19.59 -21.85 19.03
CA ALA A 214 -18.48 -21.87 19.97
C ALA A 214 -18.74 -22.90 21.07
N ILE A 215 -17.68 -23.62 21.44
CA ILE A 215 -17.73 -24.61 22.51
C ILE A 215 -16.45 -24.50 23.33
N ALA A 216 -16.58 -24.53 24.66
CA ALA A 216 -15.45 -24.41 25.57
C ALA A 216 -15.49 -25.52 26.61
N PRO A 217 -15.01 -26.71 26.28
CA PRO A 217 -14.88 -27.75 27.31
C PRO A 217 -13.77 -27.40 28.28
N ALA A 218 -14.10 -27.34 29.56
CA ALA A 218 -13.16 -27.00 30.61
C ALA A 218 -13.15 -28.08 31.67
N PHE A 219 -11.96 -28.43 32.14
CA PHE A 219 -11.77 -29.46 33.15
C PHE A 219 -10.87 -28.92 34.25
N THR A 220 -11.27 -29.10 35.50
CA THR A 220 -10.55 -28.58 36.64
C THR A 220 -10.16 -29.72 37.56
N TRP A 221 -8.91 -29.70 38.02
CA TRP A 221 -8.38 -30.70 38.95
C TRP A 221 -7.95 -29.98 40.22
N ARG A 222 -8.55 -30.36 41.35
CA ARG A 222 -8.28 -29.74 42.65
C ARG A 222 -7.89 -30.81 43.65
N PRO A 223 -6.60 -31.15 43.77
CA PRO A 223 -6.19 -32.10 44.81
C PRO A 223 -6.54 -31.62 46.21
N ASP A 224 -6.40 -30.32 46.45
CA ASP A 224 -6.72 -29.71 47.74
C ASP A 224 -7.14 -28.27 47.48
N ASP A 225 -7.16 -27.47 48.54
CA ASP A 225 -7.48 -26.05 48.39
C ASP A 225 -6.29 -25.22 47.96
N LYS A 226 -5.11 -25.82 47.82
CA LYS A 226 -3.92 -25.11 47.37
C LYS A 226 -3.71 -25.16 45.87
N THR A 227 -3.98 -26.29 45.22
CA THR A 227 -3.69 -26.48 43.82
C THR A 227 -4.98 -26.46 43.01
N ASN A 228 -5.00 -25.68 41.93
CA ASN A 228 -6.16 -25.59 41.05
C ASN A 228 -5.65 -25.61 39.61
N PHE A 229 -5.54 -26.80 39.04
CA PHE A 229 -5.14 -26.97 37.64
C PHE A 229 -6.41 -27.13 36.82
N THR A 230 -6.82 -26.07 36.15
CA THR A 230 -8.01 -26.08 35.30
C THR A 230 -7.57 -26.05 33.84
N PHE A 231 -8.02 -27.05 33.07
CA PHE A 231 -7.75 -27.09 31.65
C PHE A 231 -8.80 -26.27 30.91
N LEU A 232 -8.37 -25.25 30.19
CA LEU A 232 -9.28 -24.33 29.50
C LEU A 232 -9.10 -24.48 28.00
N SER A 233 -10.19 -24.81 27.31
CA SER A 233 -10.20 -24.86 25.86
C SER A 233 -11.36 -24.02 25.36
N TYR A 234 -11.26 -23.60 24.09
CA TYR A 234 -12.33 -22.81 23.48
C TYR A 234 -12.28 -23.04 21.98
N PHE A 235 -13.24 -23.78 21.46
CA PHE A 235 -13.34 -24.04 20.03
C PHE A 235 -14.54 -23.29 19.48
N GLN A 236 -14.31 -22.43 18.50
CA GLN A 236 -15.35 -21.60 17.91
C GLN A 236 -15.24 -21.66 16.40
N ASN A 237 -16.39 -21.81 15.73
CA ASN A 237 -16.45 -21.87 14.28
C ASN A 237 -17.49 -20.88 13.80
N GLU A 238 -17.07 -19.92 12.98
CA GLU A 238 -17.95 -18.91 12.41
C GLU A 238 -17.99 -19.07 10.91
N PRO A 239 -18.94 -19.81 10.36
CA PRO A 239 -19.03 -19.94 8.90
C PRO A 239 -19.23 -18.61 8.19
N GLU A 240 -19.95 -17.68 8.81
CA GLU A 240 -20.16 -16.35 8.25
C GLU A 240 -20.06 -15.36 9.40
N THR A 241 -18.97 -14.57 9.42
CA THR A 241 -18.76 -13.62 10.50
C THR A 241 -19.76 -12.47 10.45
N GLY A 242 -20.05 -11.97 9.25
CA GLY A 242 -21.01 -10.89 9.11
C GLY A 242 -20.57 -9.78 8.17
N TYR A 243 -20.82 -8.54 8.56
CA TYR A 243 -20.49 -7.37 7.75
C TYR A 243 -19.27 -6.68 8.32
N TYR A 244 -18.26 -6.45 7.49
CA TYR A 244 -17.03 -5.79 7.89
C TYR A 244 -16.61 -4.79 6.81
N GLY A 245 -17.57 -4.12 6.20
CA GLY A 245 -17.30 -3.19 5.12
C GLY A 245 -17.28 -1.75 5.60
N TRP A 246 -16.90 -0.87 4.67
CA TRP A 246 -16.83 0.56 4.91
C TRP A 246 -17.89 1.27 4.09
N LEU A 247 -18.35 2.41 4.61
CA LEU A 247 -19.32 3.24 3.92
C LEU A 247 -18.80 4.67 3.85
N PRO A 248 -19.19 5.42 2.82
CA PRO A 248 -18.68 6.78 2.69
C PRO A 248 -19.32 7.72 3.71
N LYS A 249 -18.59 8.79 4.03
CA LYS A 249 -19.19 9.87 4.81
C LYS A 249 -20.26 10.61 4.02
N GLU A 250 -20.27 10.47 2.70
CA GLU A 250 -21.25 11.11 1.83
C GLU A 250 -22.38 10.12 1.59
N GLY A 251 -23.29 10.07 2.56
CA GLY A 251 -24.40 9.14 2.52
C GLY A 251 -24.73 8.57 3.88
N THR A 252 -23.74 8.53 4.76
CA THR A 252 -23.94 8.11 6.15
C THR A 252 -23.90 9.30 7.10
N VAL A 253 -22.82 10.06 7.11
CA VAL A 253 -22.77 11.28 7.92
C VAL A 253 -23.44 12.43 7.18
N GLU A 254 -22.90 12.78 6.02
CA GLU A 254 -23.47 13.83 5.20
C GLU A 254 -24.52 13.27 4.25
N PRO A 255 -25.57 14.04 3.97
CA PRO A 255 -26.61 13.55 3.06
C PRO A 255 -26.07 13.35 1.65
N LEU A 256 -26.69 12.41 0.94
CA LEU A 256 -26.36 12.19 -0.45
C LEU A 256 -26.75 13.42 -1.27
N PRO A 257 -26.14 13.61 -2.44
CA PRO A 257 -26.42 14.81 -3.24
C PRO A 257 -27.90 15.00 -3.58
N ASN A 258 -28.71 13.94 -3.55
CA ASN A 258 -30.14 14.10 -3.72
C ASN A 258 -30.86 14.51 -2.44
N GLY A 259 -30.16 14.55 -1.31
CA GLY A 259 -30.73 14.94 -0.04
C GLY A 259 -31.03 13.80 0.90
N LYS A 260 -31.06 12.57 0.41
CA LYS A 260 -31.31 11.42 1.27
C LYS A 260 -30.01 10.90 1.86
N ARG A 261 -30.11 9.83 2.64
CA ARG A 261 -28.96 9.20 3.27
C ARG A 261 -28.98 7.72 3.00
N LEU A 262 -27.80 7.10 3.08
CA LEU A 262 -27.73 5.66 2.90
C LEU A 262 -28.51 4.97 4.01
N PRO A 263 -29.33 3.97 3.69
CA PRO A 263 -30.09 3.28 4.74
C PRO A 263 -29.16 2.58 5.72
N THR A 264 -29.63 2.45 6.96
CA THR A 264 -28.82 1.81 7.99
C THR A 264 -28.53 0.36 7.67
N ASP A 265 -29.36 -0.27 6.83
CA ASP A 265 -29.17 -1.67 6.43
C ASP A 265 -28.52 -1.78 5.07
N PHE A 266 -27.59 -0.88 4.74
CA PHE A 266 -26.95 -0.85 3.44
C PHE A 266 -25.70 -1.71 3.45
N ASN A 267 -25.67 -2.74 2.61
CA ASN A 267 -24.49 -3.57 2.40
C ASN A 267 -23.94 -3.26 1.02
N GLU A 268 -22.70 -2.77 0.97
CA GLU A 268 -22.05 -2.43 -0.28
C GLU A 268 -21.23 -3.57 -0.86
N GLY A 269 -21.21 -4.72 -0.20
CA GLY A 269 -20.43 -5.84 -0.68
C GLY A 269 -21.12 -6.57 -1.81
N ALA A 270 -20.41 -7.58 -2.33
CA ALA A 270 -20.95 -8.39 -3.40
C ALA A 270 -22.03 -9.32 -2.86
N LYS A 271 -22.77 -9.94 -3.79
CA LYS A 271 -23.80 -10.90 -3.41
C LYS A 271 -23.23 -12.17 -2.82
N ASN A 272 -21.92 -12.39 -2.95
CA ASN A 272 -21.26 -13.57 -2.40
C ASN A 272 -20.14 -13.18 -1.44
N ASN A 273 -20.36 -12.15 -0.65
CA ASN A 273 -19.41 -11.78 0.39
C ASN A 273 -19.29 -12.90 1.41
N THR A 274 -18.06 -13.27 1.74
CA THR A 274 -17.78 -14.34 2.68
C THR A 274 -16.78 -13.86 3.71
N TYR A 275 -17.01 -14.22 4.97
CA TYR A 275 -16.10 -13.87 6.06
C TYR A 275 -16.22 -14.95 7.12
N SER A 276 -15.23 -15.84 7.18
CA SER A 276 -15.24 -16.97 8.11
C SER A 276 -14.13 -16.82 9.13
N ARG A 277 -14.33 -17.46 10.28
CA ARG A 277 -13.32 -17.52 11.33
C ARG A 277 -13.43 -18.86 12.04
N ASN A 278 -12.30 -19.36 12.52
CA ASN A 278 -12.26 -20.65 13.19
C ASN A 278 -11.16 -20.60 14.24
N GLU A 279 -11.53 -20.70 15.51
CA GLU A 279 -10.58 -20.63 16.61
C GLU A 279 -10.60 -21.94 17.37
N LYS A 280 -9.41 -22.53 17.57
CA LYS A 280 -9.24 -23.76 18.35
C LYS A 280 -8.18 -23.47 19.40
N MET A 281 -8.61 -23.03 20.57
CA MET A 281 -7.71 -22.68 21.67
C MET A 281 -7.71 -23.79 22.71
N VAL A 282 -6.52 -24.25 23.07
CA VAL A 282 -6.35 -25.30 24.08
C VAL A 282 -5.27 -24.85 25.05
N GLY A 283 -5.59 -24.83 26.33
CA GLY A 283 -4.63 -24.42 27.33
C GLY A 283 -5.09 -24.76 28.71
N TYR A 284 -4.46 -24.13 29.69
CA TYR A 284 -4.84 -24.35 31.08
C TYR A 284 -4.49 -23.13 31.91
N SER A 285 -4.96 -23.14 33.16
CA SER A 285 -4.62 -22.13 34.15
C SER A 285 -4.23 -22.86 35.44
N PHE A 286 -2.94 -22.97 35.70
CA PHE A 286 -2.42 -23.77 36.80
C PHE A 286 -2.09 -22.86 37.98
N ASP A 287 -2.68 -23.16 39.13
CA ASP A 287 -2.42 -22.44 40.37
C ASP A 287 -1.98 -23.42 41.43
N HIS A 288 -0.95 -23.06 42.19
CA HIS A 288 -0.44 -23.94 43.25
C HIS A 288 0.18 -23.08 44.34
N GLU A 289 -0.29 -23.27 45.57
CA GLU A 289 0.19 -22.54 46.73
C GLU A 289 1.08 -23.47 47.55
N PHE A 290 2.39 -23.21 47.51
CA PHE A 290 3.33 -24.03 48.29
C PHE A 290 3.14 -23.77 49.78
N ASN A 291 3.34 -22.53 50.22
CA ASN A 291 3.16 -22.14 51.60
C ASN A 291 2.37 -20.83 51.63
N ASP A 292 2.32 -20.20 52.80
CA ASP A 292 1.72 -18.88 52.91
C ASP A 292 2.59 -17.79 52.32
N THR A 293 3.82 -18.11 51.91
CA THR A 293 4.74 -17.13 51.38
C THR A 293 5.25 -17.46 49.98
N PHE A 294 4.74 -18.52 49.35
CA PHE A 294 5.18 -18.89 48.01
C PHE A 294 4.03 -19.58 47.29
N THR A 295 3.44 -18.91 46.30
CA THR A 295 2.42 -19.50 45.46
C THR A 295 2.79 -19.28 44.00
N VAL A 296 2.73 -20.35 43.22
CA VAL A 296 3.12 -20.31 41.81
C VAL A 296 1.87 -20.38 40.95
N ARG A 297 1.94 -19.74 39.79
CA ARG A 297 0.86 -19.78 38.81
C ARG A 297 1.47 -20.00 37.43
N GLN A 298 0.68 -20.59 36.54
CA GLN A 298 1.13 -20.82 35.18
C GLN A 298 -0.09 -20.93 34.28
N ASN A 299 -0.18 -20.05 33.29
CA ASN A 299 -1.21 -20.10 32.27
C ASN A 299 -0.55 -20.28 30.91
N LEU A 300 -1.05 -21.22 30.13
CA LEU A 300 -0.63 -21.31 28.73
C LEU A 300 -1.86 -21.62 27.88
N ARG A 301 -1.73 -21.33 26.59
CA ARG A 301 -2.83 -21.54 25.65
C ARG A 301 -2.27 -21.53 24.25
N PHE A 302 -2.57 -22.58 23.48
CA PHE A 302 -2.24 -22.64 22.07
C PHE A 302 -3.52 -22.41 21.27
N ALA A 303 -3.53 -21.36 20.46
CA ALA A 303 -4.69 -20.99 19.66
C ALA A 303 -4.35 -21.12 18.18
N GLU A 304 -5.15 -21.88 17.45
CA GLU A 304 -4.97 -22.07 16.01
C GLU A 304 -6.15 -21.40 15.32
N ASN A 305 -5.97 -20.14 14.94
CA ASN A 305 -7.04 -19.33 14.36
C ASN A 305 -6.92 -19.33 12.84
N LYS A 306 -8.02 -19.60 12.17
CA LYS A 306 -8.10 -19.54 10.71
C LYS A 306 -9.23 -18.61 10.31
N THR A 307 -8.95 -17.69 9.41
CA THR A 307 -9.96 -16.81 8.86
C THR A 307 -9.82 -16.76 7.34
N SER A 308 -10.95 -16.83 6.65
CA SER A 308 -10.99 -16.74 5.20
C SER A 308 -12.11 -15.79 4.80
N GLN A 309 -11.75 -14.70 4.14
CA GLN A 309 -12.72 -13.66 3.81
C GLN A 309 -12.65 -13.33 2.33
N ASN A 310 -13.83 -13.14 1.74
CA ASN A 310 -14.00 -12.65 0.38
C ASN A 310 -14.92 -11.44 0.49
N SER A 311 -14.35 -10.27 0.76
CA SER A 311 -15.13 -9.08 1.06
C SER A 311 -14.88 -8.01 0.01
N VAL A 312 -15.96 -7.40 -0.47
CA VAL A 312 -15.91 -6.19 -1.28
C VAL A 312 -16.34 -5.04 -0.38
N TYR A 313 -15.41 -4.14 -0.07
CA TYR A 313 -15.68 -3.05 0.85
C TYR A 313 -15.68 -1.73 0.11
N GLY A 314 -16.60 -0.84 0.48
CA GLY A 314 -16.65 0.47 -0.12
C GLY A 314 -15.45 1.31 0.24
N TYR A 315 -15.09 2.22 -0.66
CA TYR A 315 -13.94 3.09 -0.49
C TYR A 315 -14.34 4.53 -0.76
N GLY A 316 -15.45 4.96 -0.17
CA GLY A 316 -15.94 6.30 -0.37
C GLY A 316 -16.54 6.51 -1.75
N VAL A 317 -17.37 7.53 -1.90
CA VAL A 317 -18.01 7.79 -3.18
C VAL A 317 -16.95 8.27 -4.15
N CYS A 318 -17.29 8.33 -5.44
CA CYS A 318 -16.31 8.66 -6.46
C CYS A 318 -15.81 10.09 -6.37
N SER A 319 -16.49 10.96 -5.61
CA SER A 319 -16.02 12.32 -5.39
C SER A 319 -15.02 12.41 -4.25
N ASP A 320 -14.72 11.31 -3.58
CA ASP A 320 -13.77 11.34 -2.49
C ASP A 320 -12.37 11.68 -3.00
N PRO A 321 -11.61 12.49 -2.25
CA PRO A 321 -10.21 12.72 -2.63
C PRO A 321 -9.43 11.46 -2.96
N ALA A 322 -9.63 10.37 -2.22
CA ALA A 322 -8.89 9.14 -2.47
C ALA A 322 -9.19 8.59 -3.85
N ASN A 323 -10.47 8.56 -4.23
CA ASN A 323 -10.86 8.14 -5.58
C ASN A 323 -10.85 9.35 -6.52
N ALA A 324 -9.69 10.00 -6.58
CA ALA A 324 -9.56 11.23 -7.35
C ALA A 324 -9.76 10.97 -8.84
N TYR A 325 -8.93 10.11 -9.43
CA TYR A 325 -9.02 9.83 -10.85
C TYR A 325 -9.83 8.57 -11.14
N SER A 326 -9.36 7.41 -10.66
CA SER A 326 -10.20 6.22 -10.52
C SER A 326 -11.08 5.97 -11.74
N LYS A 327 -10.49 5.58 -12.86
CA LYS A 327 -11.09 5.66 -14.20
C LYS A 327 -12.60 5.45 -14.25
N GLN A 328 -13.12 4.47 -13.52
CA GLN A 328 -14.57 4.31 -13.45
C GLN A 328 -15.23 5.58 -12.92
N CYS A 329 -14.64 6.21 -11.91
CA CYS A 329 -15.16 7.47 -11.41
C CYS A 329 -14.98 8.58 -12.44
N ALA A 330 -13.85 8.61 -13.14
CA ALA A 330 -13.59 9.66 -14.12
C ALA A 330 -14.58 9.61 -15.27
N ALA A 331 -14.93 8.41 -15.73
CA ALA A 331 -15.87 8.25 -16.83
C ALA A 331 -17.28 8.69 -16.45
N LEU A 332 -17.57 8.86 -15.18
CA LEU A 332 -18.88 9.32 -14.74
C LEU A 332 -19.06 10.81 -15.06
N ALA A 333 -20.32 11.22 -15.12
CA ALA A 333 -20.62 12.63 -15.24
C ALA A 333 -20.18 13.37 -13.97
N PRO A 334 -19.73 14.62 -14.10
CA PRO A 334 -19.26 15.34 -12.91
C PRO A 334 -20.31 15.45 -11.82
N ALA A 335 -21.59 15.53 -12.18
CA ALA A 335 -22.65 15.61 -11.17
C ALA A 335 -22.97 14.27 -10.54
N ASP A 336 -22.59 13.16 -11.17
CA ASP A 336 -22.88 11.83 -10.66
C ASP A 336 -21.69 11.19 -9.94
N LYS A 337 -20.55 11.87 -9.87
CA LYS A 337 -19.41 11.32 -9.14
C LYS A 337 -19.61 11.37 -7.63
N GLY A 338 -20.56 12.16 -7.15
CA GLY A 338 -20.79 12.31 -5.72
C GLY A 338 -21.65 11.26 -5.08
N HIS A 339 -22.18 10.30 -5.85
CA HIS A 339 -23.04 9.28 -5.28
C HIS A 339 -22.76 7.89 -5.83
N TYR A 340 -21.68 7.70 -6.57
CA TYR A 340 -21.26 6.38 -7.02
C TYR A 340 -20.16 5.90 -6.08
N LEU A 341 -20.42 4.81 -5.36
CA LEU A 341 -19.48 4.32 -4.36
C LEU A 341 -18.42 3.48 -5.03
N ALA A 342 -17.21 4.02 -5.12
CA ALA A 342 -16.07 3.24 -5.58
C ALA A 342 -15.65 2.29 -4.48
N ARG A 343 -15.53 1.01 -4.81
CA ARG A 343 -15.26 -0.01 -3.81
C ARG A 343 -13.96 -0.73 -4.14
N LYS A 344 -13.59 -1.66 -3.27
CA LYS A 344 -12.41 -2.50 -3.43
C LYS A 344 -12.72 -3.85 -2.82
N TYR A 345 -11.97 -4.87 -3.24
CA TYR A 345 -12.18 -6.21 -2.74
C TYR A 345 -10.91 -6.73 -2.08
N VAL A 346 -11.09 -7.64 -1.13
CA VAL A 346 -9.98 -8.33 -0.49
C VAL A 346 -10.32 -9.81 -0.40
N VAL A 347 -9.36 -10.66 -0.75
CA VAL A 347 -9.52 -12.10 -0.68
C VAL A 347 -8.42 -12.59 0.25
N ASP A 348 -8.79 -12.95 1.49
CA ASP A 348 -7.83 -13.25 2.53
C ASP A 348 -8.05 -14.66 3.06
N ASP A 349 -6.97 -15.35 3.38
CA ASP A 349 -7.00 -16.69 3.95
C ASP A 349 -5.79 -16.84 4.86
N GLU A 350 -6.02 -17.14 6.14
CA GLU A 350 -4.95 -17.16 7.12
C GLU A 350 -4.99 -18.44 7.94
N LYS A 351 -3.92 -18.63 8.71
CA LYS A 351 -3.83 -19.71 9.68
C LYS A 351 -2.84 -19.27 10.75
N LEU A 352 -3.36 -18.82 11.89
CA LEU A 352 -2.54 -18.25 12.94
C LEU A 352 -2.36 -19.28 14.05
N GLN A 353 -1.11 -19.64 14.34
CA GLN A 353 -0.78 -20.54 15.44
C GLN A 353 -0.13 -19.72 16.55
N ASN A 354 -0.93 -19.36 17.54
CA ASN A 354 -0.49 -18.56 18.67
C ASN A 354 -0.18 -19.47 19.85
N PHE A 355 0.92 -19.19 20.55
CA PHE A 355 1.26 -19.92 21.76
C PHE A 355 1.74 -18.92 22.80
N SER A 356 1.13 -18.96 23.98
CA SER A 356 1.45 -18.05 25.07
C SER A 356 1.67 -18.82 26.35
N VAL A 357 2.67 -18.41 27.12
CA VAL A 357 2.97 -18.97 28.43
C VAL A 357 3.23 -17.83 29.39
N ASP A 358 2.63 -17.91 30.58
CA ASP A 358 2.83 -16.88 31.61
C ASP A 358 2.95 -17.61 32.95
N THR A 359 4.19 -17.78 33.40
CA THR A 359 4.49 -18.42 34.68
C THR A 359 4.85 -17.34 35.69
N GLN A 360 4.15 -17.33 36.82
CA GLN A 360 4.35 -16.33 37.85
C GLN A 360 4.65 -17.00 39.18
N LEU A 361 5.54 -16.38 39.95
CA LEU A 361 5.87 -16.83 41.30
C LEU A 361 5.59 -15.68 42.25
N GLN A 362 4.53 -15.81 43.05
CA GLN A 362 4.09 -14.76 43.95
C GLN A 362 4.62 -15.06 45.35
N SER A 363 5.59 -14.26 45.80
CA SER A 363 6.24 -14.44 47.09
C SER A 363 5.67 -13.39 48.05
N LYS A 364 4.74 -13.83 48.91
CA LYS A 364 4.13 -12.95 49.90
C LYS A 364 4.95 -13.00 51.18
N PHE A 365 5.89 -12.07 51.31
CA PHE A 365 6.74 -11.99 52.49
C PHE A 365 6.59 -10.62 53.15
N ALA A 366 7.20 -10.47 54.31
CA ALA A 366 7.15 -9.22 55.05
C ALA A 366 8.56 -8.84 55.51
N THR A 367 8.81 -7.54 55.56
CA THR A 367 10.08 -6.97 56.01
C THR A 367 9.75 -6.00 57.14
N GLY A 368 9.66 -6.53 58.36
CA GLY A 368 9.28 -5.70 59.50
C GLY A 368 7.80 -5.39 59.51
N ASP A 369 7.46 -4.13 59.24
CA ASP A 369 6.06 -3.72 59.17
C ASP A 369 5.49 -3.84 57.77
N ILE A 370 6.32 -3.64 56.74
CA ILE A 370 5.84 -3.68 55.37
C ILE A 370 5.52 -5.13 54.98
N ASP A 371 4.46 -5.30 54.20
CA ASP A 371 4.05 -6.60 53.70
C ASP A 371 4.16 -6.60 52.18
N HIS A 372 5.13 -7.33 51.65
CA HIS A 372 5.42 -7.35 50.22
C HIS A 372 4.71 -8.52 49.55
N THR A 373 4.20 -8.28 48.35
CA THR A 373 3.69 -9.33 47.47
C THR A 373 4.54 -9.23 46.21
N LEU A 374 5.67 -9.93 46.20
CA LEU A 374 6.67 -9.82 45.15
C LEU A 374 6.33 -10.80 44.05
N LEU A 375 5.73 -10.31 42.97
CA LEU A 375 5.37 -11.15 41.83
C LEU A 375 6.52 -11.15 40.84
N THR A 376 7.24 -12.27 40.78
CA THR A 376 8.30 -12.48 39.80
C THR A 376 7.85 -13.57 38.84
N GLY A 377 7.94 -13.30 37.54
CA GLY A 377 7.44 -14.23 36.56
C GLY A 377 8.18 -14.15 35.23
N VAL A 378 7.92 -15.15 34.40
CA VAL A 378 8.47 -15.21 33.04
C VAL A 378 7.30 -15.46 32.10
N ASP A 379 7.20 -14.64 31.05
CA ASP A 379 6.12 -14.72 30.09
C ASP A 379 6.70 -14.93 28.70
N PHE A 380 6.25 -15.98 28.02
CA PHE A 380 6.67 -16.27 26.66
C PHE A 380 5.44 -16.36 25.77
N MET A 381 5.43 -15.57 24.70
CA MET A 381 4.36 -15.61 23.71
C MET A 381 4.97 -15.75 22.33
N ARG A 382 4.46 -16.69 21.56
CA ARG A 382 4.95 -16.97 20.21
C ARG A 382 3.75 -17.07 19.28
N MET A 383 3.76 -16.26 18.22
CA MET A 383 2.69 -16.28 17.22
C MET A 383 3.31 -16.43 15.84
N ARG A 384 2.77 -17.37 15.07
CA ARG A 384 3.10 -17.51 13.66
C ARG A 384 1.81 -17.37 12.87
N ASN A 385 1.80 -16.47 11.89
CA ASN A 385 0.59 -16.17 11.14
C ASN A 385 0.95 -16.11 9.66
N ASP A 386 0.62 -17.17 8.93
CA ASP A 386 0.74 -17.11 7.48
C ASP A 386 -0.49 -16.43 6.89
N ILE A 387 -0.28 -15.70 5.81
CA ILE A 387 -1.33 -14.95 5.16
C ILE A 387 -1.27 -15.23 3.67
N ASN A 388 -2.36 -15.72 3.10
CA ASN A 388 -2.50 -15.87 1.66
C ASN A 388 -3.65 -14.96 1.26
N ALA A 389 -3.34 -13.68 1.07
CA ALA A 389 -4.33 -12.66 0.81
C ALA A 389 -4.09 -12.00 -0.54
N TRP A 390 -5.18 -11.65 -1.20
CA TRP A 390 -5.11 -10.92 -2.47
C TRP A 390 -5.92 -9.65 -2.29
N PHE A 391 -5.30 -8.51 -2.57
CA PHE A 391 -5.92 -7.22 -2.34
C PHE A 391 -6.36 -6.59 -3.65
N GLY A 392 -7.60 -6.16 -3.71
CA GLY A 392 -8.10 -5.43 -4.86
C GLY A 392 -7.90 -3.95 -4.67
N TYR A 393 -7.02 -3.36 -5.47
CA TYR A 393 -6.61 -1.98 -5.28
C TYR A 393 -7.66 -1.05 -5.89
N ASP A 394 -7.31 0.21 -6.06
CA ASP A 394 -8.24 1.18 -6.65
C ASP A 394 -8.66 0.72 -8.04
N ASP A 395 -9.95 0.90 -8.34
CA ASP A 395 -10.52 0.53 -9.63
C ASP A 395 -10.39 -0.98 -9.88
N SER A 396 -10.76 -1.76 -8.87
CA SER A 396 -10.77 -3.21 -8.99
C SER A 396 -12.16 -3.81 -9.10
N VAL A 397 -13.17 -3.14 -8.55
CA VAL A 397 -14.54 -3.63 -8.63
C VAL A 397 -15.42 -2.50 -9.18
N PRO A 398 -16.53 -2.84 -9.81
CA PRO A 398 -17.41 -1.79 -10.35
C PRO A 398 -17.99 -0.92 -9.25
N LEU A 399 -18.27 0.33 -9.60
CA LEU A 399 -18.85 1.27 -8.66
C LEU A 399 -20.30 0.89 -8.34
N LEU A 400 -20.70 1.18 -7.11
CA LEU A 400 -22.07 0.95 -6.66
C LEU A 400 -22.83 2.26 -6.72
N ASN A 401 -23.90 2.29 -7.51
CA ASN A 401 -24.75 3.47 -7.62
C ASN A 401 -25.63 3.52 -6.37
N LEU A 402 -25.30 4.41 -5.44
CA LEU A 402 -25.99 4.45 -4.16
C LEU A 402 -27.48 4.75 -4.31
N TYR A 403 -27.88 5.38 -5.41
CA TYR A 403 -29.30 5.68 -5.62
C TYR A 403 -30.10 4.41 -5.86
N ASN A 404 -29.63 3.54 -6.76
CA ASN A 404 -30.25 2.26 -7.05
C ASN A 404 -29.17 1.19 -7.06
N PRO A 405 -28.69 0.78 -5.88
CA PRO A 405 -27.65 -0.23 -5.82
C PRO A 405 -28.14 -1.57 -6.36
N VAL A 406 -27.23 -2.29 -7.01
CA VAL A 406 -27.51 -3.64 -7.50
C VAL A 406 -26.45 -4.58 -6.91
N ASN A 407 -26.92 -5.63 -6.26
CA ASN A 407 -26.03 -6.63 -5.67
C ASN A 407 -25.80 -7.73 -6.69
N THR A 408 -24.54 -7.88 -7.13
CA THR A 408 -24.18 -8.85 -8.14
C THR A 408 -23.03 -9.71 -7.62
N ASP A 409 -23.00 -10.96 -8.09
CA ASP A 409 -21.98 -11.90 -7.64
C ASP A 409 -20.63 -11.53 -8.23
N PHE A 410 -19.84 -10.75 -7.49
CA PHE A 410 -18.51 -10.40 -7.93
C PHE A 410 -17.57 -11.59 -7.70
N ASP A 411 -17.05 -12.16 -8.78
CA ASP A 411 -16.12 -13.27 -8.65
C ASP A 411 -14.78 -12.76 -8.14
N PHE A 412 -14.17 -13.52 -7.23
CA PHE A 412 -12.91 -13.11 -6.64
C PHE A 412 -11.71 -13.82 -7.26
N ASN A 413 -11.94 -14.90 -8.00
CA ASN A 413 -10.85 -15.58 -8.69
C ASN A 413 -10.26 -14.76 -9.81
N ALA A 414 -11.04 -13.86 -10.41
CA ALA A 414 -10.55 -12.99 -11.49
C ALA A 414 -9.65 -11.90 -10.91
N LYS A 415 -8.49 -12.35 -10.44
CA LYS A 415 -7.52 -11.46 -9.78
C LYS A 415 -6.67 -10.79 -10.84
N ASP A 416 -7.17 -9.65 -11.31
CA ASP A 416 -6.46 -8.89 -12.34
C ASP A 416 -5.25 -8.21 -11.73
N PRO A 417 -4.03 -8.51 -12.19
CA PRO A 417 -2.85 -7.86 -11.60
C PRO A 417 -2.76 -6.38 -11.91
N ALA A 418 -3.49 -5.87 -12.90
CA ALA A 418 -3.44 -4.45 -13.21
C ALA A 418 -4.00 -3.60 -12.08
N ASN A 419 -5.11 -4.05 -11.47
CA ASN A 419 -5.74 -3.32 -10.38
C ASN A 419 -5.74 -4.09 -9.07
N SER A 420 -4.98 -5.17 -8.98
CA SER A 420 -4.93 -5.97 -7.77
C SER A 420 -3.53 -6.57 -7.64
N GLY A 421 -3.21 -7.00 -6.42
CA GLY A 421 -1.90 -7.56 -6.15
C GLY A 421 -1.91 -8.46 -4.94
N PRO A 422 -1.16 -9.56 -5.01
CA PRO A 422 -1.15 -10.51 -3.90
C PRO A 422 -0.51 -9.92 -2.66
N TYR A 423 -1.00 -10.36 -1.50
CA TYR A 423 -0.38 -10.05 -0.21
C TYR A 423 -0.21 -11.37 0.52
N ARG A 424 0.88 -12.06 0.22
CA ARG A 424 1.24 -13.30 0.88
C ARG A 424 2.41 -13.02 1.81
N ILE A 425 2.22 -13.27 3.09
CA ILE A 425 3.23 -12.94 4.10
C ILE A 425 3.09 -13.91 5.26
N LEU A 426 4.22 -14.21 5.90
CA LEU A 426 4.26 -15.08 7.07
C LEU A 426 4.76 -14.23 8.23
N ASN A 427 3.83 -13.74 9.04
CA ASN A 427 4.16 -12.87 10.16
C ASN A 427 4.49 -13.74 11.37
N LYS A 428 5.74 -13.71 11.79
CA LYS A 428 6.20 -14.40 12.99
C LYS A 428 6.44 -13.37 14.08
N GLN A 429 5.88 -13.61 15.25
CA GLN A 429 6.09 -12.73 16.40
C GLN A 429 6.40 -13.58 17.62
N LYS A 430 7.42 -13.16 18.37
CA LYS A 430 7.85 -13.85 19.57
C LYS A 430 8.16 -12.82 20.64
N GLN A 431 8.01 -13.21 21.89
CA GLN A 431 8.25 -12.27 22.99
C GLN A 431 8.46 -13.05 24.28
N THR A 432 9.61 -12.85 24.91
CA THR A 432 9.89 -13.40 26.23
C THR A 432 10.04 -12.26 27.21
N GLY A 433 9.24 -12.28 28.28
CA GLY A 433 9.25 -11.21 29.24
C GLY A 433 9.48 -11.64 30.66
N VAL A 434 10.48 -11.07 31.32
CA VAL A 434 10.77 -11.31 32.71
C VAL A 434 10.39 -10.07 33.49
N TYR A 435 9.45 -10.20 34.41
CA TYR A 435 8.94 -9.05 35.15
C TYR A 435 9.02 -9.30 36.65
N VAL A 436 9.30 -8.22 37.39
CA VAL A 436 9.28 -8.22 38.85
C VAL A 436 8.33 -7.13 39.30
N GLN A 437 7.38 -7.47 40.16
CA GLN A 437 6.42 -6.52 40.68
C GLN A 437 6.33 -6.69 42.19
N ASP A 438 6.43 -5.58 42.92
CA ASP A 438 6.42 -5.58 44.37
C ASP A 438 5.30 -4.68 44.87
N GLN A 439 4.29 -5.26 45.50
CA GLN A 439 3.18 -4.51 46.07
C GLN A 439 3.43 -4.35 47.57
N ALA A 440 4.31 -3.42 47.90
CA ALA A 440 4.69 -3.18 49.29
C ALA A 440 3.61 -2.33 49.95
N GLN A 441 2.94 -2.89 50.96
CA GLN A 441 1.89 -2.20 51.70
C GLN A 441 2.38 -1.94 53.12
N TRP A 442 2.62 -0.67 53.44
CA TRP A 442 2.97 -0.24 54.78
C TRP A 442 1.85 0.62 55.32
N ASP A 443 1.31 0.25 56.48
CA ASP A 443 0.11 0.88 57.02
C ASP A 443 -0.99 0.86 55.97
N LYS A 444 -1.15 1.97 55.25
CA LYS A 444 -2.07 2.04 54.13
C LYS A 444 -1.40 2.53 52.85
N VAL A 445 -0.09 2.75 52.85
CA VAL A 445 0.61 3.30 51.70
C VAL A 445 1.08 2.11 50.87
N LEU A 446 0.20 1.64 49.98
CA LEU A 446 0.53 0.53 49.09
C LEU A 446 1.32 1.07 47.91
N VAL A 447 2.59 0.69 47.81
CA VAL A 447 3.47 1.15 46.74
C VAL A 447 3.65 0.00 45.77
N THR A 448 2.89 0.02 44.68
CA THR A 448 2.99 -1.01 43.64
C THR A 448 4.05 -0.57 42.65
N LEU A 449 5.26 -1.09 42.82
CA LEU A 449 6.37 -0.80 41.92
C LEU A 449 6.67 -2.05 41.10
N GLY A 450 6.67 -1.90 39.78
CA GLY A 450 6.89 -3.03 38.91
C GLY A 450 7.87 -2.68 37.80
N GLY A 451 8.31 -3.73 37.11
CA GLY A 451 9.19 -3.57 35.97
C GLY A 451 9.19 -4.85 35.15
N ARG A 452 9.44 -4.69 33.86
CA ARG A 452 9.40 -5.84 32.96
C ARG A 452 10.37 -5.62 31.81
N TYR A 453 11.18 -6.64 31.52
CA TYR A 453 12.09 -6.62 30.38
C TYR A 453 11.54 -7.58 29.34
N ASP A 454 11.26 -7.06 28.15
CA ASP A 454 10.67 -7.82 27.07
C ASP A 454 11.66 -7.98 25.93
N TRP A 455 11.89 -9.21 25.51
CA TRP A 455 12.70 -9.51 24.34
C TRP A 455 11.72 -9.84 23.21
N ALA A 456 11.20 -8.81 22.56
CA ALA A 456 10.18 -8.96 21.53
C ALA A 456 10.86 -9.09 20.17
N ASP A 457 10.67 -10.25 19.54
CA ASP A 457 11.21 -10.52 18.21
C ASP A 457 10.06 -10.66 17.22
N GLN A 458 10.29 -10.17 16.00
CA GLN A 458 9.28 -10.22 14.96
C GLN A 458 9.94 -10.51 13.62
N GLU A 459 9.42 -11.50 12.91
CA GLU A 459 9.83 -11.79 11.54
C GLU A 459 8.62 -11.60 10.63
N SER A 460 8.91 -11.47 9.33
CA SER A 460 7.86 -11.31 8.33
C SER A 460 8.44 -11.72 6.99
N LEU A 461 7.93 -12.81 6.42
CA LEU A 461 8.44 -13.34 5.17
C LEU A 461 7.41 -13.09 4.08
N ASN A 462 7.69 -12.12 3.20
CA ASN A 462 6.84 -11.84 2.06
C ASN A 462 7.00 -12.95 1.05
N ARG A 463 6.04 -13.88 1.02
CA ARG A 463 6.15 -15.05 0.16
C ARG A 463 5.98 -14.73 -1.32
N VAL A 464 5.42 -13.56 -1.65
CA VAL A 464 5.32 -13.18 -3.06
C VAL A 464 6.70 -12.90 -3.64
N ALA A 465 7.51 -12.13 -2.91
CA ALA A 465 8.85 -11.80 -3.35
C ALA A 465 9.88 -12.77 -2.77
N GLY A 466 9.89 -12.94 -1.45
CA GLY A 466 10.86 -13.81 -0.81
C GLY A 466 11.65 -13.10 0.26
N THR A 467 11.49 -11.78 0.34
CA THR A 467 12.21 -11.00 1.34
C THR A 467 11.65 -11.25 2.73
N THR A 468 12.53 -11.14 3.72
CA THR A 468 12.17 -11.23 5.12
C THR A 468 12.86 -10.11 5.89
N ASP A 469 12.15 -9.54 6.85
CA ASP A 469 12.71 -8.52 7.73
C ASP A 469 12.51 -8.94 9.18
N LYS A 470 13.53 -8.72 10.00
CA LYS A 470 13.53 -9.15 11.38
C LYS A 470 13.90 -7.99 12.27
N ARG A 471 13.21 -7.84 13.39
CA ARG A 471 13.54 -6.84 14.39
C ARG A 471 13.44 -7.48 15.76
N ASP A 472 14.48 -7.33 16.56
CA ASP A 472 14.53 -7.89 17.92
C ASP A 472 14.61 -6.73 18.91
N ASP A 473 13.50 -6.46 19.58
CA ASP A 473 13.41 -5.35 20.51
C ASP A 473 13.63 -5.84 21.94
N LYS A 474 14.39 -5.06 22.71
CA LYS A 474 14.63 -5.30 24.12
C LYS A 474 14.16 -4.04 24.85
N GLN A 475 12.88 -4.00 25.21
CA GLN A 475 12.27 -2.83 25.80
C GLN A 475 11.88 -3.10 27.24
N PHE A 476 12.31 -2.22 28.14
CA PHE A 476 12.01 -2.32 29.56
C PHE A 476 10.91 -1.32 29.92
N THR A 477 9.84 -1.80 30.54
CA THR A 477 8.73 -0.97 30.95
C THR A 477 8.47 -1.17 32.44
N TRP A 478 8.15 -0.08 33.14
CA TRP A 478 7.95 -0.11 34.58
C TRP A 478 6.73 0.72 34.95
N ARG A 479 6.16 0.41 36.11
CA ARG A 479 4.99 1.11 36.61
C ARG A 479 5.14 1.30 38.11
N GLY A 480 5.14 2.55 38.55
CA GLY A 480 5.19 2.84 39.97
C GLY A 480 3.95 3.55 40.46
N GLY A 481 3.15 2.88 41.26
CA GLY A 481 1.91 3.45 41.76
C GLY A 481 1.85 3.40 43.27
N VAL A 482 1.24 4.44 43.85
CA VAL A 482 1.10 4.57 45.30
C VAL A 482 -0.37 4.79 45.61
N ASN A 483 -0.97 3.88 46.36
CA ASN A 483 -2.35 4.00 46.79
C ASN A 483 -2.40 4.14 48.30
N TYR A 484 -3.13 5.15 48.79
CA TYR A 484 -3.33 5.36 50.21
C TYR A 484 -4.74 4.90 50.56
N LEU A 485 -4.87 3.66 51.01
CA LEU A 485 -6.18 3.09 51.31
C LEU A 485 -6.73 3.67 52.61
N PHE A 486 -7.56 4.70 52.51
CA PHE A 486 -8.16 5.29 53.70
C PHE A 486 -9.14 4.30 54.34
N ASP A 487 -9.35 4.47 55.64
CA ASP A 487 -10.24 3.57 56.36
C ASP A 487 -11.68 3.69 55.89
N ASN A 488 -12.12 4.92 55.59
CA ASN A 488 -13.51 5.12 55.17
C ASN A 488 -13.81 4.44 53.84
N GLY A 489 -12.84 4.39 52.92
CA GLY A 489 -13.03 3.68 51.68
C GLY A 489 -12.41 4.32 50.46
N VAL A 490 -12.24 5.64 50.46
CA VAL A 490 -11.67 6.33 49.30
C VAL A 490 -10.16 6.14 49.31
N THR A 491 -9.62 5.61 48.20
CA THR A 491 -8.19 5.31 48.10
C THR A 491 -7.61 6.12 46.94
N PRO A 492 -7.11 7.33 47.19
CA PRO A 492 -6.42 8.06 46.14
C PRO A 492 -5.17 7.33 45.68
N TYR A 493 -4.88 7.42 44.39
CA TYR A 493 -3.73 6.75 43.84
C TYR A 493 -3.15 7.57 42.70
N PHE A 494 -1.83 7.53 42.57
CA PHE A 494 -1.13 8.07 41.42
C PHE A 494 -0.15 7.03 40.92
N SER A 495 0.01 6.94 39.60
CA SER A 495 0.89 5.94 39.04
C SER A 495 1.40 6.38 37.68
N TYR A 496 2.70 6.18 37.46
CA TYR A 496 3.30 6.32 36.15
C TYR A 496 3.61 4.93 35.63
N SER A 497 3.04 4.60 34.48
CA SER A 497 3.21 3.27 33.90
C SER A 497 3.66 3.40 32.46
N GLU A 498 4.61 2.55 32.08
CA GLU A 498 5.19 2.54 30.75
C GLU A 498 4.59 1.43 29.91
N SER A 499 4.65 1.61 28.59
CA SER A 499 4.29 0.55 27.67
C SER A 499 5.12 0.69 26.41
N PHE A 500 5.23 -0.42 25.68
CA PHE A 500 5.85 -0.43 24.36
C PHE A 500 5.07 -1.38 23.47
N GLU A 501 5.12 -1.14 22.18
CA GLU A 501 4.41 -1.96 21.21
C GLU A 501 5.15 -1.84 19.89
N PRO A 502 5.96 -2.83 19.52
CA PRO A 502 6.80 -2.70 18.33
C PRO A 502 5.98 -2.50 17.07
N SER A 503 6.50 -1.66 16.19
CA SER A 503 5.83 -1.37 14.94
C SER A 503 5.98 -2.53 13.96
N SER A 504 5.02 -2.65 13.04
CA SER A 504 5.07 -3.63 11.98
C SER A 504 5.47 -3.02 10.65
N GLN A 505 5.85 -1.75 10.64
CA GLN A 505 6.16 -1.02 9.42
C GLN A 505 7.67 -0.83 9.27
N VAL A 506 8.10 -0.64 8.03
CA VAL A 506 9.49 -0.38 7.71
C VAL A 506 9.59 0.98 7.04
N GLY A 507 10.74 1.62 7.18
CA GLY A 507 10.96 2.96 6.69
C GLY A 507 11.57 2.98 5.30
N LYS A 508 12.15 4.14 4.97
CA LYS A 508 12.82 4.29 3.68
C LYS A 508 14.01 3.34 3.54
N ASP A 509 14.60 2.90 4.65
CA ASP A 509 15.73 2.00 4.62
C ASP A 509 15.34 0.54 4.60
N GLY A 510 14.06 0.22 4.71
CA GLY A 510 13.62 -1.16 4.76
C GLY A 510 13.75 -1.82 6.11
N ASN A 511 14.05 -1.06 7.16
CA ASN A 511 14.20 -1.58 8.51
C ASN A 511 12.97 -1.24 9.34
N ILE A 512 12.54 -2.18 10.18
CA ILE A 512 11.38 -1.97 11.02
C ILE A 512 11.67 -0.89 12.05
N PHE A 513 10.64 -0.11 12.37
CA PHE A 513 10.81 1.03 13.26
C PHE A 513 10.99 0.58 14.72
N ALA A 514 11.40 1.53 15.55
CA ALA A 514 11.47 1.30 16.98
C ALA A 514 10.07 1.22 17.56
N PRO A 515 9.91 0.52 18.71
CA PRO A 515 8.58 0.39 19.30
C PRO A 515 7.99 1.75 19.68
N SER A 516 6.67 1.86 19.52
CA SER A 516 5.95 3.08 19.87
C SER A 516 5.66 3.07 21.35
N LYS A 517 6.61 3.56 22.14
CA LYS A 517 6.50 3.54 23.59
C LYS A 517 5.36 4.44 24.06
N GLY A 518 4.75 4.04 25.18
CA GLY A 518 3.64 4.79 25.74
C GLY A 518 3.81 5.08 27.21
N LYS A 519 3.76 6.36 27.58
CA LYS A 519 3.92 6.80 28.95
C LYS A 519 2.60 7.37 29.46
N GLN A 520 2.31 7.16 30.73
CA GLN A 520 1.07 7.66 31.32
C GLN A 520 1.30 8.07 32.76
N TYR A 521 0.79 9.24 33.13
CA TYR A 521 0.78 9.70 34.52
C TYR A 521 -0.69 9.81 34.93
N GLU A 522 -1.16 8.86 35.72
CA GLU A 522 -2.57 8.77 36.06
C GLU A 522 -2.76 9.03 37.55
N VAL A 523 -3.65 9.96 37.87
CA VAL A 523 -4.02 10.28 39.24
C VAL A 523 -5.52 10.12 39.38
N GLY A 524 -5.96 9.49 40.46
CA GLY A 524 -7.38 9.29 40.64
C GLY A 524 -7.67 8.69 42.01
N VAL A 525 -8.95 8.53 42.29
CA VAL A 525 -9.42 7.91 43.52
C VAL A 525 -10.35 6.76 43.16
N LYS A 526 -10.47 5.81 44.08
CA LYS A 526 -11.35 4.65 43.93
C LYS A 526 -12.11 4.50 45.23
N TYR A 527 -13.29 5.10 45.31
CA TYR A 527 -14.11 4.95 46.51
C TYR A 527 -14.69 3.55 46.57
N VAL A 528 -14.01 2.64 47.27
CA VAL A 528 -14.44 1.26 47.38
C VAL A 528 -14.56 0.92 48.86
N PRO A 529 -15.62 1.35 49.54
CA PRO A 529 -15.77 1.02 50.95
C PRO A 529 -16.02 -0.47 51.15
N GLU A 530 -15.59 -0.97 52.30
CA GLU A 530 -15.75 -2.39 52.60
C GLU A 530 -17.14 -2.71 53.15
N ASP A 531 -18.00 -1.71 53.35
CA ASP A 531 -19.34 -1.92 53.85
C ASP A 531 -20.42 -1.59 52.82
N ARG A 532 -20.39 -0.38 52.23
CA ARG A 532 -21.39 -0.06 51.21
C ARG A 532 -21.04 -0.71 49.89
N PRO A 533 -22.03 -1.09 49.09
CA PRO A 533 -21.79 -1.69 47.77
C PRO A 533 -21.68 -0.65 46.66
N ILE A 534 -20.66 0.21 46.77
CA ILE A 534 -20.43 1.28 45.80
C ILE A 534 -18.96 1.26 45.40
N VAL A 535 -18.70 1.30 44.10
CA VAL A 535 -17.36 1.10 43.57
C VAL A 535 -17.00 2.34 42.74
N VAL A 536 -17.46 3.51 43.20
CA VAL A 536 -17.19 4.76 42.49
C VAL A 536 -15.69 4.91 42.29
N THR A 537 -15.30 5.26 41.05
CA THR A 537 -13.90 5.34 40.66
C THR A 537 -13.68 6.59 39.80
N GLY A 538 -12.60 7.31 40.07
CA GLY A 538 -12.21 8.42 39.24
C GLY A 538 -10.75 8.32 38.85
N ALA A 539 -10.40 9.04 37.77
CA ALA A 539 -9.03 8.98 37.26
C ALA A 539 -8.80 10.15 36.31
N VAL A 540 -7.63 10.78 36.44
CA VAL A 540 -7.18 11.83 35.53
C VAL A 540 -5.79 11.45 35.05
N TYR A 541 -5.63 11.24 33.75
CA TYR A 541 -4.39 10.69 33.21
C TYR A 541 -3.83 11.61 32.13
N ASN A 542 -2.53 11.46 31.89
CA ASN A 542 -1.82 12.13 30.80
C ASN A 542 -1.08 11.02 30.05
N LEU A 543 -1.78 10.38 29.12
CA LEU A 543 -1.24 9.23 28.41
C LEU A 543 -0.71 9.69 27.05
N THR A 544 0.57 9.45 26.82
CA THR A 544 1.23 9.86 25.58
C THR A 544 1.84 8.64 24.92
N LYS A 545 1.65 8.53 23.60
CA LYS A 545 2.24 7.46 22.81
C LYS A 545 3.36 8.07 21.97
N THR A 546 4.58 7.99 22.48
CA THR A 546 5.72 8.52 21.75
C THR A 546 6.14 7.54 20.66
N ASN A 547 7.01 8.00 19.77
CA ASN A 547 7.56 7.20 18.69
C ASN A 547 6.46 6.67 17.77
N ASN A 548 5.36 7.41 17.65
CA ASN A 548 4.31 7.05 16.72
C ASN A 548 4.77 7.28 15.29
N LEU A 549 4.14 6.57 14.36
CA LEU A 549 4.52 6.61 12.95
C LEU A 549 3.66 7.63 12.22
N MET A 550 4.32 8.61 11.58
CA MET A 550 3.66 9.67 10.86
C MET A 550 4.12 9.65 9.40
N ALA A 551 3.48 10.49 8.59
CA ALA A 551 3.87 10.61 7.20
C ALA A 551 5.26 11.24 7.10
N ASP A 552 5.97 10.92 6.02
CA ASP A 552 7.32 11.42 5.84
C ASP A 552 7.32 12.94 5.68
N PRO A 553 8.12 13.67 6.45
CA PRO A 553 8.22 15.13 6.23
C PRO A 553 8.57 15.49 4.80
N GLU A 554 9.46 14.73 4.17
CA GLU A 554 9.84 14.95 2.79
C GLU A 554 8.76 14.38 1.88
N GLY A 555 9.01 14.37 0.58
CA GLY A 555 8.00 13.93 -0.36
C GLY A 555 8.02 12.44 -0.65
N SER A 556 7.83 11.62 0.39
CA SER A 556 7.68 10.19 0.22
C SER A 556 6.50 9.74 1.07
N PHE A 557 5.95 8.58 0.72
CA PHE A 557 4.75 8.07 1.36
C PHE A 557 5.06 7.02 2.41
N PHE A 558 6.33 6.84 2.77
CA PHE A 558 6.71 5.94 3.83
C PHE A 558 6.29 6.52 5.19
N SER A 559 6.60 5.79 6.25
CA SER A 559 6.37 6.25 7.60
C SER A 559 7.69 6.67 8.24
N VAL A 560 7.59 7.42 9.33
CA VAL A 560 8.75 7.88 10.07
C VAL A 560 8.43 7.84 11.56
N GLU A 561 9.49 7.72 12.36
CA GLU A 561 9.35 7.78 13.81
C GLU A 561 9.20 9.24 14.22
N GLY A 562 9.14 9.49 15.53
CA GLY A 562 9.04 10.84 16.04
C GLY A 562 7.64 11.33 16.31
N GLY A 563 6.62 10.68 15.75
CA GLY A 563 5.26 11.09 16.03
C GLY A 563 4.87 10.78 17.47
N GLU A 564 3.92 11.56 17.97
CA GLU A 564 3.49 11.42 19.35
C GLU A 564 2.02 11.81 19.47
N ILE A 565 1.23 10.92 20.05
CA ILE A 565 -0.17 11.17 20.34
C ILE A 565 -0.34 11.23 21.85
N ARG A 566 -0.81 12.36 22.35
CA ARG A 566 -0.99 12.58 23.78
C ARG A 566 -2.47 12.71 24.08
N ALA A 567 -2.93 12.02 25.10
CA ALA A 567 -4.36 12.00 25.47
C ALA A 567 -4.48 12.24 26.97
N ARG A 568 -4.92 13.44 27.34
CA ARG A 568 -5.30 13.74 28.71
C ARG A 568 -6.79 13.53 28.87
N GLY A 569 -7.18 12.77 29.89
CA GLY A 569 -8.57 12.43 30.06
C GLY A 569 -8.97 12.39 31.52
N VAL A 570 -10.27 12.43 31.74
CA VAL A 570 -10.88 12.29 33.06
C VAL A 570 -11.98 11.25 32.95
N GLU A 571 -11.89 10.19 33.75
CA GLU A 571 -12.85 9.10 33.72
C GLU A 571 -13.46 8.92 35.10
N ILE A 572 -14.79 8.87 35.15
CA ILE A 572 -15.53 8.63 36.37
C ILE A 572 -16.42 7.43 36.16
N GLU A 573 -16.29 6.43 37.03
CA GLU A 573 -17.13 5.24 37.01
C GLU A 573 -17.88 5.15 38.32
N ALA A 574 -19.12 4.70 38.26
CA ALA A 574 -19.96 4.60 39.45
C ALA A 574 -20.79 3.32 39.36
N LYS A 575 -20.39 2.30 40.12
CA LYS A 575 -21.15 1.07 40.26
C LYS A 575 -21.63 1.01 41.71
N ALA A 576 -22.93 1.23 41.92
CA ALA A 576 -23.46 1.33 43.28
C ALA A 576 -24.84 0.71 43.32
N ALA A 577 -25.02 -0.24 44.23
CA ALA A 577 -26.34 -0.78 44.52
C ALA A 577 -27.05 0.10 45.53
N LEU A 578 -27.82 1.08 45.04
CA LEU A 578 -28.43 2.06 45.93
C LEU A 578 -29.37 1.40 46.93
N SER A 579 -30.20 0.47 46.45
CA SER A 579 -31.08 -0.28 47.34
C SER A 579 -30.99 -1.76 47.02
N ALA A 580 -31.84 -2.58 47.68
CA ALA A 580 -31.85 -4.00 47.37
C ALA A 580 -32.33 -4.27 45.96
N SER A 581 -33.05 -3.32 45.36
CA SER A 581 -33.58 -3.46 44.02
C SER A 581 -32.79 -2.66 42.98
N VAL A 582 -32.60 -1.36 43.23
CA VAL A 582 -31.94 -0.51 42.25
C VAL A 582 -30.46 -0.86 42.16
N ASN A 583 -29.91 -0.72 40.96
CA ASN A 583 -28.49 -1.01 40.71
C ASN A 583 -28.03 -0.07 39.59
N VAL A 584 -27.40 1.02 39.98
CA VAL A 584 -26.91 2.02 39.03
C VAL A 584 -25.46 1.72 38.71
N VAL A 585 -25.16 1.52 37.43
CA VAL A 585 -23.80 1.28 36.95
C VAL A 585 -23.57 2.29 35.82
N GLY A 586 -23.01 3.44 36.17
CA GLY A 586 -22.76 4.50 35.22
C GLY A 586 -21.28 4.69 34.94
N SER A 587 -21.01 5.68 34.08
CA SER A 587 -19.64 6.03 33.73
C SER A 587 -19.64 7.37 33.02
N TYR A 588 -18.45 7.96 32.92
CA TYR A 588 -18.25 9.18 32.16
C TYR A 588 -16.79 9.22 31.72
N THR A 589 -16.55 9.77 30.53
CA THR A 589 -15.20 9.79 29.96
C THR A 589 -15.02 11.06 29.15
N TYR A 590 -14.13 11.93 29.62
CA TYR A 590 -13.65 13.05 28.83
C TYR A 590 -12.28 12.67 28.29
N THR A 591 -12.10 12.72 26.97
CA THR A 591 -10.87 12.27 26.33
C THR A 591 -10.37 13.39 25.41
N ASP A 592 -9.30 14.06 25.83
CA ASP A 592 -8.68 15.10 25.00
C ASP A 592 -7.45 14.53 24.30
N ALA A 593 -7.72 13.61 23.37
CA ALA A 593 -6.66 13.02 22.56
C ALA A 593 -6.23 14.00 21.48
N GLU A 594 -4.94 14.00 21.16
CA GLU A 594 -4.40 14.97 20.22
C GLU A 594 -3.04 14.50 19.74
N TYR A 595 -2.77 14.71 18.44
CA TYR A 595 -1.45 14.47 17.87
C TYR A 595 -0.53 15.60 18.32
N THR A 596 0.22 15.39 19.39
CA THR A 596 1.12 16.42 19.87
C THR A 596 2.22 16.71 18.85
N THR A 597 2.80 15.66 18.27
CA THR A 597 3.84 15.79 17.26
C THR A 597 3.48 14.96 16.05
N ASP A 598 3.31 15.62 14.91
CA ASP A 598 3.02 14.93 13.66
C ASP A 598 3.37 15.85 12.51
N THR A 599 3.48 15.27 11.31
CA THR A 599 3.79 16.05 10.13
C THR A 599 2.53 16.57 9.44
N THR A 600 1.51 15.72 9.32
CA THR A 600 0.27 16.10 8.65
C THR A 600 -0.92 16.28 9.59
N TYR A 601 -0.84 15.78 10.82
CA TYR A 601 -1.97 15.85 11.75
C TYR A 601 -1.60 16.56 13.04
N LYS A 602 -0.53 17.37 13.05
CA LYS A 602 -0.12 18.03 14.28
C LYS A 602 -1.22 18.93 14.80
N GLY A 603 -1.64 18.70 16.04
CA GLY A 603 -2.74 19.42 16.63
C GLY A 603 -4.10 18.81 16.42
N ASN A 604 -4.23 17.88 15.47
CA ASN A 604 -5.51 17.26 15.18
C ASN A 604 -5.84 16.20 16.22
N THR A 605 -7.14 15.98 16.41
CA THR A 605 -7.65 14.94 17.29
C THR A 605 -7.81 13.64 16.51
N PRO A 606 -7.39 12.49 17.07
CA PRO A 606 -7.51 11.23 16.33
C PRO A 606 -8.96 10.91 15.98
N ALA A 607 -9.14 10.23 14.86
CA ALA A 607 -10.46 9.84 14.41
C ALA A 607 -11.05 8.78 15.33
N GLN A 608 -12.39 8.71 15.34
CA GLN A 608 -13.16 7.75 16.14
C GLN A 608 -12.91 7.92 17.63
N VAL A 609 -12.44 9.08 18.07
CA VAL A 609 -12.20 9.36 19.48
C VAL A 609 -13.13 10.49 19.90
N PRO A 610 -14.26 10.16 20.52
CA PRO A 610 -15.16 11.21 21.00
C PRO A 610 -14.61 11.87 22.25
N LYS A 611 -14.75 13.20 22.31
CA LYS A 611 -14.22 13.94 23.45
C LYS A 611 -14.93 13.54 24.73
N HIS A 612 -16.25 13.45 24.70
CA HIS A 612 -17.05 13.12 25.87
C HIS A 612 -17.81 11.82 25.64
N MET A 613 -17.63 10.88 26.55
CA MET A 613 -18.40 9.64 26.55
C MET A 613 -19.05 9.49 27.92
N ALA A 614 -20.35 9.19 27.92
CA ALA A 614 -21.07 8.99 29.16
C ALA A 614 -22.02 7.81 29.01
N SER A 615 -22.31 7.15 30.12
CA SER A 615 -23.25 6.04 30.12
C SER A 615 -23.86 5.93 31.51
N LEU A 616 -25.07 5.39 31.56
CA LEU A 616 -25.80 5.27 32.82
C LEU A 616 -26.76 4.10 32.70
N TRP A 617 -26.56 3.08 33.52
CA TRP A 617 -27.41 1.89 33.53
C TRP A 617 -28.06 1.76 34.89
N ALA A 618 -29.40 1.83 34.92
CA ALA A 618 -30.16 1.68 36.15
C ALA A 618 -31.21 0.61 35.94
N ASP A 619 -31.23 -0.40 36.80
CA ASP A 619 -32.19 -1.48 36.73
C ASP A 619 -32.87 -1.64 38.08
N TYR A 620 -34.20 -1.74 38.06
CA TYR A 620 -35.01 -1.93 39.25
C TYR A 620 -35.56 -3.34 39.24
N THR A 621 -35.28 -4.10 40.29
CA THR A 621 -35.69 -5.50 40.40
C THR A 621 -36.83 -5.61 41.40
N PHE A 622 -38.03 -5.88 40.90
CA PHE A 622 -39.18 -6.03 41.78
C PHE A 622 -39.04 -7.28 42.63
N PHE A 623 -39.35 -7.16 43.92
CA PHE A 623 -39.27 -8.27 44.86
C PHE A 623 -40.54 -8.51 45.64
N ASP A 624 -41.37 -7.48 45.83
CA ASP A 624 -42.61 -7.60 46.59
C ASP A 624 -43.77 -7.11 45.73
N GLY A 625 -44.89 -7.81 45.81
CA GLY A 625 -46.08 -7.42 45.09
C GLY A 625 -46.43 -8.37 43.97
N PRO A 626 -47.47 -8.04 43.20
CA PRO A 626 -47.88 -8.92 42.09
C PRO A 626 -46.83 -9.05 41.00
N LEU A 627 -45.91 -8.09 40.89
CA LEU A 627 -44.92 -8.09 39.82
C LEU A 627 -43.55 -8.58 40.30
N SER A 628 -43.51 -9.39 41.35
CA SER A 628 -42.26 -9.88 41.92
C SER A 628 -41.46 -10.69 40.91
N GLY A 629 -40.28 -10.19 40.53
CA GLY A 629 -39.43 -10.91 39.61
C GLY A 629 -38.91 -10.06 38.46
N LEU A 630 -39.66 -9.01 38.10
CA LEU A 630 -39.27 -8.18 36.98
C LEU A 630 -37.97 -7.45 37.26
N THR A 631 -37.24 -7.13 36.19
CA THR A 631 -35.97 -6.42 36.25
C THR A 631 -35.93 -5.32 35.20
N LEU A 632 -36.94 -4.46 35.19
CA LEU A 632 -37.00 -3.40 34.20
C LEU A 632 -35.80 -2.46 34.34
N GLY A 633 -34.85 -2.57 33.42
CA GLY A 633 -33.66 -1.74 33.47
C GLY A 633 -33.43 -0.99 32.18
N THR A 634 -33.32 0.34 32.27
CA THR A 634 -33.10 1.19 31.11
C THR A 634 -31.73 1.85 31.24
N GLY A 635 -30.91 1.67 30.23
CA GLY A 635 -29.58 2.26 30.20
C GLY A 635 -29.34 3.05 28.94
N GLY A 636 -28.72 4.21 29.10
CA GLY A 636 -28.45 5.06 27.96
C GLY A 636 -26.99 5.44 27.81
N ARG A 637 -26.35 4.97 26.75
CA ARG A 637 -24.96 5.26 26.48
C ARG A 637 -24.86 6.45 25.54
N TYR A 638 -24.12 7.47 25.96
CA TYR A 638 -23.92 8.67 25.16
C TYR A 638 -22.50 8.71 24.65
N THR A 639 -22.34 8.99 23.37
CA THR A 639 -21.03 9.16 22.75
C THR A 639 -20.97 10.53 22.11
N GLY A 640 -19.99 11.33 22.50
CA GLY A 640 -19.88 12.68 22.00
C GLY A 640 -19.42 12.72 20.56
N SER A 641 -19.38 13.94 20.02
CA SER A 641 -18.99 14.11 18.63
C SER A 641 -17.52 13.74 18.46
N SER A 642 -17.25 12.93 17.44
CA SER A 642 -15.90 12.44 17.16
C SER A 642 -15.51 12.83 15.74
N TYR A 643 -14.25 13.19 15.56
CA TYR A 643 -13.77 13.56 14.25
C TYR A 643 -13.74 12.35 13.33
N GLY A 644 -14.19 12.56 12.09
CA GLY A 644 -14.33 11.45 11.15
C GLY A 644 -13.07 11.02 10.44
N ASP A 645 -12.01 11.82 10.52
CA ASP A 645 -10.75 11.46 9.88
C ASP A 645 -9.62 12.12 10.66
N PRO A 646 -8.40 11.59 10.56
CA PRO A 646 -7.28 12.24 11.25
C PRO A 646 -7.04 13.68 10.80
N ALA A 647 -7.36 13.99 9.54
CA ALA A 647 -7.28 15.37 9.06
C ALA A 647 -8.34 16.28 9.66
N ASN A 648 -9.32 15.71 10.36
CA ASN A 648 -10.37 16.48 11.03
C ASN A 648 -11.17 17.31 10.03
N SER A 649 -11.46 16.72 8.87
CA SER A 649 -12.27 17.40 7.86
C SER A 649 -13.73 17.46 8.24
N PHE A 650 -14.23 16.45 8.95
CA PHE A 650 -15.62 16.41 9.36
C PHE A 650 -15.73 15.68 10.69
N LYS A 651 -16.85 15.90 11.37
CA LYS A 651 -17.08 15.35 12.70
C LYS A 651 -18.32 14.47 12.68
N VAL A 652 -18.18 13.25 13.19
CA VAL A 652 -19.33 12.37 13.36
C VAL A 652 -20.20 12.91 14.49
N GLY A 653 -21.51 12.94 14.26
CA GLY A 653 -22.41 13.51 15.25
C GLY A 653 -22.47 12.68 16.52
N SER A 654 -22.84 13.37 17.61
CA SER A 654 -23.01 12.70 18.89
C SER A 654 -24.36 12.02 18.96
N TYR A 655 -24.40 10.84 19.57
CA TYR A 655 -25.63 10.06 19.64
C TYR A 655 -25.81 9.51 21.04
N THR A 656 -27.07 9.29 21.41
CA THR A 656 -27.45 8.74 22.71
C THR A 656 -28.31 7.51 22.46
N VAL A 657 -27.72 6.33 22.57
CA VAL A 657 -28.45 5.08 22.38
C VAL A 657 -28.98 4.62 23.73
N VAL A 658 -30.22 4.17 23.74
CA VAL A 658 -30.90 3.74 24.96
C VAL A 658 -31.22 2.26 24.84
N ASP A 659 -30.74 1.48 25.79
CA ASP A 659 -30.98 0.04 25.83
C ASP A 659 -31.88 -0.27 27.02
N ALA A 660 -32.96 -1.00 26.76
CA ALA A 660 -33.88 -1.42 27.80
C ALA A 660 -33.68 -2.90 28.10
N LEU A 661 -34.40 -3.38 29.10
CA LEU A 661 -34.31 -4.78 29.50
C LEU A 661 -35.52 -5.11 30.37
N VAL A 662 -36.28 -6.11 29.98
CA VAL A 662 -37.42 -6.59 30.75
C VAL A 662 -37.15 -8.06 31.04
N ARG A 663 -36.54 -8.33 32.19
CA ARG A 663 -36.20 -9.69 32.59
C ARG A 663 -37.06 -10.11 33.77
N TYR A 664 -37.64 -11.30 33.69
CA TYR A 664 -38.49 -11.84 34.74
C TYR A 664 -38.07 -13.27 35.00
N ASP A 665 -37.48 -13.52 36.17
CA ASP A 665 -37.08 -14.87 36.52
C ASP A 665 -38.30 -15.75 36.72
N LEU A 666 -38.12 -17.05 36.49
CA LEU A 666 -39.21 -18.02 36.57
C LEU A 666 -39.24 -18.76 37.90
N ALA A 667 -38.53 -18.27 38.91
CA ALA A 667 -38.60 -18.89 40.23
C ALA A 667 -40.00 -18.79 40.80
N ARG A 668 -40.69 -17.67 40.55
CA ARG A 668 -42.08 -17.55 40.97
C ARG A 668 -42.97 -18.55 40.26
N VAL A 669 -42.72 -18.79 38.96
CA VAL A 669 -43.48 -19.80 38.23
C VAL A 669 -43.17 -21.19 38.76
N GLY A 670 -41.93 -21.42 39.17
CA GLY A 670 -41.55 -22.72 39.70
C GLY A 670 -40.16 -23.16 39.28
N MET A 671 -39.72 -22.74 38.10
CA MET A 671 -38.37 -23.07 37.61
C MET A 671 -37.39 -22.08 38.23
N ALA A 672 -36.78 -22.46 39.34
CA ALA A 672 -35.85 -21.57 40.03
C ALA A 672 -34.59 -21.36 39.18
N GLY A 673 -34.13 -20.11 39.12
CA GLY A 673 -32.97 -19.74 38.35
C GLY A 673 -33.27 -19.34 36.91
N SER A 674 -34.27 -19.99 36.31
CA SER A 674 -34.64 -19.68 34.94
C SER A 674 -35.22 -18.28 34.84
N ASN A 675 -34.84 -17.55 33.78
CA ASN A 675 -35.33 -16.21 33.55
C ASN A 675 -35.63 -16.03 32.07
N VAL A 676 -36.74 -15.36 31.78
CA VAL A 676 -37.12 -14.99 30.43
C VAL A 676 -36.97 -13.48 30.30
N ALA A 677 -36.07 -13.05 29.43
CA ALA A 677 -35.71 -11.64 29.31
C ALA A 677 -36.09 -11.11 27.93
N LEU A 678 -36.00 -9.79 27.79
CA LEU A 678 -36.27 -9.13 26.52
C LEU A 678 -35.40 -7.89 26.46
N HIS A 679 -34.25 -8.01 25.80
CA HIS A 679 -33.29 -6.91 25.69
C HIS A 679 -33.55 -6.16 24.40
N VAL A 680 -33.77 -4.85 24.52
CA VAL A 680 -33.99 -4.00 23.36
C VAL A 680 -32.83 -3.02 23.22
N ASN A 681 -31.81 -3.41 22.46
CA ASN A 681 -30.68 -2.51 22.22
C ASN A 681 -31.10 -1.38 21.29
N ASN A 682 -30.68 -0.16 21.60
CA ASN A 682 -31.07 1.03 20.88
C ASN A 682 -32.60 1.15 20.82
N LEU A 683 -33.18 1.32 22.01
CA LEU A 683 -34.63 1.24 22.16
C LEU A 683 -35.37 2.21 21.24
N PHE A 684 -34.78 3.36 20.95
CA PHE A 684 -35.45 4.37 20.13
C PHE A 684 -35.16 4.23 18.64
N ASP A 685 -34.43 3.19 18.24
CA ASP A 685 -34.12 2.91 16.84
C ASP A 685 -33.50 4.13 16.17
N ARG A 686 -32.56 4.75 16.87
CA ARG A 686 -31.91 5.94 16.33
C ARG A 686 -30.97 5.55 15.20
N GLU A 687 -31.12 6.23 14.07
CA GLU A 687 -30.26 6.00 12.91
C GLU A 687 -29.04 6.91 13.07
N TYR A 688 -27.93 6.33 13.52
CA TYR A 688 -26.73 7.09 13.85
C TYR A 688 -25.51 6.42 13.23
N VAL A 689 -24.59 7.25 12.73
CA VAL A 689 -23.30 6.75 12.29
C VAL A 689 -22.40 6.61 13.51
N ALA A 690 -21.91 5.39 13.73
CA ALA A 690 -21.17 5.10 14.96
C ALA A 690 -19.84 5.83 14.99
N SER A 691 -19.06 5.72 13.91
CA SER A 691 -17.75 6.36 13.85
C SER A 691 -17.24 6.27 12.42
N CYS A 692 -16.22 7.07 12.12
CA CYS A 692 -15.53 7.03 10.85
C CYS A 692 -14.05 7.20 11.09
N PHE A 693 -13.24 6.32 10.52
CA PHE A 693 -11.80 6.47 10.59
C PHE A 693 -11.23 7.28 9.44
N ASN A 694 -12.05 7.58 8.43
CA ASN A 694 -11.67 8.40 7.29
C ASN A 694 -12.93 8.76 6.53
N THR A 695 -12.78 9.65 5.55
CA THR A 695 -13.94 10.06 4.76
C THR A 695 -14.54 8.91 3.97
N TYR A 696 -13.77 7.87 3.69
CA TYR A 696 -14.26 6.74 2.90
C TYR A 696 -14.79 5.60 3.76
N GLY A 697 -14.36 5.51 5.02
CA GLY A 697 -14.83 4.44 5.87
C GLY A 697 -15.70 4.93 7.02
N CYS A 698 -16.99 4.67 6.93
CA CYS A 698 -17.94 5.02 7.97
C CYS A 698 -18.80 3.81 8.29
N PHE A 699 -19.23 3.70 9.55
CA PHE A 699 -19.95 2.54 10.04
C PHE A 699 -21.28 2.99 10.63
N TRP A 700 -22.37 2.48 10.09
CA TRP A 700 -23.69 2.76 10.63
C TRP A 700 -23.85 2.10 11.99
N GLY A 701 -24.59 2.76 12.87
CA GLY A 701 -24.87 2.18 14.17
C GLY A 701 -25.94 1.11 14.11
N ALA A 702 -25.92 0.24 15.11
CA ALA A 702 -26.89 -0.84 15.18
C ALA A 702 -28.29 -0.28 15.42
N GLU A 703 -29.26 -0.79 14.66
CA GLU A 703 -30.64 -0.36 14.81
C GLU A 703 -31.25 -1.00 16.06
N ARG A 704 -32.52 -0.70 16.30
CA ARG A 704 -33.23 -1.32 17.40
C ARG A 704 -33.26 -2.84 17.23
N GLN A 705 -32.94 -3.55 18.29
CA GLN A 705 -32.85 -5.02 18.24
C GLN A 705 -33.43 -5.57 19.53
N VAL A 706 -34.55 -6.26 19.43
CA VAL A 706 -35.11 -6.97 20.57
C VAL A 706 -34.56 -8.39 20.56
N VAL A 707 -34.28 -8.92 21.74
CA VAL A 707 -33.71 -10.26 21.89
C VAL A 707 -34.41 -10.93 23.07
N ALA A 708 -35.29 -11.87 22.79
CA ALA A 708 -36.01 -12.59 23.83
C ALA A 708 -35.15 -13.74 24.32
N THR A 709 -34.52 -13.57 25.47
CA THR A 709 -33.61 -14.56 26.04
C THR A 709 -34.34 -15.34 27.13
N ALA A 710 -34.17 -16.66 27.12
CA ALA A 710 -34.76 -17.53 28.13
C ALA A 710 -33.70 -18.55 28.56
N THR A 711 -33.00 -18.25 29.65
CA THR A 711 -31.94 -19.12 30.16
C THR A 711 -32.54 -20.04 31.21
N PHE A 712 -32.64 -21.32 30.90
CA PHE A 712 -33.22 -22.32 31.80
C PHE A 712 -32.12 -23.05 32.54
N ARG A 713 -32.24 -23.11 33.86
CA ARG A 713 -31.33 -23.89 34.70
C ARG A 713 -31.88 -25.30 34.89
N PHE A 714 -32.07 -25.99 33.77
CA PHE A 714 -32.64 -27.33 33.76
C PHE A 714 -31.75 -28.33 34.49
N SER B 41 17.34 14.67 -65.25
CA SER B 41 17.23 14.85 -63.81
C SER B 41 17.93 13.73 -63.06
N HIS B 42 19.24 13.86 -62.89
CA HIS B 42 20.04 12.87 -62.20
C HIS B 42 20.40 13.36 -60.79
N VAL B 43 20.63 12.39 -59.90
CA VAL B 43 21.00 12.70 -58.51
C VAL B 43 22.50 12.96 -58.48
N ILE B 44 22.88 14.22 -58.30
CA ILE B 44 24.28 14.62 -58.23
C ILE B 44 24.52 15.41 -56.96
N ILE B 45 25.77 15.46 -56.54
CA ILE B 45 26.19 16.21 -55.36
C ILE B 45 26.78 17.53 -55.83
N THR B 46 26.10 18.63 -55.52
CA THR B 46 26.55 19.93 -55.99
C THR B 46 27.67 20.48 -55.11
N GLU B 47 27.53 20.38 -53.79
CA GLU B 47 28.49 20.93 -52.85
C GLU B 47 28.94 19.86 -51.88
N THR B 48 30.20 19.93 -51.47
CA THR B 48 30.77 18.99 -50.50
C THR B 48 31.63 19.76 -49.52
N HIS B 49 31.18 19.83 -48.26
CA HIS B 49 31.89 20.57 -47.21
C HIS B 49 32.41 19.57 -46.19
N SER B 50 33.72 19.58 -45.97
CA SER B 50 34.37 18.70 -45.03
C SER B 50 34.94 19.49 -43.87
N THR B 51 35.10 18.83 -42.73
CA THR B 51 35.68 19.45 -41.55
C THR B 51 36.29 18.37 -40.67
N GLY B 52 37.21 18.79 -39.81
CA GLY B 52 37.77 17.92 -38.80
C GLY B 52 36.76 17.68 -37.69
N LEU B 53 37.23 16.99 -36.65
CA LEU B 53 36.39 16.67 -35.50
C LEU B 53 37.20 16.93 -34.24
N ARG B 54 36.95 18.07 -33.61
CA ARG B 54 37.71 18.48 -32.43
C ARG B 54 37.21 17.74 -31.20
N LEU B 55 38.04 17.76 -30.15
CA LEU B 55 37.71 17.12 -28.88
C LEU B 55 37.90 18.07 -27.70
N ASP B 56 38.01 19.37 -27.96
CA ASP B 56 38.25 20.34 -26.90
C ASP B 56 36.93 20.65 -26.19
N GLN B 57 36.98 21.62 -25.27
CA GLN B 57 35.83 22.01 -24.45
C GLN B 57 35.26 20.81 -23.69
N GLY B 58 36.15 19.98 -23.17
CA GLY B 58 35.75 18.87 -22.31
C GLY B 58 34.84 17.87 -22.97
N ALA B 59 35.02 17.63 -24.27
CA ALA B 59 34.18 16.65 -24.97
C ALA B 59 34.47 15.24 -24.50
N GLY B 60 35.75 14.88 -24.40
CA GLY B 60 36.15 13.56 -23.96
C GLY B 60 35.97 12.51 -25.03
N ASP B 61 34.71 12.19 -25.36
CA ASP B 61 34.39 11.21 -26.39
C ASP B 61 33.51 11.76 -27.50
N TYR B 62 32.91 12.94 -27.31
CA TYR B 62 32.02 13.53 -28.31
C TYR B 62 32.87 14.29 -29.32
N TYR B 63 33.27 13.60 -30.39
CA TYR B 63 34.02 14.26 -31.45
C TYR B 63 33.10 15.24 -32.16
N TRP B 64 33.30 16.53 -31.88
CA TRP B 64 32.39 17.58 -32.33
C TRP B 64 33.14 18.56 -33.22
N SER B 65 32.36 19.33 -33.98
CA SER B 65 32.90 20.41 -34.80
C SER B 65 31.74 21.28 -35.26
N GLU B 66 31.98 22.59 -35.33
CA GLU B 66 30.96 23.49 -35.86
C GLU B 66 30.75 23.19 -37.35
N MET B 67 29.50 23.05 -37.74
CA MET B 67 29.20 22.81 -39.14
C MET B 67 29.52 24.06 -39.96
N PRO B 68 29.90 23.90 -41.22
CA PRO B 68 30.11 25.06 -42.09
C PRO B 68 28.82 25.85 -42.24
N SER B 69 28.98 27.17 -42.45
CA SER B 69 27.83 28.05 -42.53
C SER B 69 26.84 27.58 -43.59
N ARG B 70 27.35 27.12 -44.74
CA ARG B 70 26.47 26.56 -45.76
C ARG B 70 25.75 25.32 -45.25
N VAL B 71 26.47 24.43 -44.55
CA VAL B 71 25.85 23.23 -44.01
C VAL B 71 24.84 23.58 -42.93
N THR B 72 25.17 24.57 -42.10
CA THR B 72 24.22 25.00 -41.08
C THR B 72 22.94 25.54 -41.72
N GLN B 73 23.07 26.33 -42.78
CA GLN B 73 21.90 26.85 -43.47
C GLN B 73 21.08 25.72 -44.10
N LEU B 74 21.75 24.76 -44.74
CA LEU B 74 21.03 23.66 -45.37
C LEU B 74 20.45 22.67 -44.37
N HIS B 75 20.94 22.66 -43.13
CA HIS B 75 20.38 21.78 -42.13
C HIS B 75 19.26 22.43 -41.32
N ASN B 76 19.30 23.75 -41.16
CA ASN B 76 18.29 24.46 -40.39
C ASN B 76 17.36 25.30 -41.25
N ASN B 77 17.91 26.17 -42.10
CA ASN B 77 17.08 27.09 -42.89
C ASN B 77 16.60 26.49 -44.20
N ASP B 78 17.12 25.34 -44.61
CA ASP B 78 16.65 24.63 -45.80
C ASP B 78 16.49 23.15 -45.47
N PRO B 79 15.55 22.81 -44.59
CA PRO B 79 15.41 21.40 -44.17
C PRO B 79 15.14 20.45 -45.31
N ASN B 80 14.38 20.88 -46.31
CA ASN B 80 13.88 19.99 -47.36
C ASN B 80 14.92 19.63 -48.40
N ARG B 81 16.19 19.92 -48.16
CA ARG B 81 17.26 19.58 -49.08
C ARG B 81 18.00 18.35 -48.57
N VAL B 82 18.10 17.33 -49.41
CA VAL B 82 18.70 16.05 -49.02
C VAL B 82 20.22 16.22 -49.08
N VAL B 83 20.84 16.38 -47.91
CA VAL B 83 22.30 16.43 -47.78
C VAL B 83 22.74 15.19 -47.03
N LEU B 84 23.73 14.49 -47.59
CA LEU B 84 24.23 13.25 -47.01
C LEU B 84 25.46 13.53 -46.17
N THR B 85 25.43 13.08 -44.93
CA THR B 85 26.57 13.26 -44.02
C THR B 85 27.41 11.99 -44.00
N GLU B 86 28.71 12.14 -44.23
CA GLU B 86 29.64 11.03 -44.26
C GLU B 86 30.69 11.21 -43.18
N ILE B 87 30.85 10.20 -42.34
CA ILE B 87 31.81 10.25 -41.24
C ILE B 87 33.06 9.47 -41.67
N GLU B 88 34.21 10.11 -41.59
CA GLU B 88 35.49 9.47 -41.86
C GLU B 88 36.22 9.27 -40.55
N PHE B 89 36.70 8.05 -40.31
CA PHE B 89 37.28 7.67 -39.04
C PHE B 89 38.80 7.69 -39.12
N SER B 90 39.44 7.46 -37.97
CA SER B 90 40.90 7.49 -37.90
C SER B 90 41.53 6.29 -38.62
N ASP B 91 40.77 5.23 -38.85
CA ASP B 91 41.25 4.06 -39.56
C ASP B 91 41.08 4.19 -41.07
N GLY B 92 40.56 5.33 -41.55
CA GLY B 92 40.21 5.49 -42.94
C GLY B 92 38.80 5.06 -43.27
N SER B 93 38.06 4.54 -42.30
CA SER B 93 36.70 4.07 -42.55
C SER B 93 35.78 5.23 -42.88
N ARG B 94 34.89 5.02 -43.84
CA ARG B 94 33.92 6.01 -44.26
C ARG B 94 32.52 5.45 -44.10
N HIS B 95 31.64 6.21 -43.45
CA HIS B 95 30.27 5.79 -43.25
C HIS B 95 29.33 6.96 -43.47
N MET B 96 28.18 6.67 -44.09
CA MET B 96 27.14 7.65 -44.31
C MET B 96 26.03 7.45 -43.30
N LEU B 97 25.57 8.55 -42.68
CA LEU B 97 24.45 8.46 -41.75
C LEU B 97 23.21 7.95 -42.47
N SER B 98 22.55 6.96 -41.87
CA SER B 98 21.38 6.36 -42.48
C SER B 98 20.53 5.76 -41.36
N GLY B 99 19.42 6.39 -41.06
CA GLY B 99 18.51 5.84 -40.06
C GLY B 99 18.74 6.43 -38.68
N MET B 100 17.67 6.46 -37.90
CA MET B 100 17.72 6.96 -36.55
C MET B 100 18.20 5.88 -35.58
N SER B 101 18.43 6.29 -34.34
CA SER B 101 18.74 5.38 -33.25
C SER B 101 18.22 5.98 -31.96
N MET B 102 18.07 5.14 -30.95
CA MET B 102 17.49 5.58 -29.69
C MET B 102 18.15 4.82 -28.54
N GLY B 103 18.01 5.37 -27.35
CA GLY B 103 18.50 4.71 -26.15
C GLY B 103 17.70 5.12 -24.93
N VAL B 104 17.17 4.17 -24.18
CA VAL B 104 16.34 4.49 -23.02
C VAL B 104 17.00 3.94 -21.77
N GLY B 105 16.66 4.55 -20.64
CA GLY B 105 17.18 4.17 -19.35
C GLY B 105 16.08 3.98 -18.32
N ALA B 106 14.97 3.39 -18.75
CA ALA B 106 13.78 3.32 -17.93
C ALA B 106 14.04 2.57 -16.62
N LYS B 107 13.33 3.01 -15.58
CA LYS B 107 13.45 2.39 -14.26
C LYS B 107 12.12 2.62 -13.54
N ALA B 108 11.41 1.53 -13.24
CA ALA B 108 10.08 1.61 -12.65
C ALA B 108 10.00 0.75 -11.40
N TYR B 109 9.17 1.17 -10.44
CA TYR B 109 8.89 0.35 -9.28
C TYR B 109 7.45 0.59 -8.85
N GLY B 110 6.91 -0.39 -8.13
CA GLY B 110 5.52 -0.36 -7.71
C GLY B 110 5.27 -0.81 -6.29
N ILE B 111 6.17 -0.50 -5.36
CA ILE B 111 6.05 -1.00 -3.99
C ILE B 111 4.71 -0.59 -3.40
N ILE B 112 4.15 -1.48 -2.59
CA ILE B 112 2.86 -1.22 -1.95
C ILE B 112 2.71 -2.06 -0.69
N ASN B 113 2.29 -1.44 0.41
CA ASN B 113 1.82 -2.17 1.58
C ASN B 113 0.32 -1.94 1.70
N PRO B 114 -0.51 -2.99 1.63
CA PRO B 114 -1.96 -2.77 1.53
C PRO B 114 -2.58 -2.09 2.74
N GLN B 115 -1.85 -1.98 3.85
CA GLN B 115 -2.37 -1.30 5.02
C GLN B 115 -1.83 0.10 5.23
N ILE B 116 -0.71 0.46 4.60
CA ILE B 116 0.02 1.66 5.00
C ILE B 116 0.04 2.68 3.88
N MET B 117 0.61 2.31 2.74
CA MET B 117 0.82 3.27 1.67
C MET B 117 0.92 2.54 0.34
N SER B 118 1.38 3.26 -0.68
CA SER B 118 1.63 2.75 -2.01
C SER B 118 2.47 3.78 -2.74
N GLN B 119 3.52 3.35 -3.45
CA GLN B 119 4.42 4.28 -4.09
C GLN B 119 4.77 3.79 -5.49
N GLY B 120 4.93 4.76 -6.40
CA GLY B 120 5.34 4.45 -7.75
C GLY B 120 6.40 5.42 -8.22
N GLY B 121 7.03 5.07 -9.33
CA GLY B 121 8.08 5.89 -9.90
C GLY B 121 8.53 5.38 -11.25
N LEU B 122 8.74 6.27 -12.20
CA LEU B 122 9.13 5.90 -13.57
C LEU B 122 10.11 6.95 -14.06
N LYS B 123 11.40 6.61 -14.11
CA LYS B 123 12.42 7.52 -14.59
C LYS B 123 13.00 6.96 -15.88
N THR B 124 12.65 7.57 -17.00
CA THR B 124 13.16 7.19 -18.31
C THR B 124 14.22 8.19 -18.74
N GLN B 125 15.07 7.78 -19.69
CA GLN B 125 16.12 8.66 -20.23
C GLN B 125 16.29 8.32 -21.71
N ILE B 126 15.61 9.06 -22.57
CA ILE B 126 15.63 8.82 -24.01
C ILE B 126 16.71 9.68 -24.63
N THR B 127 17.72 9.03 -25.19
CA THR B 127 18.76 9.70 -25.97
C THR B 127 18.73 9.13 -27.38
N ALA B 128 18.74 10.02 -28.38
CA ALA B 128 18.59 9.62 -29.76
C ALA B 128 19.73 10.20 -30.59
N SER B 129 20.01 9.52 -31.71
CA SER B 129 21.09 9.92 -32.60
C SER B 129 20.60 9.88 -34.03
N ALA B 130 21.33 10.59 -34.91
CA ALA B 130 20.97 10.70 -36.31
C ALA B 130 21.55 9.58 -37.17
N ASP B 131 22.25 8.62 -36.56
CA ASP B 131 22.79 7.48 -37.28
C ASP B 131 22.33 6.21 -36.58
N LEU B 132 22.24 5.13 -37.35
CA LEU B 132 21.66 3.88 -36.86
C LEU B 132 22.44 3.33 -35.67
N SER B 133 23.76 3.35 -35.76
CA SER B 133 24.60 2.82 -34.69
C SER B 133 25.63 3.80 -34.15
N LEU B 134 25.92 4.88 -34.87
CA LEU B 134 26.75 5.94 -34.32
C LEU B 134 25.92 6.85 -33.43
N ASP B 135 26.60 7.66 -32.62
CA ASP B 135 25.96 8.69 -31.82
C ASP B 135 26.23 10.02 -32.51
N VAL B 136 25.39 10.35 -33.48
CA VAL B 136 25.51 11.59 -34.24
C VAL B 136 24.36 12.51 -33.83
N GLY B 137 24.70 13.74 -33.47
CA GLY B 137 23.70 14.71 -33.09
C GLY B 137 24.21 16.12 -33.31
N TYR B 138 23.29 17.06 -33.24
CA TYR B 138 23.58 18.46 -33.51
C TYR B 138 23.27 19.29 -32.28
N PHE B 139 24.08 20.33 -32.06
CA PHE B 139 23.93 21.19 -30.90
C PHE B 139 24.38 22.60 -31.25
N ASN B 140 23.94 23.55 -30.45
CA ASN B 140 24.25 24.97 -30.64
C ASN B 140 25.46 25.32 -29.79
N THR B 141 26.51 25.85 -30.43
CA THR B 141 27.71 26.25 -29.70
C THR B 141 27.47 27.44 -28.78
N GLY B 142 26.37 28.16 -28.94
CA GLY B 142 26.07 29.29 -28.09
C GLY B 142 25.75 28.91 -26.66
N THR B 143 25.33 27.67 -26.43
CA THR B 143 25.04 27.22 -25.08
C THR B 143 26.32 27.15 -24.26
N SER B 144 26.24 27.63 -23.02
CA SER B 144 27.41 27.68 -22.14
C SER B 144 27.66 26.32 -21.51
N GLY B 145 28.94 25.98 -21.41
CA GLY B 145 29.36 24.73 -20.79
C GLY B 145 30.24 23.91 -21.72
N THR B 146 30.63 22.75 -21.22
CA THR B 146 31.44 21.83 -22.01
C THR B 146 30.59 21.24 -23.15
N ILE B 147 31.27 20.50 -24.03
CA ILE B 147 30.58 19.94 -25.20
C ILE B 147 29.45 19.00 -24.80
N PRO B 148 29.63 18.05 -23.87
CA PRO B 148 28.46 17.31 -23.38
C PRO B 148 27.42 18.22 -22.75
N GLN B 149 27.85 19.25 -22.02
CA GLN B 149 26.91 20.20 -21.45
C GLN B 149 26.20 21.01 -22.52
N LYS B 150 26.89 21.32 -23.62
CA LYS B 150 26.26 22.01 -24.73
C LYS B 150 25.13 21.17 -25.33
N LEU B 151 25.20 19.86 -25.18
CA LEU B 151 24.16 18.98 -25.72
C LEU B 151 22.84 19.09 -24.97
N ARG B 152 22.83 19.78 -23.82
CA ARG B 152 21.58 19.92 -23.08
C ARG B 152 20.50 20.64 -23.88
N ASP B 153 20.91 21.49 -24.83
CA ASP B 153 19.98 22.20 -25.69
C ASP B 153 20.08 21.75 -27.14
N GLY B 154 20.74 20.62 -27.38
CA GLY B 154 20.83 20.04 -28.72
C GLY B 154 20.29 18.62 -28.72
N THR B 155 20.36 18.00 -29.89
CA THR B 155 19.94 16.60 -29.98
C THR B 155 20.97 15.72 -29.29
N GLY B 156 20.64 14.43 -29.20
CA GLY B 156 21.47 13.53 -28.42
C GLY B 156 21.49 13.88 -26.95
N CYS B 157 20.41 14.46 -26.44
CA CYS B 157 20.28 14.87 -25.06
C CYS B 157 19.32 13.93 -24.36
N GLN B 158 19.69 13.47 -23.17
CA GLN B 158 18.86 12.48 -22.49
C GLN B 158 17.57 13.14 -22.04
N HIS B 159 16.51 12.96 -22.82
CA HIS B 159 15.21 13.50 -22.45
C HIS B 159 14.65 12.67 -21.31
N MET B 160 14.88 13.09 -20.08
CA MET B 160 14.44 12.31 -18.94
C MET B 160 12.99 12.62 -18.63
N PHE B 161 12.22 11.57 -18.34
CA PHE B 161 10.83 11.70 -17.93
C PHE B 161 10.64 11.00 -16.61
N GLY B 162 10.00 11.68 -15.68
CA GLY B 162 9.80 11.15 -14.34
C GLY B 162 8.36 11.26 -13.91
N ALA B 163 7.94 10.28 -13.10
CA ALA B 163 6.58 10.26 -12.59
C ALA B 163 6.60 9.56 -11.23
N PHE B 164 6.66 10.35 -10.17
CA PHE B 164 6.64 9.84 -8.80
C PHE B 164 5.24 10.04 -8.23
N SER B 165 4.58 8.95 -7.87
CA SER B 165 3.21 8.98 -7.40
C SER B 165 3.08 8.13 -6.15
N GLY B 166 1.95 8.27 -5.47
CA GLY B 166 1.68 7.45 -4.31
C GLY B 166 0.56 8.02 -3.48
N ARG B 167 0.26 7.29 -2.40
CA ARG B 167 -0.79 7.65 -1.46
C ARG B 167 -0.62 6.81 -0.21
N ARG B 168 -0.97 7.39 0.94
CA ARG B 168 -0.99 6.66 2.21
C ARG B 168 -2.44 6.29 2.50
N GLY B 169 -2.84 5.12 2.04
CA GLY B 169 -4.20 4.65 2.23
C GLY B 169 -4.23 3.14 2.23
N PHE B 170 -5.42 2.59 2.42
CA PHE B 170 -5.61 1.15 2.45
C PHE B 170 -5.84 0.63 1.03
N ALA B 171 -5.01 -0.33 0.63
CA ALA B 171 -5.11 -0.96 -0.69
C ALA B 171 -5.12 0.08 -1.81
N SER B 172 -4.23 1.06 -1.68
CA SER B 172 -4.12 2.10 -2.68
C SER B 172 -3.25 1.64 -3.83
N SER B 173 -3.68 1.94 -5.05
CA SER B 173 -2.90 1.64 -6.25
C SER B 173 -2.27 2.89 -6.85
N ALA B 174 -1.99 3.89 -6.02
CA ALA B 174 -1.47 5.17 -6.51
C ALA B 174 -0.06 5.00 -7.05
N MET B 175 0.51 3.81 -6.90
CA MET B 175 1.76 3.48 -7.58
C MET B 175 1.62 3.65 -9.08
N TYR B 176 0.43 3.37 -9.62
CA TYR B 176 0.17 3.45 -11.04
C TYR B 176 -0.34 4.81 -11.47
N LEU B 177 -0.43 5.77 -10.55
CA LEU B 177 -0.86 7.11 -10.92
C LEU B 177 0.20 7.84 -11.71
N GLY B 178 1.47 7.56 -11.44
CA GLY B 178 2.54 8.18 -12.22
C GLY B 178 2.51 7.77 -13.68
N GLY B 179 2.20 6.50 -13.95
CA GLY B 179 2.06 6.07 -15.32
C GLY B 179 0.90 6.74 -16.03
N ALA B 180 -0.22 6.91 -15.33
CA ALA B 180 -1.37 7.59 -15.91
C ALA B 180 -1.05 9.05 -16.20
N ALA B 181 -0.35 9.71 -15.28
CA ALA B 181 -0.07 11.13 -15.46
C ALA B 181 1.00 11.39 -16.51
N LEU B 182 2.06 10.57 -16.52
CA LEU B 182 3.17 10.82 -17.44
C LEU B 182 2.81 10.42 -18.87
N TYR B 183 2.09 9.31 -19.04
CA TYR B 183 1.84 8.73 -20.34
C TYR B 183 0.40 8.97 -20.75
N LYS B 184 0.21 9.49 -21.97
CA LYS B 184 -1.13 9.73 -22.51
C LYS B 184 -1.59 8.48 -23.24
N SER B 185 -2.12 7.53 -22.46
CA SER B 185 -2.64 6.28 -22.99
C SER B 185 -4.17 6.34 -23.02
N ALA B 186 -4.75 5.82 -24.10
CA ALA B 186 -6.20 5.72 -24.16
C ALA B 186 -6.66 4.82 -23.02
N TRP B 187 -6.35 3.53 -23.12
CA TRP B 187 -6.18 2.64 -21.97
C TRP B 187 -5.76 1.25 -22.40
N SER B 188 -4.98 0.58 -21.56
CA SER B 188 -4.58 -0.80 -21.82
C SER B 188 -4.81 -1.74 -20.63
N GLY B 189 -4.58 -1.27 -19.41
CA GLY B 189 -4.70 -2.12 -18.24
C GLY B 189 -5.86 -1.74 -17.35
N SER B 190 -5.57 -1.35 -16.11
CA SER B 190 -6.60 -0.87 -15.20
C SER B 190 -5.96 0.08 -14.20
N GLY B 191 -6.71 1.12 -13.82
CA GLY B 191 -6.18 2.11 -12.92
C GLY B 191 -6.82 3.48 -13.07
N TYR B 192 -5.99 4.51 -13.22
CA TYR B 192 -6.47 5.89 -13.27
C TYR B 192 -6.26 6.52 -14.64
N VAL B 193 -7.01 7.57 -14.89
CA VAL B 193 -6.86 8.42 -16.07
C VAL B 193 -6.62 9.85 -15.59
N VAL B 194 -5.56 10.46 -16.08
CA VAL B 194 -5.23 11.85 -15.77
C VAL B 194 -5.39 12.66 -17.05
N ALA B 195 -6.31 13.61 -17.03
CA ALA B 195 -6.60 14.41 -18.22
C ALA B 195 -5.41 15.30 -18.58
N ASP B 196 -5.27 15.57 -19.88
CA ASP B 196 -4.15 16.38 -20.35
C ASP B 196 -4.16 17.77 -19.73
N ALA B 197 -5.35 18.30 -19.43
CA ALA B 197 -5.42 19.63 -18.82
C ALA B 197 -4.83 19.65 -17.43
N GLY B 198 -4.82 18.52 -16.75
CA GLY B 198 -4.27 18.45 -15.41
C GLY B 198 -2.77 18.21 -15.39
N THR B 199 -2.34 17.09 -15.97
CA THR B 199 -0.94 16.68 -15.87
C THR B 199 -0.05 17.53 -16.78
N LEU B 200 1.21 17.15 -16.85
CA LEU B 200 2.19 17.91 -17.61
C LEU B 200 2.21 17.46 -19.06
N THR B 201 2.07 18.43 -19.96
CA THR B 201 2.13 18.20 -21.40
C THR B 201 3.36 18.92 -21.93
N ILE B 202 4.42 18.17 -22.20
CA ILE B 202 5.68 18.77 -22.65
C ILE B 202 5.49 19.38 -24.03
N PRO B 203 5.86 20.65 -24.24
CA PRO B 203 5.81 21.20 -25.59
C PRO B 203 6.81 20.50 -26.49
N SER B 204 6.45 20.41 -27.78
CA SER B 204 7.32 19.74 -28.73
C SER B 204 8.60 20.54 -28.99
N ASP B 205 8.63 21.82 -28.64
CA ASP B 205 9.84 22.60 -28.75
C ASP B 205 10.82 22.32 -27.63
N TYR B 206 10.39 21.63 -26.57
CA TYR B 206 11.26 21.32 -25.44
C TYR B 206 11.95 19.97 -25.56
N VAL B 207 11.65 19.20 -26.59
CA VAL B 207 12.28 17.90 -26.80
C VAL B 207 13.08 17.98 -28.10
N ARG B 208 14.41 17.84 -27.98
CA ARG B 208 15.27 17.87 -29.15
C ARG B 208 15.29 16.50 -29.81
N HIS B 209 15.32 16.51 -31.14
CA HIS B 209 15.22 15.30 -31.93
C HIS B 209 16.33 15.34 -32.98
N PRO B 210 17.10 14.27 -33.14
CA PRO B 210 18.13 14.26 -34.19
C PRO B 210 17.48 14.39 -35.55
N GLY B 211 17.79 15.48 -36.22
CA GLY B 211 17.08 15.86 -37.42
C GLY B 211 16.05 16.96 -37.22
N ALA B 212 15.99 17.55 -36.03
CA ALA B 212 15.13 18.71 -35.84
C ALA B 212 15.74 19.92 -36.54
N ARG B 213 14.96 20.55 -37.41
CA ARG B 213 15.46 21.61 -38.27
C ARG B 213 14.96 23.00 -37.88
N ASN B 214 13.92 23.09 -37.05
CA ASN B 214 13.45 24.39 -36.59
C ASN B 214 14.38 25.02 -35.56
N PHE B 215 15.19 24.23 -34.88
CA PHE B 215 16.14 24.74 -33.92
C PHE B 215 17.35 25.34 -34.63
N GLY B 216 18.15 26.07 -33.87
CA GLY B 216 19.41 26.59 -34.38
C GLY B 216 20.57 25.70 -33.97
N PHE B 217 21.03 24.85 -34.89
CA PHE B 217 22.11 23.91 -34.62
C PHE B 217 23.26 24.20 -35.58
N ASN B 218 24.35 24.74 -35.04
CA ASN B 218 25.51 25.12 -35.84
C ASN B 218 26.72 24.23 -35.58
N ALA B 219 26.55 23.14 -34.83
CA ALA B 219 27.63 22.21 -34.58
C ALA B 219 27.08 20.80 -34.55
N ILE B 220 27.94 19.83 -34.85
CA ILE B 220 27.57 18.43 -34.89
C ILE B 220 28.58 17.64 -34.07
N TYR B 221 28.09 16.69 -33.27
CA TYR B 221 28.94 15.78 -32.52
C TYR B 221 28.71 14.37 -33.03
N VAL B 222 29.80 13.62 -33.18
CA VAL B 222 29.75 12.23 -33.61
C VAL B 222 30.61 11.42 -32.64
N ARG B 223 30.01 10.41 -32.01
CA ARG B 223 30.72 9.53 -31.10
C ARG B 223 30.71 8.11 -31.65
N GLY B 224 31.87 7.45 -31.56
CA GLY B 224 32.01 6.09 -32.07
C GLY B 224 31.12 5.07 -31.40
N ARG B 225 30.57 5.39 -30.24
CA ARG B 225 29.68 4.49 -29.52
C ARG B 225 28.24 4.72 -29.99
N SER B 226 27.28 4.15 -29.27
CA SER B 226 25.88 4.31 -29.57
C SER B 226 25.29 5.39 -28.66
N CYS B 227 23.97 5.58 -28.74
CA CYS B 227 23.31 6.58 -27.92
C CYS B 227 23.40 6.20 -26.44
N ASN B 228 23.56 7.20 -25.60
CA ASN B 228 23.77 7.00 -24.17
C ASN B 228 22.46 6.55 -23.53
N ARG B 229 22.38 5.27 -23.19
CA ARG B 229 21.23 4.76 -22.43
C ARG B 229 21.49 4.96 -20.94
N VAL B 230 21.56 6.23 -20.55
CA VAL B 230 21.89 6.59 -19.18
C VAL B 230 20.79 6.11 -18.24
N LEU B 231 21.10 5.10 -17.44
CA LEU B 231 20.14 4.49 -16.54
C LEU B 231 20.46 4.94 -15.12
N TYR B 232 19.61 5.79 -14.56
CA TYR B 232 19.82 6.31 -13.21
C TYR B 232 18.49 6.86 -12.70
N GLY B 233 18.27 6.71 -11.41
CA GLY B 233 17.06 7.22 -10.79
C GLY B 233 15.85 6.38 -11.09
N MET B 234 14.85 6.43 -10.21
CA MET B 234 13.64 5.64 -10.36
C MET B 234 12.38 6.46 -10.21
N GLU B 235 12.49 7.73 -9.82
CA GLU B 235 11.34 8.53 -9.44
C GLU B 235 11.39 9.87 -10.14
N GLY B 236 10.21 10.45 -10.34
CA GLY B 236 10.09 11.75 -10.93
C GLY B 236 10.45 12.85 -9.95
N PRO B 237 10.02 14.07 -10.23
CA PRO B 237 10.30 15.17 -9.32
C PRO B 237 9.67 14.91 -7.95
N ASN B 238 10.34 15.37 -6.91
CA ASN B 238 9.87 15.19 -5.55
C ASN B 238 9.00 16.38 -5.16
N TYR B 239 7.77 16.11 -4.74
CA TYR B 239 6.97 17.17 -4.14
C TYR B 239 7.52 17.53 -2.77
N THR B 240 7.14 18.71 -2.29
CA THR B 240 7.77 19.37 -1.14
C THR B 240 9.24 19.67 -1.37
N THR B 241 9.66 19.74 -2.63
CA THR B 241 10.99 20.20 -2.98
C THR B 241 10.87 21.18 -4.15
N GLY B 242 11.99 21.84 -4.47
CA GLY B 242 11.98 22.79 -5.57
C GLY B 242 11.79 22.15 -6.94
N GLY B 243 12.05 20.86 -7.06
CA GLY B 243 11.94 20.16 -8.32
C GLY B 243 13.13 20.33 -9.24
N ALA B 244 14.18 21.04 -8.81
CA ALA B 244 15.33 21.27 -9.66
C ALA B 244 16.04 19.96 -9.96
N VAL B 245 16.62 19.88 -11.15
CA VAL B 245 17.34 18.69 -11.60
C VAL B 245 18.78 18.82 -11.12
N GLN B 246 19.11 18.11 -10.04
CA GLN B 246 20.45 18.13 -9.48
C GLN B 246 21.23 16.92 -9.97
N GLY B 247 22.42 17.17 -10.50
CA GLY B 247 23.28 16.08 -10.93
C GLY B 247 23.93 16.31 -12.28
N ALA B 248 23.22 17.00 -13.17
CA ALA B 248 23.74 17.28 -14.50
C ALA B 248 23.18 18.60 -14.99
N SER B 249 23.82 19.17 -16.00
CA SER B 249 23.44 20.46 -16.55
C SER B 249 22.15 20.31 -17.36
N SER B 250 21.03 20.29 -16.64
CA SER B 250 19.73 20.07 -17.25
C SER B 250 19.21 21.36 -17.89
N SER B 251 18.19 21.20 -18.73
CA SER B 251 17.53 22.33 -19.37
C SER B 251 16.13 21.91 -19.76
N GLY B 252 15.30 22.92 -20.02
CA GLY B 252 13.92 22.65 -20.40
C GLY B 252 13.16 21.89 -19.34
N ALA B 253 13.44 22.17 -18.07
CA ALA B 253 12.82 21.42 -16.99
C ALA B 253 11.36 21.82 -16.84
N LEU B 254 10.47 20.85 -17.01
CA LEU B 254 9.04 21.04 -16.80
C LEU B 254 8.57 20.10 -15.70
N ASN B 255 7.85 20.65 -14.73
CA ASN B 255 7.34 19.87 -13.62
C ASN B 255 5.84 20.09 -13.50
N PHE B 256 5.14 19.04 -13.06
CA PHE B 256 3.76 19.18 -12.59
C PHE B 256 3.63 18.39 -11.30
N THR B 257 3.68 19.10 -10.17
CA THR B 257 3.56 18.48 -8.87
C THR B 257 2.11 18.60 -8.39
N TYR B 258 1.46 17.46 -8.19
CA TYR B 258 0.11 17.42 -7.63
C TYR B 258 0.25 17.08 -6.14
N ASN B 259 0.24 18.11 -5.30
CA ASN B 259 0.47 17.98 -3.87
C ASN B 259 -0.68 18.66 -3.13
N PRO B 260 -1.85 18.04 -3.10
CA PRO B 260 -2.96 18.62 -2.33
C PRO B 260 -2.70 18.55 -0.84
N SER B 261 -3.30 19.48 -0.11
CA SER B 261 -3.17 19.48 1.35
C SER B 261 -3.89 18.31 2.00
N ASN B 262 -4.80 17.65 1.28
CA ASN B 262 -5.51 16.52 1.83
C ASN B 262 -4.59 15.33 1.97
N PRO B 263 -4.42 14.77 3.17
CA PRO B 263 -3.53 13.60 3.33
C PRO B 263 -4.07 12.33 2.71
N GLU B 264 -5.36 12.29 2.35
CA GLU B 264 -5.99 11.11 1.78
C GLU B 264 -6.30 11.32 0.30
N SER B 265 -5.39 11.97 -0.42
CA SER B 265 -5.50 12.14 -1.85
C SER B 265 -4.22 11.63 -2.51
N PRO B 266 -4.32 10.93 -3.63
CA PRO B 266 -3.11 10.37 -4.24
C PRO B 266 -2.22 11.44 -4.84
N LYS B 267 -1.12 11.75 -4.16
CA LYS B 267 -0.19 12.75 -4.64
C LYS B 267 0.72 12.16 -5.69
N TYR B 268 1.00 12.94 -6.73
CA TYR B 268 1.91 12.51 -7.78
C TYR B 268 2.67 13.71 -8.31
N SER B 269 3.69 13.42 -9.12
CA SER B 269 4.47 14.46 -9.77
C SER B 269 4.92 13.93 -11.12
N VAL B 270 5.07 14.85 -12.07
CA VAL B 270 5.59 14.52 -13.40
C VAL B 270 6.68 15.53 -13.72
N GLY B 271 7.78 15.04 -14.26
CA GLY B 271 8.90 15.91 -14.59
C GLY B 271 9.54 15.50 -15.89
N PHE B 272 10.02 16.51 -16.62
CA PHE B 272 10.79 16.31 -17.83
C PHE B 272 11.98 17.23 -17.78
N ALA B 273 13.13 16.76 -18.27
CA ALA B 273 14.32 17.59 -18.29
C ALA B 273 15.27 17.06 -19.36
N ARG B 274 15.95 17.98 -20.03
CA ARG B 274 16.99 17.65 -20.99
C ARG B 274 18.34 17.92 -20.33
N ALA B 275 19.13 16.86 -20.11
CA ALA B 275 20.31 17.00 -19.28
C ALA B 275 21.57 16.49 -19.95
N ASP B 276 22.66 16.41 -19.20
CA ASP B 276 23.93 15.92 -19.72
C ASP B 276 23.79 14.47 -20.15
N PRO B 277 24.10 14.13 -21.40
CA PRO B 277 24.01 12.73 -21.82
C PRO B 277 25.07 11.83 -21.23
N THR B 278 26.15 12.39 -20.68
CA THR B 278 27.25 11.60 -20.13
C THR B 278 27.26 11.57 -18.60
N ASN B 279 26.30 12.20 -17.94
CA ASN B 279 26.30 12.28 -16.49
C ASN B 279 24.94 11.85 -15.94
N TYR B 280 24.97 11.26 -14.76
CA TYR B 280 23.74 10.91 -14.06
C TYR B 280 22.97 12.17 -13.72
N ALA B 281 21.71 12.23 -14.13
CA ALA B 281 20.85 13.37 -13.86
C ALA B 281 19.59 12.90 -13.15
N TYR B 282 19.27 13.56 -12.05
CA TYR B 282 18.16 13.16 -11.21
C TYR B 282 17.51 14.41 -10.63
N TRP B 283 16.28 14.27 -10.18
CA TRP B 283 15.59 15.38 -9.53
C TRP B 283 16.03 15.50 -8.09
N GLU B 284 15.87 16.70 -7.55
CA GLU B 284 16.35 16.99 -6.19
C GLU B 284 15.72 16.04 -5.19
N SER B 285 16.55 15.46 -4.31
CA SER B 285 16.12 14.55 -3.26
C SER B 285 15.51 13.27 -3.81
N MET B 286 15.81 12.91 -5.06
CA MET B 286 15.32 11.68 -5.66
C MET B 286 16.44 10.95 -6.39
N GLY B 287 17.62 10.91 -5.79
CA GLY B 287 18.75 10.22 -6.39
C GLY B 287 18.63 8.72 -6.32
N ASP B 288 19.56 8.05 -7.00
CA ASP B 288 19.61 6.59 -7.01
C ASP B 288 20.73 6.12 -6.10
N PRO B 289 20.43 5.44 -5.00
CA PRO B 289 21.48 5.00 -4.08
C PRO B 289 22.16 3.69 -4.47
N ASN B 290 21.89 3.17 -5.67
CA ASN B 290 22.60 2.01 -6.23
C ASN B 290 22.46 0.77 -5.35
N ASP B 291 21.27 0.55 -4.77
CA ASP B 291 21.08 -0.67 -4.00
C ASP B 291 20.92 -1.87 -4.92
N SER B 292 21.03 -3.06 -4.34
CA SER B 292 20.72 -4.28 -5.08
C SER B 292 19.25 -4.35 -5.41
N ALA B 293 18.40 -3.71 -4.60
CA ALA B 293 16.96 -3.66 -4.82
C ALA B 293 16.56 -2.62 -5.85
N ASN B 294 17.50 -2.07 -6.60
CA ASN B 294 17.20 -1.00 -7.54
C ASN B 294 17.92 -1.13 -8.87
N GLY B 295 18.67 -2.20 -9.10
CA GLY B 295 19.38 -2.38 -10.33
C GLY B 295 20.62 -1.53 -10.41
N PRO B 296 21.38 -1.67 -11.47
CA PRO B 296 22.61 -0.88 -11.63
C PRO B 296 22.30 0.53 -12.10
N ILE B 297 23.34 1.37 -12.09
CA ILE B 297 23.29 2.69 -12.68
C ILE B 297 24.49 2.85 -13.59
N GLY B 298 24.29 3.49 -14.74
CA GLY B 298 25.39 3.70 -15.66
C GLY B 298 24.98 4.39 -16.94
N ILE B 299 25.94 5.02 -17.61
CA ILE B 299 25.69 5.62 -18.92
C ILE B 299 26.13 4.59 -19.95
N TYR B 300 25.19 3.73 -20.34
CA TYR B 300 25.51 2.63 -21.24
C TYR B 300 25.60 3.12 -22.67
N SER B 301 26.70 2.76 -23.34
CA SER B 301 26.87 3.08 -24.76
C SER B 301 27.90 2.10 -25.31
N GLU B 302 27.45 1.21 -26.17
CA GLU B 302 28.29 0.10 -26.64
C GLU B 302 29.24 0.61 -27.71
N HIS B 303 30.54 0.65 -27.38
CA HIS B 303 31.53 1.18 -28.29
C HIS B 303 31.72 0.27 -29.50
N LEU B 304 31.85 0.87 -30.68
CA LEU B 304 32.13 0.14 -31.90
C LEU B 304 33.63 0.03 -32.18
N GLY B 305 34.47 0.71 -31.39
CA GLY B 305 35.90 0.64 -31.55
C GLY B 305 36.49 1.65 -32.50
N ILE B 306 35.64 2.38 -33.24
CA ILE B 306 36.13 3.36 -34.20
C ILE B 306 36.12 4.75 -33.59
N TYR B 307 36.99 5.61 -34.10
CA TYR B 307 37.12 6.98 -33.60
C TYR B 307 36.96 7.94 -34.77
N PRO B 308 35.91 8.76 -34.80
CA PRO B 308 35.71 9.67 -35.93
C PRO B 308 36.81 10.71 -36.02
N SER B 309 37.12 11.10 -37.26
CA SER B 309 38.14 12.09 -37.53
C SER B 309 37.74 13.16 -38.53
N LYS B 310 36.75 12.91 -39.38
CA LYS B 310 36.35 13.88 -40.39
C LYS B 310 34.87 13.66 -40.73
N ILE B 311 34.19 14.76 -41.02
CA ILE B 311 32.78 14.74 -41.42
C ILE B 311 32.66 15.49 -42.74
N THR B 312 31.96 14.88 -43.69
CA THR B 312 31.74 15.49 -45.00
C THR B 312 30.25 15.47 -45.31
N TRP B 313 29.72 16.63 -45.70
CA TRP B 313 28.32 16.75 -46.10
C TRP B 313 28.26 16.81 -47.62
N TYR B 314 27.60 15.83 -48.22
CA TYR B 314 27.41 15.78 -49.67
C TYR B 314 26.04 16.38 -49.98
N VAL B 315 26.03 17.63 -50.42
CA VAL B 315 24.79 18.34 -50.68
C VAL B 315 24.25 17.92 -52.04
N THR B 316 23.39 16.91 -52.05
CA THR B 316 22.76 16.47 -53.28
C THR B 316 21.72 17.49 -53.73
N ASN B 317 21.37 17.42 -55.01
CA ASN B 317 20.34 18.27 -55.57
C ASN B 317 18.94 17.70 -55.39
N LEU B 318 18.77 16.77 -54.43
CA LEU B 318 17.46 16.21 -54.13
C LEU B 318 16.75 17.12 -53.14
N VAL B 319 15.64 17.72 -53.57
CA VAL B 319 14.81 18.57 -52.73
C VAL B 319 13.54 17.79 -52.39
N TYR B 320 13.28 17.65 -51.09
CA TYR B 320 12.15 16.88 -50.61
C TYR B 320 10.92 17.79 -50.53
N ASN B 321 9.87 17.45 -51.26
CA ASN B 321 8.67 18.28 -51.31
C ASN B 321 7.60 17.86 -50.33
N GLY B 322 7.54 16.58 -49.96
CA GLY B 322 6.54 16.11 -49.02
C GLY B 322 5.94 14.78 -49.40
N SER B 323 6.02 14.43 -50.68
CA SER B 323 5.53 13.15 -51.19
C SER B 323 6.53 12.58 -52.18
N GLY B 324 7.82 12.70 -51.87
CA GLY B 324 8.87 12.28 -52.77
C GLY B 324 9.97 13.33 -52.87
N TYR B 325 10.62 13.42 -54.03
CA TYR B 325 11.67 14.40 -54.23
C TYR B 325 11.59 14.95 -55.64
N ASN B 326 12.15 16.14 -55.82
CA ASN B 326 12.24 16.78 -57.12
C ASN B 326 13.64 17.33 -57.33
N ILE B 327 14.15 17.19 -58.54
CA ILE B 327 15.52 17.60 -58.86
C ILE B 327 15.57 19.11 -58.99
N ASP B 328 16.53 19.73 -58.31
CA ASP B 328 16.74 21.17 -58.42
C ASP B 328 17.25 21.55 -59.81
N SER B 355 34.42 19.47 -57.45
CA SER B 355 33.37 20.23 -56.78
C SER B 355 32.01 19.61 -57.01
N TRP B 356 31.81 19.05 -58.21
CA TRP B 356 30.56 18.41 -58.59
C TRP B 356 30.77 16.89 -58.55
N LYS B 357 30.05 16.23 -57.66
CA LYS B 357 30.15 14.78 -57.49
C LYS B 357 28.81 14.13 -57.85
N PHE B 358 28.88 12.86 -58.25
CA PHE B 358 27.72 12.10 -58.64
C PHE B 358 27.61 10.85 -57.78
N ILE B 359 26.37 10.37 -57.60
CA ILE B 359 26.07 9.23 -56.75
C ILE B 359 25.88 8.00 -57.63
N ASN B 360 26.55 6.92 -57.30
CA ASN B 360 26.39 5.65 -58.00
C ASN B 360 26.31 4.52 -56.98
N PHE B 361 25.90 3.35 -57.44
CA PHE B 361 25.74 2.20 -56.57
C PHE B 361 26.49 0.99 -57.11
N PHE B 374 36.78 7.61 -57.17
CA PHE B 374 35.78 6.61 -56.84
C PHE B 374 35.73 6.36 -55.34
N ARG B 375 34.95 7.17 -54.63
CA ARG B 375 34.86 7.13 -53.18
C ARG B 375 33.68 6.26 -52.78
N ASP B 376 33.98 5.02 -52.36
CA ASP B 376 32.94 4.12 -51.89
C ASP B 376 32.72 4.36 -50.39
N VAL B 377 31.51 4.78 -50.04
CA VAL B 377 31.16 5.12 -48.67
C VAL B 377 30.10 4.13 -48.19
N GLY B 378 30.35 3.52 -47.03
CA GLY B 378 29.39 2.60 -46.45
C GLY B 378 28.05 3.26 -46.20
N CYS B 379 26.97 2.61 -46.65
CA CYS B 379 25.65 3.20 -46.63
C CYS B 379 24.76 2.65 -45.52
N ASN B 380 24.58 1.33 -45.48
CA ASN B 380 23.71 0.71 -44.48
C ASN B 380 24.09 -0.76 -44.34
N LEU B 381 23.30 -1.47 -43.54
CA LEU B 381 23.43 -2.91 -43.36
C LEU B 381 22.26 -3.61 -44.03
N SER B 382 22.47 -4.88 -44.40
CA SER B 382 21.43 -5.68 -45.05
C SER B 382 21.49 -7.07 -44.43
N LYS B 383 20.68 -7.30 -43.40
CA LYS B 383 20.61 -8.60 -42.76
C LYS B 383 19.66 -9.52 -43.52
N ASP B 384 20.00 -10.81 -43.55
CA ASP B 384 19.18 -11.78 -44.25
C ASP B 384 17.81 -11.92 -43.58
N SER B 385 17.77 -11.95 -42.25
CA SER B 385 16.54 -12.08 -41.51
C SER B 385 16.49 -11.04 -40.39
N PRO B 386 15.31 -10.50 -40.09
CA PRO B 386 15.22 -9.47 -39.05
C PRO B 386 15.65 -9.94 -37.67
N SER B 387 15.53 -11.23 -37.38
CA SER B 387 15.87 -11.76 -36.06
C SER B 387 17.38 -11.68 -35.86
N THR B 388 17.81 -10.73 -35.02
CA THR B 388 19.24 -10.62 -34.70
C THR B 388 19.73 -11.85 -33.93
N GLY B 389 18.86 -12.46 -33.15
CA GLY B 389 19.26 -13.63 -32.36
C GLY B 389 20.29 -13.32 -31.29
N ILE B 390 20.12 -12.21 -30.58
CA ILE B 390 21.08 -11.79 -29.57
C ILE B 390 20.42 -11.83 -28.20
N SER B 391 19.12 -11.58 -28.16
CA SER B 391 18.33 -11.59 -26.92
C SER B 391 18.92 -10.63 -25.89
N GLY B 392 18.88 -9.36 -26.23
CA GLY B 392 19.41 -8.31 -25.37
C GLY B 392 19.75 -7.08 -26.20
N ILE B 393 20.76 -6.35 -25.73
CA ILE B 393 21.25 -5.20 -26.48
C ILE B 393 21.97 -5.71 -27.72
N ALA B 394 21.30 -5.60 -28.88
CA ALA B 394 21.83 -6.13 -30.13
C ALA B 394 22.33 -4.98 -30.98
N THR B 395 23.57 -4.58 -30.72
CA THR B 395 24.17 -3.45 -31.42
C THR B 395 24.58 -3.87 -32.82
N PHE B 396 24.22 -3.06 -33.81
CA PHE B 396 24.59 -3.33 -35.19
C PHE B 396 25.93 -2.68 -35.49
N GLY B 397 26.83 -3.45 -36.11
CA GLY B 397 28.11 -2.89 -36.51
C GLY B 397 27.92 -1.80 -37.55
N LEU B 398 28.81 -0.83 -37.53
CA LEU B 398 28.72 0.26 -38.48
C LEU B 398 29.18 -0.20 -39.85
N PRO B 399 28.36 -0.08 -40.88
CA PRO B 399 28.79 -0.49 -42.22
C PRO B 399 29.76 0.51 -42.83
N THR B 400 31.03 0.42 -42.46
CA THR B 400 32.04 1.36 -42.91
C THR B 400 32.67 0.87 -44.22
N THR B 401 33.65 1.63 -44.70
CA THR B 401 34.42 1.26 -45.89
C THR B 401 35.85 1.73 -45.69
N GLU B 402 36.80 0.80 -45.77
CA GLU B 402 38.21 1.15 -45.62
C GLU B 402 38.63 2.10 -46.73
N SER B 403 39.81 2.71 -46.56
CA SER B 403 40.32 3.59 -47.59
C SER B 403 41.01 2.77 -48.68
N ASN B 404 40.31 1.72 -49.14
CA ASN B 404 40.74 0.96 -50.31
C ASN B 404 39.53 0.50 -51.13
N ASN B 405 38.36 1.09 -50.88
CA ASN B 405 37.12 0.76 -51.59
C ASN B 405 36.73 -0.71 -51.38
N ALA B 406 36.52 -1.07 -50.11
CA ALA B 406 36.05 -2.41 -49.77
C ALA B 406 35.07 -2.33 -48.61
N PRO B 407 33.82 -2.77 -48.80
CA PRO B 407 32.84 -2.70 -47.71
C PRO B 407 33.24 -3.60 -46.56
N SER B 408 33.00 -3.13 -45.34
CA SER B 408 33.29 -3.89 -44.14
C SER B 408 32.36 -3.41 -43.02
N ILE B 409 32.46 -4.06 -41.87
CA ILE B 409 31.65 -3.74 -40.71
C ILE B 409 32.55 -3.66 -39.49
N LYS B 410 32.44 -2.55 -38.75
CA LYS B 410 33.28 -2.30 -37.58
C LYS B 410 32.44 -2.34 -36.32
N GLY B 411 32.89 -3.12 -35.34
CA GLY B 411 32.17 -3.22 -34.09
C GLY B 411 30.87 -3.99 -34.25
N GLY B 412 30.01 -3.81 -33.26
CA GLY B 412 28.68 -4.40 -33.35
C GLY B 412 28.59 -5.77 -32.69
N ASN B 413 27.40 -6.08 -32.21
CA ASN B 413 27.10 -7.35 -31.57
C ASN B 413 26.39 -8.30 -32.53
N VAL B 414 25.42 -7.79 -33.29
CA VAL B 414 24.71 -8.61 -34.26
C VAL B 414 25.67 -9.09 -35.34
N GLY B 415 25.48 -10.33 -35.79
CA GLY B 415 26.30 -10.88 -36.84
C GLY B 415 25.51 -11.24 -38.08
N GLY B 416 26.21 -11.48 -39.18
CA GLY B 416 25.58 -11.82 -40.44
C GLY B 416 25.20 -10.64 -41.31
N LEU B 417 25.43 -9.41 -40.84
CA LEU B 417 25.09 -8.23 -41.62
C LEU B 417 26.00 -8.09 -42.83
N HIS B 418 25.45 -7.55 -43.91
CA HIS B 418 26.22 -7.22 -45.11
C HIS B 418 26.21 -5.72 -45.30
N ALA B 419 27.39 -5.14 -45.48
CA ALA B 419 27.53 -3.69 -45.67
C ALA B 419 27.34 -3.35 -47.14
N ASN B 420 26.52 -2.34 -47.41
CA ASN B 420 26.30 -1.82 -48.74
C ASN B 420 26.92 -0.43 -48.86
N VAL B 421 27.52 -0.14 -50.00
CA VAL B 421 28.32 1.06 -50.20
C VAL B 421 27.79 1.84 -51.40
N VAL B 422 27.68 3.16 -51.23
CA VAL B 422 27.42 4.05 -52.35
C VAL B 422 28.73 4.37 -53.05
N SER B 423 28.62 4.95 -54.24
CA SER B 423 29.78 5.30 -55.06
C SER B 423 29.71 6.78 -55.41
N ILE B 424 30.62 7.57 -54.85
CA ILE B 424 30.68 9.00 -55.08
C ILE B 424 31.97 9.33 -55.82
N TYR B 425 31.85 10.01 -56.95
CA TYR B 425 33.00 10.38 -57.76
C TYR B 425 32.76 11.75 -58.38
N ASN B 426 33.86 12.46 -58.63
CA ASN B 426 33.81 13.80 -59.22
C ASN B 426 34.47 13.78 -60.60
N PHE B 427 33.82 14.44 -61.56
CA PHE B 427 34.35 14.53 -62.91
C PHE B 427 34.62 15.98 -63.29
N PRO B 456 25.66 8.17 -62.53
CA PRO B 456 24.68 9.25 -62.74
C PRO B 456 23.24 8.76 -62.61
N LEU B 457 22.89 8.24 -61.45
CA LEU B 457 21.56 7.69 -61.24
C LEU B 457 20.51 8.80 -61.24
N ARG B 458 19.32 8.45 -61.72
CA ARG B 458 18.24 9.40 -61.95
C ARG B 458 17.01 8.97 -61.16
N LEU B 459 16.24 9.97 -60.71
CA LEU B 459 15.05 9.71 -59.91
C LEU B 459 14.02 8.95 -60.73
N LEU B 460 13.74 7.72 -60.35
CA LEU B 460 12.69 6.95 -61.02
C LEU B 460 11.32 7.48 -60.63
N GLY B 461 10.47 7.66 -61.64
CA GLY B 461 9.14 8.19 -61.41
C GLY B 461 8.29 7.36 -60.47
N GLY B 462 7.67 8.00 -59.49
CA GLY B 462 6.85 7.30 -58.53
C GLY B 462 7.49 7.17 -57.17
N SER B 463 6.93 7.84 -56.16
CA SER B 463 7.44 7.81 -54.80
C SER B 463 6.36 7.25 -53.87
N GLY B 464 6.75 6.30 -53.03
CA GLY B 464 5.86 5.73 -52.05
C GLY B 464 6.11 6.32 -50.67
N SER B 465 5.04 6.50 -49.91
CA SER B 465 5.13 7.07 -48.58
C SER B 465 4.15 6.34 -47.66
N THR B 466 4.56 6.15 -46.41
CA THR B 466 3.71 5.52 -45.41
C THR B 466 3.91 6.19 -44.07
N ILE B 467 2.94 6.01 -43.20
CA ILE B 467 3.01 6.51 -41.83
C ILE B 467 3.06 5.30 -40.92
N LEU B 468 4.20 5.05 -40.28
CA LEU B 468 4.35 3.94 -39.36
C LEU B 468 3.62 4.28 -38.08
N SER B 469 2.31 4.01 -38.06
CA SER B 469 1.46 4.29 -36.92
C SER B 469 0.94 2.98 -36.34
N GLY B 470 0.81 2.95 -35.02
CA GLY B 470 0.36 1.77 -34.31
C GLY B 470 1.21 1.49 -33.09
N ASN B 471 0.69 0.59 -32.25
CA ASN B 471 1.33 0.21 -31.00
C ASN B 471 1.43 -1.31 -30.98
N ILE B 472 2.49 -1.85 -31.59
CA ILE B 472 2.65 -3.30 -31.66
C ILE B 472 3.12 -3.82 -30.31
N VAL B 473 2.39 -4.79 -29.76
CA VAL B 473 2.70 -5.36 -28.46
C VAL B 473 3.56 -6.58 -28.68
N PHE B 474 4.71 -6.63 -28.00
CA PHE B 474 5.67 -7.71 -28.15
C PHE B 474 5.66 -8.57 -26.89
N GLN B 475 5.88 -9.87 -27.08
CA GLN B 475 5.91 -10.84 -25.99
C GLN B 475 7.07 -11.81 -26.16
N GLY B 476 8.24 -11.28 -26.56
CA GLY B 476 9.40 -12.10 -26.80
C GLY B 476 10.10 -11.73 -28.09
N ASN B 477 11.31 -12.26 -28.29
CA ASN B 477 12.06 -11.95 -29.51
C ASN B 477 11.33 -12.49 -30.72
N GLY B 478 11.04 -11.61 -31.68
CA GLY B 478 10.37 -12.00 -32.90
C GLY B 478 9.97 -10.80 -33.73
N SER B 479 10.17 -10.88 -35.04
CA SER B 479 9.87 -9.77 -35.92
C SER B 479 8.37 -9.74 -36.25
N VAL B 480 7.94 -8.62 -36.83
CA VAL B 480 6.55 -8.45 -37.22
C VAL B 480 6.51 -7.42 -38.35
N HIS B 481 5.59 -7.63 -39.29
CA HIS B 481 5.39 -6.71 -40.42
C HIS B 481 4.59 -5.52 -39.92
N VAL B 482 5.26 -4.38 -39.70
CA VAL B 482 4.61 -3.20 -39.12
C VAL B 482 4.15 -2.21 -40.16
N GLY B 483 4.46 -2.42 -41.44
CA GLY B 483 4.02 -1.46 -42.45
C GLY B 483 4.50 -1.89 -43.82
N THR B 484 4.13 -1.08 -44.80
CA THR B 484 4.49 -1.32 -46.19
C THR B 484 4.59 0.01 -46.92
N VAL B 485 5.35 0.02 -48.01
CA VAL B 485 5.56 1.21 -48.83
C VAL B 485 5.14 0.89 -50.25
N GLY B 486 4.25 1.71 -50.80
CA GLY B 486 3.77 1.48 -52.15
C GLY B 486 4.45 2.32 -53.20
N LEU B 487 5.44 1.74 -53.90
CA LEU B 487 6.11 2.43 -54.99
C LEU B 487 5.40 2.16 -56.32
N ASN B 494 17.00 -3.51 -59.14
CA ASN B 494 17.80 -2.56 -58.38
C ASN B 494 17.15 -2.27 -57.03
N GLY B 495 17.95 -1.84 -56.07
CA GLY B 495 17.46 -1.55 -54.74
C GLY B 495 18.02 -0.27 -54.15
N ALA B 496 18.31 0.71 -54.99
CA ALA B 496 18.86 1.99 -54.55
C ALA B 496 17.73 2.98 -54.35
N ILE B 497 17.60 3.48 -53.11
CA ILE B 497 16.54 4.40 -52.75
C ILE B 497 17.12 5.57 -51.99
N VAL B 498 16.33 6.65 -51.90
CA VAL B 498 16.58 7.75 -50.99
C VAL B 498 15.36 7.87 -50.09
N CYS B 499 15.60 7.91 -48.78
CA CYS B 499 14.53 7.83 -47.79
C CYS B 499 14.57 9.05 -46.87
N THR B 500 13.40 9.56 -46.53
CA THR B 500 13.25 10.62 -45.54
C THR B 500 12.31 10.15 -44.45
N MET B 501 12.76 10.22 -43.20
CA MET B 501 11.95 9.84 -42.05
C MET B 501 11.39 11.11 -41.43
N GLU B 502 10.22 11.52 -41.92
CA GLU B 502 9.55 12.72 -41.42
C GLU B 502 8.67 12.35 -40.24
N PHE B 503 8.92 12.96 -39.09
CA PHE B 503 8.15 12.69 -37.88
C PHE B 503 7.05 13.74 -37.76
N ILE B 504 5.84 13.38 -38.20
CA ILE B 504 4.73 14.32 -38.13
C ILE B 504 4.20 14.49 -36.71
N ASP B 505 4.53 13.57 -35.81
CA ASP B 505 4.14 13.66 -34.41
C ASP B 505 5.36 13.38 -33.55
N ASP B 506 5.41 14.04 -32.39
CA ASP B 506 6.56 13.91 -31.50
C ASP B 506 6.45 12.66 -30.63
N THR B 507 6.21 11.52 -31.27
CA THR B 507 6.15 10.24 -30.57
C THR B 507 7.36 9.37 -30.83
N TRP B 508 8.41 9.93 -31.44
CA TRP B 508 9.63 9.17 -31.66
C TRP B 508 10.27 8.75 -30.34
N LEU B 509 10.24 9.64 -29.35
CA LEU B 509 10.75 9.33 -28.02
C LEU B 509 9.80 8.45 -27.22
N SER B 510 8.58 8.23 -27.70
CA SER B 510 7.72 7.19 -27.16
C SER B 510 7.89 5.87 -27.89
N ALA B 511 8.65 5.84 -28.99
CA ALA B 511 8.97 4.59 -29.65
C ALA B 511 9.91 3.77 -28.79
N GLY B 512 9.77 2.46 -28.88
CA GLY B 512 10.49 1.58 -27.99
C GLY B 512 9.63 1.24 -26.78
N GLY B 513 9.81 0.06 -26.21
CA GLY B 513 8.98 -0.39 -25.12
C GLY B 513 9.65 -0.20 -23.77
N ILE B 514 8.87 -0.53 -22.73
CA ILE B 514 9.32 -0.61 -21.36
C ILE B 514 9.84 0.74 -20.88
N GLY B 515 8.99 1.49 -20.19
CA GLY B 515 9.34 2.81 -19.73
C GLY B 515 9.18 3.90 -20.74
N CYS B 516 8.82 3.56 -21.98
CA CYS B 516 8.54 4.54 -23.01
C CYS B 516 7.08 4.57 -23.42
N PHE B 517 6.27 3.59 -23.00
CA PHE B 517 4.85 3.59 -23.34
C PHE B 517 3.96 3.80 -22.13
N ASN B 518 3.97 2.87 -21.16
CA ASN B 518 3.35 3.03 -19.86
C ASN B 518 3.71 1.84 -18.97
N PRO B 519 4.85 1.83 -18.30
CA PRO B 519 5.23 0.61 -17.58
C PRO B 519 4.31 0.31 -16.41
N THR B 520 3.00 0.28 -16.71
CA THR B 520 1.99 -0.33 -15.85
C THR B 520 0.93 -1.04 -16.66
N GLU B 521 1.04 -1.09 -17.99
CA GLU B 521 0.14 -1.83 -18.85
C GLU B 521 0.57 -3.27 -19.05
N MET B 522 1.82 -3.59 -18.74
CA MET B 522 2.29 -4.98 -18.85
C MET B 522 1.56 -5.89 -17.87
N LEU B 523 0.94 -5.33 -16.83
CA LEU B 523 0.23 -6.15 -15.86
C LEU B 523 -0.98 -6.83 -16.49
N SER B 524 -1.69 -6.14 -17.38
CA SER B 524 -2.85 -6.72 -18.03
C SER B 524 -2.44 -7.95 -18.84
N GLN B 525 -3.31 -8.96 -18.83
CA GLN B 525 -3.02 -10.27 -19.42
C GLN B 525 -3.58 -10.40 -20.82
N GLY B 526 -3.65 -9.31 -21.58
CA GLY B 526 -4.16 -9.36 -22.93
C GLY B 526 -3.42 -8.41 -23.83
N ALA B 527 -3.66 -8.57 -25.14
CA ALA B 527 -3.05 -7.71 -26.14
C ALA B 527 -3.54 -6.28 -25.96
N GLU B 528 -2.67 -5.40 -25.47
CA GLU B 528 -3.09 -4.05 -25.12
C GLU B 528 -3.37 -3.22 -26.37
N TYR B 529 -2.34 -2.98 -27.19
CA TYR B 529 -2.47 -2.19 -28.41
C TYR B 529 -3.05 -0.80 -28.12
N GLY B 530 -2.64 -0.22 -27.00
CA GLY B 530 -3.13 1.08 -26.57
C GLY B 530 -2.18 2.20 -26.96
N ASP B 531 -2.77 3.33 -27.35
CA ASP B 531 -1.99 4.49 -27.78
C ASP B 531 -1.39 5.19 -26.57
N SER B 532 -0.23 4.73 -26.11
CA SER B 532 0.41 5.21 -24.89
C SER B 532 1.64 6.03 -25.26
N ARG B 533 1.47 7.34 -25.34
CA ARG B 533 2.54 8.25 -25.72
C ARG B 533 3.22 8.79 -24.46
N PHE B 534 4.06 9.82 -24.65
CA PHE B 534 4.78 10.48 -23.56
C PHE B 534 4.19 11.83 -23.18
N ARG B 535 3.01 12.18 -23.70
CA ARG B 535 2.38 13.47 -23.44
C ARG B 535 3.27 14.63 -23.90
N ILE B 536 3.55 14.65 -25.19
CA ILE B 536 4.31 15.72 -25.82
C ILE B 536 3.33 16.56 -26.62
N GLY B 537 3.25 17.85 -26.29
CA GLY B 537 2.20 18.70 -26.83
C GLY B 537 2.59 19.31 -28.17
N GLY B 538 1.67 19.20 -29.13
CA GLY B 538 1.86 19.80 -30.44
C GLY B 538 2.99 19.19 -31.24
N ASN B 539 3.20 19.70 -32.45
CA ASN B 539 4.31 19.28 -33.30
C ASN B 539 4.92 20.49 -33.98
N THR B 540 5.15 21.56 -33.22
CA THR B 540 5.70 22.78 -33.80
C THR B 540 7.22 22.70 -33.91
N ILE B 541 7.73 21.61 -34.48
CA ILE B 541 9.15 21.42 -34.71
C ILE B 541 9.32 20.55 -35.94
N ASN B 542 10.10 21.02 -36.91
CA ASN B 542 10.36 20.25 -38.12
C ASN B 542 11.37 19.15 -37.83
N LYS B 543 10.94 17.90 -37.97
CA LYS B 543 11.78 16.74 -37.67
C LYS B 543 11.93 15.92 -38.95
N LYS B 544 13.10 15.98 -39.56
CA LYS B 544 13.35 15.32 -40.84
C LYS B 544 14.70 14.62 -40.79
N LEU B 545 14.76 13.43 -41.38
CA LEU B 545 16.00 12.64 -41.43
C LEU B 545 16.14 12.10 -42.85
N HIS B 546 16.88 12.84 -43.69
CA HIS B 546 17.15 12.41 -45.05
C HIS B 546 18.31 11.43 -45.08
N GLN B 547 18.19 10.41 -45.93
CA GLN B 547 19.21 9.37 -46.02
C GLN B 547 19.03 8.61 -47.31
N ILE B 548 20.15 8.31 -47.97
CA ILE B 548 20.16 7.39 -49.11
C ILE B 548 20.42 6.00 -48.57
N LEU B 549 19.65 5.02 -49.04
CA LEU B 549 19.74 3.66 -48.54
C LEU B 549 19.75 2.69 -49.72
N SER B 550 20.61 1.67 -49.63
CA SER B 550 20.60 0.57 -50.57
C SER B 550 19.79 -0.58 -49.97
N LEU B 551 18.81 -1.07 -50.71
CA LEU B 551 17.91 -2.13 -50.24
C LEU B 551 18.06 -3.34 -51.15
N PRO B 552 18.94 -4.28 -50.82
CA PRO B 552 19.06 -5.49 -51.62
C PRO B 552 17.77 -6.29 -51.61
N ALA B 553 17.50 -6.96 -52.72
CA ALA B 553 16.26 -7.72 -52.85
C ALA B 553 16.22 -8.85 -51.83
N GLY B 554 15.18 -8.85 -51.00
CA GLY B 554 14.99 -9.86 -49.99
C GLY B 554 15.65 -9.55 -48.65
N GLU B 555 16.81 -8.91 -48.66
CA GLU B 555 17.52 -8.62 -47.42
C GLU B 555 16.86 -7.47 -46.68
N TYR B 556 17.02 -7.47 -45.35
CA TYR B 556 16.41 -6.49 -44.48
C TYR B 556 17.44 -5.43 -44.11
N VAL B 557 17.09 -4.17 -44.33
CA VAL B 557 17.98 -3.04 -44.07
C VAL B 557 17.46 -2.31 -42.84
N PRO B 558 18.13 -2.39 -41.69
CA PRO B 558 17.67 -1.65 -40.52
C PRO B 558 17.82 -0.15 -40.72
N PHE B 559 16.86 0.60 -40.17
CA PHE B 559 16.92 2.05 -40.25
C PHE B 559 16.46 2.73 -38.96
N PHE B 560 16.21 1.98 -37.89
CA PHE B 560 15.78 2.57 -36.64
C PHE B 560 16.00 1.55 -35.54
N THR B 561 16.89 1.84 -34.60
CA THR B 561 17.15 0.96 -33.47
C THR B 561 16.85 1.69 -32.17
N ILE B 562 16.26 0.98 -31.21
CA ILE B 562 15.80 1.58 -29.97
C ILE B 562 16.42 0.86 -28.77
N LYS B 563 17.69 0.46 -28.89
CA LYS B 563 18.40 -0.21 -27.81
C LYS B 563 18.08 0.42 -26.47
N GLY B 564 17.59 -0.40 -25.53
CA GLY B 564 17.18 0.12 -24.26
C GLY B 564 17.55 -0.76 -23.08
N THR B 565 18.26 -0.18 -22.11
CA THR B 565 18.62 -0.86 -20.88
C THR B 565 17.68 -0.36 -19.79
N VAL B 566 16.90 -1.27 -19.22
CA VAL B 566 15.87 -0.93 -18.25
C VAL B 566 16.08 -1.75 -16.99
N VAL B 567 15.51 -1.27 -15.89
CA VAL B 567 15.53 -1.97 -14.61
C VAL B 567 14.14 -1.89 -14.00
N ASN B 568 13.58 -3.04 -13.66
CA ASN B 568 12.35 -3.09 -12.89
C ASN B 568 12.74 -2.94 -11.43
N ALA B 569 12.78 -1.69 -10.98
CA ALA B 569 13.27 -1.40 -9.64
C ALA B 569 12.33 -1.94 -8.58
N CYS B 570 12.85 -2.09 -7.36
CA CYS B 570 12.08 -2.56 -6.24
C CYS B 570 12.11 -1.59 -5.06
N LYS B 571 12.84 -0.47 -5.17
CA LYS B 571 12.94 0.53 -4.12
C LYS B 571 13.39 -0.07 -2.79
N LEU B 572 12.52 -0.84 -2.16
CA LEU B 572 12.77 -1.41 -0.84
C LEU B 572 12.99 -2.91 -0.95
N GLN B 573 14.06 -3.40 -0.35
CA GLN B 573 14.26 -4.83 -0.17
C GLN B 573 13.69 -5.29 1.17
N ALA B 574 12.43 -4.95 1.41
CA ALA B 574 11.75 -5.25 2.67
C ALA B 574 10.50 -6.08 2.39
N ALA B 575 10.14 -6.91 3.36
CA ALA B 575 8.99 -7.78 3.22
C ALA B 575 7.67 -7.05 3.38
N ALA B 576 7.68 -5.89 4.02
CA ALA B 576 6.44 -5.15 4.20
C ALA B 576 5.87 -4.65 2.87
N TYR B 577 6.73 -4.22 1.96
CA TYR B 577 6.32 -3.62 0.70
C TYR B 577 6.56 -4.60 -0.44
N ASN B 578 5.50 -4.87 -1.21
CA ASN B 578 5.59 -5.81 -2.31
C ASN B 578 5.84 -5.05 -3.60
N PRO B 579 7.02 -5.16 -4.21
CA PRO B 579 7.26 -4.46 -5.47
C PRO B 579 6.44 -5.06 -6.60
N THR B 580 5.90 -4.20 -7.44
CA THR B 580 5.08 -4.65 -8.55
C THR B 580 5.96 -5.15 -9.68
N PRO B 581 5.85 -6.43 -10.08
CA PRO B 581 6.59 -6.91 -11.25
C PRO B 581 5.89 -6.47 -12.53
N TYR B 582 6.47 -5.48 -13.21
CA TYR B 582 5.83 -4.94 -14.40
C TYR B 582 6.09 -5.81 -15.62
N TRP B 583 7.35 -5.92 -16.03
CA TRP B 583 7.72 -6.66 -17.23
C TRP B 583 8.56 -7.89 -16.92
N VAL B 584 8.44 -8.43 -15.71
CA VAL B 584 9.14 -9.64 -15.32
C VAL B 584 8.14 -10.62 -14.73
N SER B 585 8.50 -11.90 -14.77
CA SER B 585 7.64 -12.92 -14.19
C SER B 585 7.46 -12.69 -12.69
N GLY B 586 8.51 -12.22 -12.03
CA GLY B 586 8.44 -11.90 -10.62
C GLY B 586 9.69 -11.15 -10.21
N LEU B 587 9.73 -10.75 -8.94
CA LEU B 587 10.86 -10.05 -8.36
C LEU B 587 11.30 -10.82 -7.12
N PRO B 588 11.97 -11.96 -7.29
CA PRO B 588 12.43 -12.72 -6.13
C PRO B 588 13.49 -11.95 -5.36
N GLY B 589 13.35 -11.94 -4.03
CA GLY B 589 14.24 -11.18 -3.19
C GLY B 589 14.10 -9.68 -3.31
N SER B 590 13.10 -9.19 -4.02
CA SER B 590 12.85 -7.76 -4.22
C SER B 590 14.12 -7.06 -4.72
N VAL B 591 14.75 -7.65 -5.74
CA VAL B 591 15.91 -7.07 -6.38
C VAL B 591 15.48 -6.52 -7.73
N GLY B 592 16.15 -5.45 -8.15
CA GLY B 592 15.85 -4.86 -9.46
C GLY B 592 16.25 -5.80 -10.57
N GLN B 593 15.32 -6.10 -11.47
CA GLN B 593 15.54 -7.02 -12.57
C GLN B 593 15.92 -6.20 -13.81
N THR B 594 17.22 -6.12 -14.08
CA THR B 594 17.70 -5.40 -15.24
C THR B 594 17.23 -6.09 -16.53
N GLY B 595 16.77 -5.29 -17.48
CA GLY B 595 16.32 -5.81 -18.75
C GLY B 595 16.94 -5.05 -19.90
N TYR B 596 16.94 -5.70 -21.06
CA TYR B 596 17.50 -5.12 -22.27
C TYR B 596 16.60 -5.44 -23.45
N TYR B 597 16.57 -4.52 -24.43
CA TYR B 597 15.82 -4.76 -25.65
C TYR B 597 16.41 -3.91 -26.76
N THR B 598 16.23 -4.38 -28.00
CA THR B 598 16.85 -3.76 -29.17
C THR B 598 15.85 -3.66 -30.31
N LEU B 599 14.67 -3.09 -30.03
CA LEU B 599 13.66 -2.87 -31.06
C LEU B 599 14.27 -2.21 -32.29
N THR B 600 14.24 -2.92 -33.42
CA THR B 600 14.88 -2.46 -34.64
C THR B 600 13.89 -2.52 -35.79
N TYR B 601 13.84 -1.47 -36.59
CA TYR B 601 12.96 -1.39 -37.75
C TYR B 601 13.76 -1.69 -39.01
N TYR B 602 13.29 -2.67 -39.78
CA TYR B 602 13.96 -3.12 -40.98
C TYR B 602 13.17 -2.72 -42.21
N MET B 603 13.89 -2.23 -43.23
CA MET B 603 13.31 -1.92 -44.53
C MET B 603 13.78 -2.95 -45.53
N ARG B 604 12.86 -3.74 -46.07
CA ARG B 604 13.19 -4.81 -47.00
C ARG B 604 12.60 -4.51 -48.37
N ASN B 605 13.32 -4.93 -49.41
CA ASN B 605 12.85 -4.78 -50.79
C ASN B 605 12.21 -6.09 -51.21
N ASP B 606 10.88 -6.09 -51.31
CA ASP B 606 10.17 -7.31 -51.66
C ASP B 606 10.46 -7.73 -53.09
N GLY B 607 10.75 -6.78 -53.96
CA GLY B 607 10.97 -7.03 -55.38
C GLY B 607 9.77 -6.68 -56.25
N ASN B 608 8.63 -6.39 -55.65
CA ASN B 608 7.42 -6.00 -56.38
C ASN B 608 7.05 -4.56 -56.06
N ASN B 609 8.07 -3.70 -55.93
CA ASN B 609 7.88 -2.28 -55.63
C ASN B 609 7.10 -2.08 -54.33
N ASN B 610 7.35 -2.94 -53.35
CA ASN B 610 6.72 -2.86 -52.04
C ASN B 610 7.82 -2.97 -50.99
N ILE B 611 8.12 -1.86 -50.32
CA ILE B 611 9.19 -1.81 -49.34
C ILE B 611 8.56 -2.09 -47.97
N SER B 612 8.48 -3.36 -47.61
CA SER B 612 7.89 -3.75 -46.35
C SER B 612 8.75 -3.28 -45.17
N ILE B 613 8.09 -2.96 -44.07
CA ILE B 613 8.74 -2.49 -42.85
C ILE B 613 8.60 -3.58 -41.80
N TRP B 614 9.72 -4.04 -41.27
CA TRP B 614 9.74 -5.11 -40.28
C TRP B 614 10.37 -4.61 -39.00
N LEU B 615 9.71 -4.85 -37.87
CA LEU B 615 10.19 -4.46 -36.56
C LEU B 615 10.57 -5.70 -35.78
N ASP B 616 11.82 -5.77 -35.35
CA ASP B 616 12.34 -6.91 -34.60
C ASP B 616 12.76 -6.47 -33.21
N SER B 617 12.32 -7.20 -32.20
CA SER B 617 12.67 -6.93 -30.82
C SER B 617 13.56 -8.05 -30.28
N SER B 618 14.52 -7.67 -29.43
CA SER B 618 15.46 -8.62 -28.83
C SER B 618 15.47 -8.36 -27.32
N MET B 619 14.57 -9.00 -26.59
CA MET B 619 14.47 -8.77 -25.17
C MET B 619 15.45 -9.64 -24.39
N SER B 620 15.66 -9.26 -23.13
CA SER B 620 16.42 -10.07 -22.18
C SER B 620 15.94 -9.70 -20.79
N ASN B 621 15.42 -10.68 -20.06
CA ASN B 621 14.79 -10.48 -18.75
C ASN B 621 13.57 -9.59 -18.84
N ILE B 622 12.96 -9.48 -20.02
CA ILE B 622 11.74 -8.72 -20.23
C ILE B 622 10.72 -9.65 -20.85
N ILE B 623 9.57 -9.81 -20.19
CA ILE B 623 8.55 -10.70 -20.71
C ILE B 623 7.94 -10.13 -21.99
N GLY B 624 7.85 -8.81 -22.08
CA GLY B 624 7.33 -8.19 -23.29
C GLY B 624 7.25 -6.69 -23.11
N MET B 625 6.87 -6.01 -24.18
CA MET B 625 6.65 -4.59 -24.13
C MET B 625 5.65 -4.20 -25.20
N LYS B 626 5.27 -2.93 -25.20
CA LYS B 626 4.51 -2.32 -26.29
C LYS B 626 5.41 -1.27 -26.94
N ALA B 627 5.62 -1.43 -28.24
CA ALA B 627 6.52 -0.54 -29.00
C ALA B 627 5.65 0.34 -29.89
N CYS B 628 5.37 1.55 -29.44
CA CYS B 628 4.59 2.49 -30.23
C CYS B 628 5.37 2.90 -31.47
N LEU B 629 4.85 2.58 -32.65
CA LEU B 629 5.50 2.98 -33.88
C LEU B 629 5.56 4.50 -33.95
N PRO B 630 6.72 5.09 -34.26
CA PRO B 630 6.89 6.53 -34.03
C PRO B 630 6.34 7.42 -35.13
N ASN B 631 5.14 7.11 -35.63
CA ASN B 631 4.43 7.95 -36.60
C ASN B 631 5.34 8.46 -37.71
N ILE B 632 6.28 7.63 -38.17
CA ILE B 632 7.25 8.07 -39.15
C ILE B 632 6.58 8.17 -40.52
N LYS B 633 6.63 9.36 -41.12
CA LYS B 633 6.16 9.53 -42.48
C LYS B 633 7.30 9.09 -43.38
N LEU B 634 7.46 7.79 -43.52
CA LEU B 634 8.55 7.22 -44.29
C LEU B 634 8.28 7.43 -45.78
N ILE B 635 9.19 8.17 -46.44
CA ILE B 635 9.03 8.53 -47.85
C ILE B 635 10.23 8.02 -48.61
N ILE B 636 9.99 7.15 -49.58
CA ILE B 636 11.03 6.47 -50.34
C ILE B 636 10.86 6.79 -51.82
N GLN B 637 11.94 7.23 -52.46
CA GLN B 637 11.98 7.41 -53.90
C GLN B 637 13.11 6.57 -54.46
N ARG B 638 12.77 5.56 -55.24
CA ARG B 638 13.77 4.67 -55.83
C ARG B 638 14.50 5.42 -56.94
N LEU B 639 15.83 5.39 -56.91
CA LEU B 639 16.67 6.02 -57.92
C LEU B 639 17.65 5.00 -58.47
N THR B 640 17.80 4.98 -59.79
CA THR B 640 18.69 4.03 -60.45
C THR B 640 18.91 4.47 -61.90
N HIS B 641 20.16 4.45 -62.33
CA HIS B 641 20.48 4.78 -63.71
C HIS B 641 20.10 3.63 -64.65
C12 LU9 C . 10.20 -23.08 19.95
C11 LU9 C . 8.88 -23.31 19.01
O12 LU9 C . 8.25 -24.02 8.91
O13 LU9 C . 10.27 -20.80 20.65
O11 LU9 C . 7.80 -25.93 9.88
C1 LU9 C . 7.94 -25.24 8.83
C2 LU9 C . 7.73 -25.87 7.50
C3 LU9 C . 8.93 -25.58 6.65
O31 LU9 C . 9.67 -27.39 17.03
C31 LU9 C . 8.59 -27.52 17.52
C32 LU9 C . 8.21 -28.84 18.30
C33 LU9 C . 7.86 -28.59 19.77
C34 LU9 C . 6.35 -29.00 20.04
C35 LU9 C . 6.22 -30.46 20.74
C36 LU9 C . 5.46 -30.41 22.12
C37 LU9 C . 4.01 -29.79 21.98
C38 LU9 C . 3.00 -30.79 21.45
C39 LU9 C . 2.49 -31.80 22.54
CB1 LU9 C . 3.68 -25.49 13.35
CB2 LU9 C . 2.63 -25.82 14.45
NB2 LU9 C . 3.33 -26.35 15.65
CB3 LU9 C . 1.66 -26.91 14.05
OB3 LU9 C . 0.56 -26.86 14.90
C01 LU9 C . 2.16 -27.29 7.43
C02 LU9 C . 3.08 -26.29 8.03
C03 LU9 C . 3.36 -23.85 8.35
C04 LU9 C . 4.43 -26.36 7.31
C05 LU9 C . 5.37 -25.27 7.72
C06 LU9 C . 4.72 -23.91 7.63
C07 LU9 C . 2.71 -22.53 8.06
C08 LU9 C . 1.21 -22.61 8.43
C13 LU9 C . 9.94 -22.03 21.10
C14 LU9 C . 10.83 -22.39 22.33
C15 LU9 C . 10.14 -21.98 23.72
C16 LU9 C . 9.15 -23.04 24.24
C17 LU9 C . 8.49 -22.61 25.54
C18 LU9 C . 7.96 -23.80 26.36
C19 LU9 C . 7.77 -23.39 27.83
C4 LU9 C . 8.87 -26.28 5.34
C5 LU9 C . 8.69 -27.77 5.51
C51 LU9 C . 3.36 -25.59 16.95
C52 LU9 C . 4.13 -26.21 18.22
C53 LU9 C . 3.89 -25.42 19.52
C54 LU9 C . 2.42 -25.65 20.01
C55 LU9 C . 2.10 -27.16 20.26
C56 LU9 C . 0.93 -27.35 21.28
C57 LU9 C . 1.35 -27.02 22.74
C58 LU9 C . 0.38 -27.63 23.79
C59 LU9 C . -1.01 -26.96 23.77
C6 LU9 C . 7.50 -28.10 6.40
C61 LU9 C . 5.50 -24.88 21.17
C62 LU9 C . 6.57 -25.30 22.24
C63 LU9 C . 6.01 -25.28 23.70
C64 LU9 C . 4.98 -26.44 23.99
C65 LU9 C . 4.84 -26.71 25.53
C66 LU9 C . 3.56 -27.58 25.87
C67 LU9 C . 3.65 -28.22 27.31
C68 LU9 C . 2.24 -28.44 27.95
C69 LU9 C . 2.28 -29.32 29.22
C7 LU9 C . 7.50 -29.58 6.70
C71 LU9 C . 0.20 -28.11 15.45
C72 LU9 C . -0.39 -27.90 16.88
C73 LU9 C . -1.42 -29.00 17.27
C8 LU9 C . 6.49 -29.89 7.82
C81 LU9 C . -2.49 -29.78 19.21
C82 LU9 C . -2.65 -29.40 20.68
C83 LU9 C . -3.15 -30.59 21.54
C84 LU9 C . -3.09 -30.28 23.05
C85 LU9 C . -3.83 -31.36 23.93
C86 LU9 C . -5.38 -31.31 23.77
C87 LU9 C . -6.11 -31.37 25.15
C88 LU9 C . -5.85 -32.71 25.88
C89 LU9 C . -7.05 -33.12 26.82
CA1 LU9 C . 7.82 -23.12 15.69
CA2 LU9 C . 7.82 -24.18 16.81
CA3 LU9 C . 7.84 -25.61 16.32
CA4 LU9 C . 6.71 -25.80 15.30
CA5 LU9 C . 6.51 -24.63 14.31
CA6 LU9 C . 5.17 -23.93 14.61
CB4 LU9 C . 1.20 -26.80 12.60
CB5 LU9 C . 2.45 -26.73 11.71
CB6 LU9 C . 2.04 -26.68 10.23
NA2 LU9 C . 9.02 -23.97 17.67
O01 LU9 C . 7.82 -22.95 19.38
O02 LU9 C . 0.98 -26.62 7.08
O03 LU9 C . 2.78 -27.89 6.32
O04 LU9 C . 2.45 -24.92 7.94
O05 LU9 C . 6.53 -25.28 6.83
O06 LU9 C . 4.53 -23.59 6.27
O07 LU9 C . 3.33 -21.53 8.82
O08 LU9 C . 0.97 -21.73 9.52
O33 LU9 C . 8.02 -27.25 20.05
O4 LU9 C . 10.08 -26.06 4.61
O5 LU9 C . 9.86 -28.32 6.10
O51 LU9 C . 2.81 -24.53 17.04
O53 LU9 C . 4.75 -25.90 20.49
O6 LU9 C . 7.51 -27.36 7.68
O61 LU9 C . 5.30 -23.74 20.94
O7 LU9 C . 7.16 -30.29 5.55
O71 LU9 C . 1.31 -28.92 15.54
O73 LU9 C . -2.00 -28.67 18.48
O8 LU9 C . 6.97 -30.98 8.56
O81 LU9 C . -1.59 -30.84 19.10
OA1 LU9 C . 9.06 -22.48 15.69
OA3 LU9 C . 7.62 -26.46 17.39
OA4 LU9 C . 6.98 -26.96 14.54
OA5 LU9 C . 7.59 -23.67 14.38
OA6 LU9 C . 4.23 -24.14 13.51
OB4 LU9 C . 0.45 -27.93 12.24
OB5 LU9 C . 3.16 -25.52 12.01
OB6 LU9 C . 3.28 -26.62 9.43
PA LU9 C . 9.42 -21.44 14.44
PB LU9 C . -1.13 -27.73 11.72
C110 LU9 C . 6.56 -24.12 28.50
C111 LU9 C . 6.19 -25.59 28.88
C112 LU9 C . 4.98 -25.65 29.84
C113 LU9 C . 5.11 -26.81 30.90
C310 LU9 C . 1.36 -31.18 23.43
C311 LU9 C . 1.70 -31.25 24.95
C312 LU9 C . 1.02 -32.45 25.65
C313 LU9 C . -0.52 -32.22 25.87
C314 LU9 C . -1.32 -33.55 25.95
C510 LU9 C . -1.91 -27.41 24.94
C511 LU9 C . -1.09 -27.84 26.18
C512 LU9 C . -1.86 -28.87 27.06
C513 LU9 C . -3.10 -28.26 27.73
C514 LU9 C . -3.58 -29.12 28.92
C610 LU9 C . 0.92 -29.35 29.95
C611 LU9 C . 0.96 -30.17 31.26
C612 LU9 C . 1.04 -31.68 31.00
OPA2 LU9 C . 8.15 -20.86 13.86
OPA3 LU9 C . 10.29 -20.33 14.96
OPA4 LU9 C . 10.16 -22.20 13.36
OPB2 LU9 C . -1.21 -27.97 10.23
OPB3 LU9 C . -2.02 -28.75 12.42
OPB4 LU9 C . -1.59 -26.35 12.05
#